data_5EGS
#
_entry.id   5EGS
#
_cell.length_a   77.157
_cell.length_b   135.616
_cell.length_c   83.086
_cell.angle_alpha   90.00
_cell.angle_beta   98.91
_cell.angle_gamma   90.00
#
_symmetry.space_group_name_H-M   'P 1 21 1'
#
loop_
_entity.id
_entity.type
_entity.pdbx_description
1 polymer 'Protein arginine N-methyltransferase 6'
2 non-polymer S-ADENOSYL-L-HOMOCYSTEINE
3 non-polymer 2-[4-(phenylmethyl)piperidin-1-yl]ethanamine
4 water water
#
_entity_poly.entity_id   1
_entity_poly.type   'polypeptide(L)'
_entity_poly.pdbx_seq_one_letter_code
;GMSQPKKRKLESGGGGEGGEGTEEEDGAEREAALERPRRTKRERDQLYYECYSDVSVHEEMIADRVRTDAYRLGILRNWA
ALRGKTVLDVGAGTGILSIFCAQAGARRVYAVEASAIWQQAREVVRFNGLEDRVHVLPGPVETVELPEQVDAIVSEWMGY
GLLHESMLSSVLHARTKWLKEGGLLLPASAELFIVPISDQMLEWRLGFWSQVKQHYGVDMSCLEGFATRCLMGHSEIVVQ
GLSGEDVLARPQRFAQLELSRAGLEQELEAGVGGRFRCSCYGSAPMHGFAIWFQVTFPGGESEKPLVLSTSPFHPATHWK
QALLYLNEPVQVEQDTDVSGEITLLPSRDNPRRLRVLLRYKVGDQEEKTKDFAMED
;
_entity_poly.pdbx_strand_id   A,B,C,D
#
loop_
_chem_comp.id
_chem_comp.type
_chem_comp.name
_chem_comp.formula
5NR non-polymer 2-[4-(phenylmethyl)piperidin-1-yl]ethanamine 'C14 H22 N2'
SAH non-polymer S-ADENOSYL-L-HOMOCYSTEINE 'C14 H20 N6 O5 S'
#
# COMPACT_ATOMS: atom_id res chain seq x y z
N THR A 40 -36.96 -0.11 -21.84
CA THR A 40 -37.52 -0.96 -22.97
C THR A 40 -37.47 -2.53 -22.78
N LYS A 41 -36.40 -3.30 -23.04
CA LYS A 41 -36.40 -4.78 -22.76
C LYS A 41 -35.30 -5.53 -23.49
N ARG A 42 -35.47 -5.73 -24.79
CA ARG A 42 -34.37 -6.09 -25.65
C ARG A 42 -33.23 -5.13 -25.39
N GLU A 43 -33.58 -3.86 -25.27
CA GLU A 43 -32.62 -2.83 -25.09
C GLU A 43 -32.04 -2.94 -23.72
N ARG A 44 -32.82 -2.86 -22.63
CA ARG A 44 -32.31 -3.17 -21.25
C ARG A 44 -31.44 -4.41 -21.22
N ASP A 45 -31.81 -5.48 -21.92
CA ASP A 45 -30.98 -6.67 -21.91
C ASP A 45 -29.64 -6.52 -22.67
N GLN A 46 -29.65 -5.82 -23.80
CA GLN A 46 -28.38 -5.74 -24.55
C GLN A 46 -27.38 -4.94 -23.75
N LEU A 47 -27.87 -3.91 -23.06
CA LEU A 47 -27.10 -3.15 -22.08
C LEU A 47 -26.57 -3.90 -20.83
N TYR A 48 -27.41 -4.80 -20.30
CA TYR A 48 -26.99 -5.71 -19.25
C TYR A 48 -25.89 -6.69 -19.76
N TYR A 49 -26.14 -7.35 -20.89
CA TYR A 49 -25.13 -8.21 -21.46
C TYR A 49 -23.84 -7.49 -21.85
N GLU A 50 -23.92 -6.28 -22.35
CA GLU A 50 -22.73 -5.53 -22.65
C GLU A 50 -21.84 -5.25 -21.39
N CYS A 51 -22.38 -5.22 -20.17
CA CYS A 51 -21.53 -5.09 -18.98
C CYS A 51 -20.60 -6.26 -18.79
N TYR A 52 -20.81 -7.39 -19.48
CA TYR A 52 -20.00 -8.59 -19.35
C TYR A 52 -19.07 -8.80 -20.59
N SER A 53 -19.12 -7.90 -21.56
CA SER A 53 -18.25 -8.02 -22.71
C SER A 53 -16.87 -7.45 -22.46
N ASP A 54 -16.64 -6.62 -21.39
CA ASP A 54 -15.29 -6.11 -21.04
C ASP A 54 -14.45 -7.07 -20.15
N VAL A 55 -13.11 -7.02 -20.36
CA VAL A 55 -12.22 -7.89 -19.60
C VAL A 55 -12.28 -7.79 -18.05
N SER A 56 -12.45 -6.59 -17.52
CA SER A 56 -12.27 -6.34 -16.11
C SER A 56 -13.12 -7.11 -15.15
N VAL A 57 -14.41 -7.27 -15.47
CA VAL A 57 -15.31 -8.00 -14.64
C VAL A 57 -14.93 -9.48 -14.63
N HIS A 58 -14.51 -10.04 -15.76
CA HIS A 58 -14.07 -11.43 -15.74
C HIS A 58 -12.78 -11.64 -14.93
N GLU A 59 -11.89 -10.68 -15.03
CA GLU A 59 -10.65 -10.67 -14.26
C GLU A 59 -11.05 -10.62 -12.80
N GLU A 60 -11.94 -9.72 -12.48
CA GLU A 60 -12.35 -9.57 -11.10
C GLU A 60 -12.97 -10.92 -10.60
N MET A 61 -13.88 -11.50 -11.36
CA MET A 61 -14.48 -12.77 -10.95
C MET A 61 -13.51 -13.92 -10.81
N ILE A 62 -12.60 -14.05 -11.74
CA ILE A 62 -11.64 -15.16 -11.73
C ILE A 62 -10.52 -14.89 -10.68
N ALA A 63 -10.22 -13.61 -10.41
CA ALA A 63 -9.22 -13.29 -9.34
C ALA A 63 -9.87 -13.55 -7.99
N ASP A 64 -11.18 -13.63 -7.88
CA ASP A 64 -11.80 -14.00 -6.65
C ASP A 64 -11.67 -15.55 -6.41
N ARG A 65 -10.61 -15.95 -5.70
CA ARG A 65 -10.26 -17.41 -5.46
C ARG A 65 -11.36 -18.09 -4.62
N VAL A 66 -11.89 -17.38 -3.61
CA VAL A 66 -12.94 -17.90 -2.80
C VAL A 66 -14.11 -18.35 -3.74
N ARG A 67 -14.54 -17.49 -4.65
CA ARG A 67 -15.64 -17.84 -5.58
C ARG A 67 -15.23 -18.98 -6.50
N THR A 68 -14.09 -18.79 -7.17
CA THR A 68 -13.72 -19.63 -8.31
C THR A 68 -13.26 -21.00 -7.82
N ASP A 69 -12.59 -21.03 -6.67
CA ASP A 69 -12.22 -22.33 -6.08
C ASP A 69 -13.46 -23.10 -5.60
N ALA A 70 -14.39 -22.37 -5.02
CA ALA A 70 -15.59 -23.01 -4.49
C ALA A 70 -16.33 -23.68 -5.65
N TYR A 71 -16.49 -22.96 -6.75
CA TYR A 71 -17.05 -23.64 -7.91
C TYR A 71 -16.19 -24.82 -8.38
N ARG A 72 -14.87 -24.62 -8.43
CA ARG A 72 -13.96 -25.65 -8.89
C ARG A 72 -14.15 -26.90 -8.10
N LEU A 73 -14.10 -26.74 -6.79
CA LEU A 73 -14.20 -27.88 -5.88
C LEU A 73 -15.66 -28.39 -5.75
N GLY A 74 -16.64 -27.47 -5.82
CA GLY A 74 -18.13 -27.83 -5.79
C GLY A 74 -18.43 -28.82 -6.92
N ILE A 75 -17.95 -28.46 -8.11
CA ILE A 75 -18.05 -29.31 -9.30
C ILE A 75 -17.30 -30.65 -9.18
N LEU A 76 -16.06 -30.64 -8.76
CA LEU A 76 -15.25 -31.87 -8.61
C LEU A 76 -15.77 -32.84 -7.60
N ARG A 77 -16.19 -32.30 -6.47
CA ARG A 77 -16.85 -33.09 -5.45
C ARG A 77 -18.07 -33.83 -6.03
N ASN A 78 -18.75 -33.22 -7.00
CA ASN A 78 -19.87 -33.84 -7.72
C ASN A 78 -19.53 -34.72 -8.91
N TRP A 79 -18.36 -35.33 -8.87
CA TRP A 79 -17.80 -36.10 -9.99
C TRP A 79 -18.65 -37.26 -10.42
N ALA A 80 -19.17 -38.00 -9.42
CA ALA A 80 -19.99 -39.17 -9.66
C ALA A 80 -21.26 -38.81 -10.46
N ALA A 81 -21.93 -37.73 -10.12
CA ALA A 81 -23.10 -37.33 -10.85
C ALA A 81 -22.84 -36.63 -12.22
N LEU A 82 -21.62 -36.21 -12.52
CA LEU A 82 -21.31 -35.61 -13.85
C LEU A 82 -20.63 -36.53 -14.83
N ARG A 83 -19.89 -37.49 -14.29
CA ARG A 83 -19.10 -38.46 -15.04
C ARG A 83 -20.00 -39.10 -16.11
N GLY A 84 -19.64 -38.85 -17.37
CA GLY A 84 -20.37 -39.39 -18.50
C GLY A 84 -21.59 -38.57 -18.92
N LYS A 85 -21.88 -37.42 -18.30
CA LYS A 85 -23.17 -36.74 -18.45
C LYS A 85 -23.11 -35.43 -19.17
N THR A 86 -24.28 -34.80 -19.36
CA THR A 86 -24.36 -33.55 -20.05
C THR A 86 -24.78 -32.43 -19.10
N VAL A 87 -24.17 -31.25 -19.27
CA VAL A 87 -24.29 -30.12 -18.36
C VAL A 87 -24.64 -28.87 -19.18
N LEU A 88 -25.43 -27.97 -18.62
CA LEU A 88 -25.63 -26.67 -19.22
C LEU A 88 -25.03 -25.68 -18.25
N ASP A 89 -24.12 -24.83 -18.75
CA ASP A 89 -23.46 -23.75 -18.00
C ASP A 89 -24.22 -22.51 -18.38
N VAL A 90 -24.96 -21.94 -17.45
CA VAL A 90 -25.81 -20.81 -17.78
C VAL A 90 -24.95 -19.51 -17.56
N GLY A 91 -24.62 -18.79 -18.63
CA GLY A 91 -23.81 -17.57 -18.52
C GLY A 91 -22.36 -17.97 -18.39
N ALA A 92 -21.84 -18.64 -19.40
CA ALA A 92 -20.57 -19.31 -19.29
C ALA A 92 -19.41 -18.29 -19.21
N GLY A 93 -19.62 -17.09 -19.73
CA GLY A 93 -18.62 -15.98 -19.64
C GLY A 93 -17.39 -16.39 -20.43
N THR A 94 -16.25 -16.46 -19.74
CA THR A 94 -14.96 -16.89 -20.39
C THR A 94 -14.82 -18.41 -20.56
N GLY A 95 -15.84 -19.15 -20.04
CA GLY A 95 -15.92 -20.57 -20.24
C GLY A 95 -15.35 -21.35 -19.10
N ILE A 96 -14.87 -20.68 -18.05
CA ILE A 96 -14.13 -21.40 -17.03
C ILE A 96 -14.88 -22.56 -16.34
N LEU A 97 -16.19 -22.37 -16.09
CA LEU A 97 -16.98 -23.33 -15.31
C LEU A 97 -17.33 -24.52 -16.12
N SER A 98 -17.62 -24.28 -17.39
CA SER A 98 -17.79 -25.35 -18.37
C SER A 98 -16.51 -26.22 -18.47
N ILE A 99 -15.34 -25.59 -18.44
CA ILE A 99 -14.07 -26.36 -18.47
C ILE A 99 -13.88 -27.18 -17.19
N PHE A 100 -14.35 -26.71 -16.01
CA PHE A 100 -14.23 -27.50 -14.75
C PHE A 100 -15.17 -28.74 -14.80
N CYS A 101 -16.32 -28.55 -15.44
CA CYS A 101 -17.25 -29.64 -15.61
C CYS A 101 -16.61 -30.69 -16.53
N ALA A 102 -16.00 -30.28 -17.63
CA ALA A 102 -15.27 -31.24 -18.46
C ALA A 102 -14.11 -31.90 -17.69
N GLN A 103 -13.40 -31.14 -16.88
CA GLN A 103 -12.30 -31.72 -16.10
C GLN A 103 -12.81 -32.72 -15.09
N ALA A 104 -14.04 -32.49 -14.61
CA ALA A 104 -14.76 -33.48 -13.75
C ALA A 104 -15.38 -34.70 -14.49
N GLY A 105 -15.27 -34.75 -15.81
CA GLY A 105 -15.66 -35.92 -16.56
C GLY A 105 -16.99 -35.86 -17.31
N ALA A 106 -17.55 -34.67 -17.46
CA ALA A 106 -18.78 -34.50 -18.20
C ALA A 106 -18.55 -34.90 -19.64
N ARG A 107 -19.43 -35.75 -20.16
CA ARG A 107 -19.40 -36.15 -21.58
C ARG A 107 -19.48 -34.94 -22.51
N ARG A 108 -20.30 -33.93 -22.13
CA ARG A 108 -20.54 -32.74 -22.97
C ARG A 108 -21.03 -31.56 -22.16
N VAL A 109 -20.63 -30.36 -22.54
CA VAL A 109 -21.10 -29.21 -21.84
C VAL A 109 -21.58 -28.17 -22.80
N TYR A 110 -22.76 -27.59 -22.60
CA TYR A 110 -23.19 -26.52 -23.44
C TYR A 110 -22.98 -25.18 -22.75
N ALA A 111 -22.05 -24.38 -23.29
CA ALA A 111 -21.67 -23.13 -22.64
C ALA A 111 -22.50 -22.00 -23.22
N VAL A 112 -23.57 -21.55 -22.55
CA VAL A 112 -24.49 -20.59 -23.19
C VAL A 112 -24.10 -19.27 -22.66
N GLU A 113 -23.97 -18.28 -23.53
CA GLU A 113 -23.52 -16.99 -23.06
C GLU A 113 -24.06 -15.93 -24.01
N ALA A 114 -24.75 -14.96 -23.43
CA ALA A 114 -25.41 -13.91 -24.23
C ALA A 114 -24.53 -12.73 -24.49
N SER A 115 -23.49 -12.48 -23.67
CA SER A 115 -22.57 -11.33 -23.87
C SER A 115 -21.61 -11.67 -25.00
N ALA A 116 -21.07 -10.64 -25.68
CA ALA A 116 -20.04 -10.82 -26.72
C ALA A 116 -18.79 -11.59 -26.22
N ILE A 117 -18.60 -11.65 -24.91
CA ILE A 117 -17.58 -12.50 -24.32
C ILE A 117 -17.66 -13.95 -24.71
N TRP A 118 -18.81 -14.46 -25.23
CA TRP A 118 -18.86 -15.87 -25.72
C TRP A 118 -17.68 -16.12 -26.69
N GLN A 119 -17.25 -15.12 -27.45
CA GLN A 119 -16.14 -15.36 -28.46
C GLN A 119 -14.85 -15.70 -27.77
N GLN A 120 -14.63 -15.06 -26.62
CA GLN A 120 -13.51 -15.37 -25.75
C GLN A 120 -13.59 -16.83 -25.19
N ALA A 121 -14.75 -17.20 -24.70
CA ALA A 121 -15.01 -18.60 -24.25
C ALA A 121 -14.66 -19.61 -25.34
N ARG A 122 -15.07 -19.35 -26.56
CA ARG A 122 -14.68 -20.23 -27.62
C ARG A 122 -13.15 -20.34 -27.82
N GLU A 123 -12.47 -19.18 -27.85
CA GLU A 123 -10.99 -19.09 -28.03
C GLU A 123 -10.38 -19.95 -26.88
N VAL A 124 -10.82 -19.74 -25.63
CA VAL A 124 -10.30 -20.52 -24.50
C VAL A 124 -10.57 -22.05 -24.63
N VAL A 125 -11.78 -22.43 -25.06
CA VAL A 125 -12.18 -23.87 -25.20
C VAL A 125 -11.34 -24.57 -26.29
N ARG A 126 -11.20 -23.86 -27.40
CA ARG A 126 -10.28 -24.33 -28.47
C ARG A 126 -8.80 -24.44 -27.99
N PHE A 127 -8.37 -23.51 -27.19
CA PHE A 127 -7.01 -23.40 -26.74
C PHE A 127 -6.67 -24.49 -25.76
N ASN A 128 -7.60 -24.92 -24.92
CA ASN A 128 -7.39 -26.05 -24.05
C ASN A 128 -7.78 -27.35 -24.77
N GLY A 129 -7.93 -27.36 -26.10
CA GLY A 129 -8.23 -28.57 -26.90
C GLY A 129 -9.56 -29.29 -26.66
N LEU A 130 -10.64 -28.53 -26.47
CA LEU A 130 -11.92 -29.09 -26.00
C LEU A 130 -13.13 -28.78 -26.88
N GLU A 131 -12.94 -28.33 -28.14
CA GLU A 131 -14.07 -27.96 -29.06
C GLU A 131 -15.10 -29.09 -29.16
N ASP A 132 -14.61 -30.32 -29.16
CA ASP A 132 -15.45 -31.55 -29.32
C ASP A 132 -16.27 -31.95 -28.10
N ARG A 133 -16.17 -31.17 -27.04
CA ARG A 133 -16.72 -31.55 -25.76
C ARG A 133 -17.42 -30.41 -25.04
N VAL A 134 -17.03 -29.15 -25.30
CA VAL A 134 -17.65 -27.98 -24.74
C VAL A 134 -18.03 -27.12 -25.94
N HIS A 135 -19.31 -26.88 -26.07
CA HIS A 135 -19.85 -26.08 -27.17
C HIS A 135 -20.39 -24.74 -26.68
N VAL A 136 -19.76 -23.68 -27.12
CA VAL A 136 -20.20 -22.39 -26.79
C VAL A 136 -21.31 -22.02 -27.71
N LEU A 137 -22.41 -21.58 -27.14
CA LEU A 137 -23.62 -21.26 -27.88
C LEU A 137 -23.97 -19.82 -27.59
N PRO A 138 -23.87 -18.96 -28.62
CA PRO A 138 -24.12 -17.55 -28.35
C PRO A 138 -25.58 -17.27 -28.01
N GLY A 139 -25.85 -16.33 -27.12
CA GLY A 139 -27.26 -15.84 -26.99
C GLY A 139 -27.88 -16.05 -25.64
N PRO A 140 -29.07 -15.44 -25.39
CA PRO A 140 -29.79 -15.76 -24.12
C PRO A 140 -30.11 -17.27 -23.97
N VAL A 141 -29.89 -17.83 -22.79
CA VAL A 141 -30.34 -19.15 -22.41
C VAL A 141 -31.87 -19.34 -22.66
N GLU A 142 -32.65 -18.27 -22.56
CA GLU A 142 -34.07 -18.33 -22.82
C GLU A 142 -34.40 -18.81 -24.24
N THR A 143 -33.68 -18.37 -25.27
CA THR A 143 -34.03 -18.70 -26.66
C THR A 143 -33.04 -19.66 -27.33
N VAL A 144 -31.94 -19.98 -26.71
CA VAL A 144 -30.99 -20.88 -27.32
C VAL A 144 -31.61 -22.27 -27.60
N GLU A 145 -31.11 -22.95 -28.63
CA GLU A 145 -31.60 -24.30 -28.98
C GLU A 145 -30.52 -25.30 -28.65
N LEU A 146 -30.61 -26.02 -27.53
CA LEU A 146 -29.72 -27.18 -27.30
C LEU A 146 -30.13 -28.36 -28.15
N PRO A 147 -29.21 -29.27 -28.47
CA PRO A 147 -29.67 -30.43 -29.19
C PRO A 147 -30.32 -31.48 -28.30
N GLU A 148 -30.39 -31.24 -27.01
CA GLU A 148 -30.99 -32.20 -26.07
C GLU A 148 -31.20 -31.57 -24.68
N GLN A 149 -31.95 -32.28 -23.84
CA GLN A 149 -32.04 -32.01 -22.40
C GLN A 149 -30.70 -32.33 -21.75
N VAL A 150 -30.42 -31.65 -20.65
CA VAL A 150 -29.24 -31.97 -19.86
C VAL A 150 -29.53 -32.62 -18.54
N ASP A 151 -28.49 -33.27 -18.02
CA ASP A 151 -28.45 -33.90 -16.67
C ASP A 151 -28.09 -32.96 -15.55
N ALA A 152 -27.46 -31.83 -15.86
CA ALA A 152 -27.00 -30.89 -14.84
C ALA A 152 -26.97 -29.46 -15.34
N ILE A 153 -27.23 -28.49 -14.45
CA ILE A 153 -26.95 -27.07 -14.68
C ILE A 153 -25.94 -26.55 -13.64
N VAL A 154 -24.93 -25.83 -14.12
CA VAL A 154 -24.01 -25.07 -13.31
C VAL A 154 -24.20 -23.64 -13.73
N SER A 155 -24.21 -22.76 -12.75
CA SER A 155 -24.24 -21.37 -13.04
C SER A 155 -23.74 -20.54 -11.89
N GLU A 156 -22.95 -19.49 -12.18
CA GLU A 156 -22.67 -18.44 -11.20
C GLU A 156 -23.47 -17.22 -11.66
N TRP A 157 -24.61 -17.04 -10.97
CA TRP A 157 -25.73 -16.14 -11.32
C TRP A 157 -25.96 -15.10 -10.26
N MET A 158 -25.17 -15.19 -9.18
CA MET A 158 -25.36 -14.37 -8.00
C MET A 158 -24.88 -12.97 -8.23
N GLY A 159 -25.81 -12.04 -8.09
CA GLY A 159 -25.46 -10.63 -8.08
C GLY A 159 -25.10 -10.11 -6.67
N TYR A 160 -24.82 -8.80 -6.59
CA TYR A 160 -24.77 -8.09 -5.33
C TYR A 160 -26.05 -8.24 -4.63
N GLY A 161 -25.98 -8.49 -3.34
CA GLY A 161 -27.17 -8.72 -2.47
C GLY A 161 -27.92 -9.98 -2.91
N LEU A 162 -27.15 -10.98 -3.46
CA LEU A 162 -27.58 -12.24 -4.14
C LEU A 162 -28.38 -12.08 -5.44
N LEU A 163 -29.38 -11.20 -5.37
CA LEU A 163 -30.46 -11.19 -6.40
C LEU A 163 -30.43 -9.98 -7.37
N HIS A 164 -29.56 -8.97 -7.14
CA HIS A 164 -29.34 -7.94 -8.15
C HIS A 164 -28.91 -8.65 -9.45
N GLU A 165 -29.27 -8.04 -10.57
CA GLU A 165 -29.24 -8.56 -11.94
C GLU A 165 -30.45 -9.45 -12.34
N SER A 166 -31.00 -10.15 -11.35
CA SER A 166 -32.09 -11.06 -11.50
C SER A 166 -31.70 -12.18 -12.47
N MET A 167 -30.42 -12.58 -12.41
CA MET A 167 -30.06 -13.67 -13.28
C MET A 167 -30.74 -14.96 -12.82
N LEU A 168 -31.21 -15.03 -11.57
CA LEU A 168 -31.82 -16.24 -11.16
C LEU A 168 -32.97 -16.68 -12.04
N SER A 169 -33.72 -15.75 -12.59
CA SER A 169 -34.83 -16.03 -13.50
C SER A 169 -34.43 -16.84 -14.71
N SER A 170 -33.33 -16.41 -15.28
CA SER A 170 -32.73 -17.15 -16.36
C SER A 170 -32.39 -18.59 -16.02
N VAL A 171 -31.86 -18.79 -14.82
CA VAL A 171 -31.34 -20.11 -14.40
C VAL A 171 -32.55 -21.07 -14.24
N LEU A 172 -33.63 -20.57 -13.59
CA LEU A 172 -34.89 -21.30 -13.37
C LEU A 172 -35.61 -21.60 -14.64
N HIS A 173 -35.65 -20.65 -15.58
CA HIS A 173 -36.24 -20.89 -16.95
C HIS A 173 -35.52 -22.07 -17.67
N ALA A 174 -34.17 -22.02 -17.64
CA ALA A 174 -33.31 -23.13 -18.13
C ALA A 174 -33.60 -24.40 -17.40
N ARG A 175 -33.75 -24.32 -16.09
CA ARG A 175 -34.07 -25.53 -15.36
C ARG A 175 -35.41 -26.17 -15.81
N THR A 176 -36.45 -25.36 -15.87
CA THR A 176 -37.74 -25.85 -16.33
C THR A 176 -37.65 -26.35 -17.78
N LYS A 177 -36.98 -25.60 -18.64
CA LYS A 177 -37.00 -25.99 -20.04
C LYS A 177 -36.08 -27.15 -20.40
N TRP A 178 -34.88 -27.16 -19.84
CA TRP A 178 -33.79 -27.99 -20.37
C TRP A 178 -33.28 -29.09 -19.43
N LEU A 179 -33.60 -28.96 -18.13
CA LEU A 179 -33.08 -29.87 -17.12
C LEU A 179 -33.97 -31.08 -17.06
N LYS A 180 -33.33 -32.23 -17.23
CA LYS A 180 -34.00 -33.49 -16.96
C LYS A 180 -34.54 -33.56 -15.51
N GLU A 181 -35.64 -34.26 -15.38
CA GLU A 181 -36.22 -34.65 -14.11
C GLU A 181 -35.13 -35.40 -13.32
N GLY A 182 -35.01 -35.13 -12.03
CA GLY A 182 -33.94 -35.73 -11.24
C GLY A 182 -32.59 -35.11 -11.49
N GLY A 183 -32.55 -33.98 -12.23
CA GLY A 183 -31.34 -33.40 -12.66
C GLY A 183 -30.63 -32.66 -11.54
N LEU A 184 -29.34 -32.40 -11.73
CA LEU A 184 -28.54 -31.71 -10.73
C LEU A 184 -28.42 -30.19 -10.98
N LEU A 185 -28.62 -29.40 -9.91
CA LEU A 185 -28.27 -28.00 -9.93
C LEU A 185 -27.01 -27.70 -9.12
N LEU A 186 -26.19 -26.77 -9.60
CA LEU A 186 -24.96 -26.38 -8.86
C LEU A 186 -24.78 -24.87 -8.91
N PRO A 187 -24.81 -24.13 -7.81
CA PRO A 187 -25.15 -24.63 -6.48
C PRO A 187 -26.63 -25.03 -6.38
N ALA A 188 -26.97 -25.80 -5.37
CA ALA A 188 -28.32 -26.31 -5.21
C ALA A 188 -29.21 -25.39 -4.38
N SER A 189 -28.62 -24.54 -3.53
CA SER A 189 -29.41 -23.64 -2.63
C SER A 189 -28.76 -22.28 -2.33
N ALA A 190 -29.55 -21.33 -1.79
CA ALA A 190 -28.98 -20.01 -1.42
C ALA A 190 -29.64 -19.54 -0.17
N GLU A 191 -28.89 -18.83 0.67
CA GLU A 191 -29.41 -18.30 1.94
C GLU A 191 -28.98 -16.89 2.11
N LEU A 192 -29.80 -16.11 2.76
CA LEU A 192 -29.67 -14.68 2.91
C LEU A 192 -29.70 -14.35 4.38
N PHE A 193 -28.76 -13.47 4.78
CA PHE A 193 -28.46 -13.12 6.20
C PHE A 193 -28.47 -11.61 6.35
N ILE A 194 -28.96 -11.12 7.52
CA ILE A 194 -28.93 -9.69 7.90
C ILE A 194 -28.40 -9.53 9.28
N VAL A 195 -27.79 -8.40 9.54
CA VAL A 195 -27.23 -8.07 10.84
C VAL A 195 -27.05 -6.56 10.99
N PRO A 196 -27.30 -5.98 12.20
CA PRO A 196 -26.96 -4.58 12.40
C PRO A 196 -25.45 -4.46 12.47
N ILE A 197 -24.99 -3.26 12.03
CA ILE A 197 -23.60 -2.91 11.80
C ILE A 197 -23.29 -1.48 12.28
N SER A 198 -22.00 -1.28 12.64
CA SER A 198 -21.34 0.03 12.79
C SER A 198 -20.13 -0.04 11.88
N ASP A 199 -20.26 0.62 10.75
CA ASP A 199 -19.27 0.68 9.73
C ASP A 199 -18.23 1.62 10.23
N GLN A 200 -17.12 1.00 10.60
CA GLN A 200 -15.92 1.72 11.02
C GLN A 200 -15.49 2.84 9.98
N MET A 201 -15.46 2.54 8.68
CA MET A 201 -15.00 3.52 7.64
C MET A 201 -15.89 4.72 7.66
N LEU A 202 -17.22 4.48 7.70
CA LEU A 202 -18.23 5.54 7.67
C LEU A 202 -18.11 6.44 8.91
N GLU A 203 -18.00 5.79 10.04
CA GLU A 203 -17.70 6.53 11.26
C GLU A 203 -16.53 7.60 11.07
N TRP A 204 -15.42 7.24 10.44
CA TRP A 204 -14.27 8.16 10.30
C TRP A 204 -14.65 9.28 9.39
N ARG A 205 -15.42 8.91 8.34
CA ARG A 205 -15.84 9.88 7.32
C ARG A 205 -16.85 10.86 7.94
N LEU A 206 -17.76 10.36 8.76
CA LEU A 206 -18.58 11.30 9.47
C LEU A 206 -17.73 12.14 10.45
N GLY A 207 -16.79 11.50 11.19
CA GLY A 207 -15.83 12.20 12.11
C GLY A 207 -14.85 13.18 11.45
N PHE A 208 -14.64 12.99 10.16
CA PHE A 208 -13.67 13.84 9.40
C PHE A 208 -13.77 15.36 9.67
N TRP A 209 -15.01 15.88 9.65
CA TRP A 209 -15.32 17.31 9.71
C TRP A 209 -14.96 17.94 11.08
N SER A 210 -15.13 17.16 12.14
CA SER A 210 -14.68 17.50 13.45
C SER A 210 -13.18 17.53 13.59
N GLN A 211 -12.44 16.81 12.76
CA GLN A 211 -10.97 16.84 12.80
C GLN A 211 -10.28 17.92 12.00
N VAL A 212 -11.02 18.62 11.17
CA VAL A 212 -10.45 19.65 10.34
C VAL A 212 -9.74 20.71 11.16
N LYS A 213 -10.42 21.13 12.21
CA LYS A 213 -9.86 22.12 13.12
C LYS A 213 -8.38 21.84 13.47
N GLN A 214 -8.11 20.59 13.87
CA GLN A 214 -6.77 20.12 14.29
C GLN A 214 -5.76 20.02 13.12
N HIS A 215 -6.21 19.58 11.94
CA HIS A 215 -5.32 19.49 10.79
C HIS A 215 -4.95 20.87 10.19
N TYR A 216 -5.88 21.83 10.18
CA TYR A 216 -5.77 23.04 9.34
C TYR A 216 -6.22 24.28 9.98
N GLY A 217 -6.54 24.25 11.28
CA GLY A 217 -6.98 25.43 12.07
C GLY A 217 -8.22 26.14 11.52
N VAL A 218 -9.20 25.36 11.07
CA VAL A 218 -10.56 25.85 10.63
C VAL A 218 -11.60 24.86 11.20
N ASP A 219 -12.59 25.32 11.99
CA ASP A 219 -13.59 24.41 12.58
C ASP A 219 -14.64 24.10 11.50
N MET A 220 -14.79 22.85 11.16
CA MET A 220 -15.81 22.42 10.19
C MET A 220 -16.72 21.38 10.79
N SER A 221 -16.71 21.27 12.14
CA SER A 221 -17.54 20.28 12.81
C SER A 221 -19.03 20.42 12.45
N CYS A 222 -19.47 21.64 12.14
CA CYS A 222 -20.83 21.91 11.77
C CYS A 222 -21.30 21.25 10.49
N LEU A 223 -20.40 20.68 9.67
CA LEU A 223 -20.78 19.98 8.49
C LEU A 223 -21.12 18.56 8.77
N GLU A 224 -20.89 18.10 10.00
CA GLU A 224 -21.28 16.72 10.36
C GLU A 224 -22.68 16.23 9.91
N GLY A 225 -23.69 17.09 10.10
CA GLY A 225 -25.07 16.85 9.71
C GLY A 225 -25.22 16.68 8.18
N PHE A 226 -24.65 17.64 7.45
CA PHE A 226 -24.54 17.61 6.01
C PHE A 226 -23.88 16.31 5.55
N ALA A 227 -22.77 15.91 6.18
CA ALA A 227 -22.13 14.68 5.78
C ALA A 227 -23.08 13.53 6.00
N THR A 228 -23.72 13.48 7.15
CA THR A 228 -24.68 12.39 7.42
C THR A 228 -25.77 12.30 6.31
N ARG A 229 -26.37 13.42 5.96
CA ARG A 229 -27.37 13.50 4.90
C ARG A 229 -26.94 12.94 3.60
N CYS A 230 -25.78 13.37 3.13
CA CYS A 230 -25.17 12.82 1.88
C CYS A 230 -24.82 11.36 1.95
N LEU A 231 -24.30 10.95 3.08
CA LEU A 231 -23.73 9.59 3.20
C LEU A 231 -24.66 8.47 3.67
N MET A 232 -25.67 8.83 4.45
CA MET A 232 -26.65 7.93 5.06
C MET A 232 -28.09 8.18 4.59
N GLY A 233 -28.45 9.42 4.38
CA GLY A 233 -29.80 9.82 4.01
C GLY A 233 -30.28 9.59 2.59
N HIS A 234 -29.50 8.98 1.75
CA HIS A 234 -29.95 8.51 0.45
C HIS A 234 -30.65 7.12 0.58
N SER A 235 -31.21 6.65 -0.54
CA SER A 235 -31.99 5.42 -0.64
C SER A 235 -31.35 4.35 -1.54
N GLU A 236 -30.02 4.35 -1.61
CA GLU A 236 -29.22 3.36 -2.35
C GLU A 236 -28.61 2.31 -1.47
N ILE A 237 -28.52 1.11 -2.01
CA ILE A 237 -27.87 0.01 -1.39
C ILE A 237 -26.42 0.24 -1.71
N VAL A 238 -25.57 0.21 -0.69
CA VAL A 238 -24.17 0.46 -0.86
C VAL A 238 -23.39 -0.86 -0.75
N VAL A 239 -22.57 -1.08 -1.77
CA VAL A 239 -21.77 -2.24 -1.78
C VAL A 239 -20.41 -1.92 -1.14
N GLN A 240 -20.12 -2.53 -0.01
CA GLN A 240 -18.85 -2.29 0.66
C GLN A 240 -18.45 -3.47 1.51
N GLY A 241 -17.16 -3.63 1.66
CA GLY A 241 -16.58 -4.71 2.41
C GLY A 241 -16.51 -4.35 3.91
N LEU A 242 -17.12 -5.16 4.78
CA LEU A 242 -16.96 -5.04 6.23
C LEU A 242 -16.13 -6.13 6.85
N SER A 243 -15.79 -5.94 8.13
CA SER A 243 -15.15 -7.00 8.87
C SER A 243 -16.04 -7.38 10.05
N GLY A 244 -15.73 -8.51 10.70
CA GLY A 244 -16.51 -8.97 11.83
C GLY A 244 -16.66 -7.93 12.92
N GLU A 245 -15.70 -7.02 13.03
CA GLU A 245 -15.79 -5.95 13.99
C GLU A 245 -16.78 -4.92 13.68
N ASP A 246 -17.19 -4.80 12.42
CA ASP A 246 -18.36 -3.96 12.14
C ASP A 246 -19.74 -4.54 12.52
N VAL A 247 -19.76 -5.81 12.93
CA VAL A 247 -20.99 -6.52 13.14
C VAL A 247 -21.44 -6.40 14.59
N LEU A 248 -22.69 -5.96 14.82
CA LEU A 248 -23.20 -5.70 16.21
C LEU A 248 -24.01 -6.78 16.92
N ALA A 249 -24.24 -7.88 16.26
CA ALA A 249 -25.05 -8.91 16.84
C ALA A 249 -24.77 -10.17 16.06
N ARG A 250 -25.52 -11.18 16.37
CA ARG A 250 -25.44 -12.47 15.75
C ARG A 250 -26.18 -12.37 14.42
N PRO A 251 -25.53 -12.77 13.32
CA PRO A 251 -26.28 -12.74 12.03
C PRO A 251 -27.57 -13.60 12.02
N GLN A 252 -28.60 -13.08 11.37
CA GLN A 252 -29.91 -13.77 11.29
C GLN A 252 -30.15 -14.17 9.84
N ARG A 253 -30.43 -15.43 9.59
CA ARG A 253 -30.88 -15.84 8.32
C ARG A 253 -32.32 -15.41 8.18
N PHE A 254 -32.66 -14.72 7.07
CA PHE A 254 -34.03 -14.29 6.80
C PHE A 254 -34.78 -14.95 5.65
N ALA A 255 -34.07 -15.78 4.88
CA ALA A 255 -34.60 -16.46 3.71
C ALA A 255 -33.67 -17.56 3.25
N GLN A 256 -34.27 -18.67 2.84
CA GLN A 256 -33.60 -19.87 2.33
C GLN A 256 -34.21 -20.11 0.92
N LEU A 257 -33.41 -20.33 -0.14
CA LEU A 257 -33.96 -20.59 -1.49
C LEU A 257 -33.47 -21.93 -2.00
N GLU A 258 -34.39 -22.84 -2.11
CA GLU A 258 -34.15 -24.18 -2.54
C GLU A 258 -34.48 -24.21 -4.07
N LEU A 259 -33.46 -24.35 -4.89
CA LEU A 259 -33.59 -24.03 -6.30
C LEU A 259 -34.42 -25.02 -7.15
N SER A 260 -34.53 -26.24 -6.69
CA SER A 260 -35.27 -27.23 -7.36
C SER A 260 -36.77 -27.16 -6.96
N ARG A 261 -37.13 -26.38 -5.95
CA ARG A 261 -38.55 -26.26 -5.51
C ARG A 261 -39.34 -25.78 -6.77
N ALA A 262 -40.25 -26.62 -7.28
CA ALA A 262 -41.15 -26.22 -8.36
C ALA A 262 -42.07 -25.11 -7.77
N GLY A 263 -42.44 -24.16 -8.63
CA GLY A 263 -43.10 -22.96 -8.17
C GLY A 263 -42.27 -21.88 -7.53
N LEU A 264 -40.96 -22.10 -7.44
CA LEU A 264 -40.09 -21.07 -6.90
C LEU A 264 -40.06 -19.83 -7.79
N GLU A 265 -40.29 -20.05 -9.08
CA GLU A 265 -40.31 -18.97 -10.09
C GLU A 265 -41.39 -17.92 -9.75
N GLN A 266 -42.65 -18.39 -9.53
CA GLN A 266 -43.80 -17.50 -9.23
C GLN A 266 -43.61 -16.92 -7.86
N GLU A 267 -43.44 -17.79 -6.87
CA GLU A 267 -43.08 -17.33 -5.53
C GLU A 267 -42.28 -16.04 -5.63
N LEU A 268 -41.13 -16.13 -6.27
CA LEU A 268 -40.13 -15.03 -6.32
C LEU A 268 -40.52 -13.70 -7.07
N GLU A 269 -41.58 -13.76 -7.87
CA GLU A 269 -42.19 -12.51 -8.44
C GLU A 269 -42.54 -11.50 -7.32
N ALA A 270 -43.17 -12.01 -6.27
CA ALA A 270 -43.57 -11.25 -5.10
C ALA A 270 -42.39 -10.65 -4.37
N GLY A 271 -41.28 -11.36 -4.33
CA GLY A 271 -40.13 -10.95 -3.52
C GLY A 271 -39.80 -12.01 -2.47
N VAL A 272 -38.58 -12.03 -1.91
CA VAL A 272 -38.28 -12.92 -0.79
C VAL A 272 -37.83 -12.12 0.42
N GLY A 273 -38.00 -12.76 1.55
CA GLY A 273 -37.54 -12.25 2.81
C GLY A 273 -38.30 -12.75 4.00
N GLY A 274 -38.30 -11.92 5.06
CA GLY A 274 -38.85 -12.29 6.36
C GLY A 274 -38.45 -11.34 7.50
N ARG A 275 -38.96 -11.68 8.66
CA ARG A 275 -38.71 -10.97 9.91
C ARG A 275 -37.39 -11.44 10.49
N PHE A 276 -36.78 -10.60 11.30
CA PHE A 276 -35.56 -10.99 12.00
C PHE A 276 -35.58 -10.30 13.33
N ARG A 277 -34.81 -10.87 14.25
CA ARG A 277 -34.58 -10.26 15.52
C ARG A 277 -33.13 -10.52 16.04
N CYS A 278 -32.55 -9.55 16.71
CA CYS A 278 -31.33 -9.84 17.46
C CYS A 278 -31.00 -8.83 18.57
N SER A 279 -29.97 -9.18 19.36
CA SER A 279 -29.50 -8.34 20.42
C SER A 279 -28.07 -7.84 20.19
N CYS A 280 -27.86 -6.56 20.51
CA CYS A 280 -26.55 -5.95 20.27
C CYS A 280 -25.51 -6.40 21.31
N TYR A 281 -24.25 -6.40 20.86
CA TYR A 281 -23.10 -6.79 21.68
C TYR A 281 -22.64 -5.67 22.62
N GLY A 282 -22.56 -4.42 22.20
CA GLY A 282 -21.97 -3.40 23.07
C GLY A 282 -22.36 -2.03 22.66
N SER A 283 -21.73 -1.04 23.24
CA SER A 283 -21.84 0.34 22.80
C SER A 283 -21.32 0.56 21.43
N ALA A 284 -22.16 1.13 20.58
CA ALA A 284 -21.73 1.41 19.18
C ALA A 284 -22.67 2.40 18.60
N PRO A 285 -22.14 3.22 17.66
CA PRO A 285 -23.05 4.00 16.81
C PRO A 285 -23.50 3.10 15.66
N MET A 286 -24.75 2.65 15.73
CA MET A 286 -25.36 1.82 14.69
C MET A 286 -25.71 2.62 13.44
N HIS A 287 -25.27 2.14 12.26
CA HIS A 287 -25.51 2.86 10.98
C HIS A 287 -26.54 2.22 10.03
N GLY A 288 -26.90 0.99 10.34
CA GLY A 288 -27.97 0.27 9.66
C GLY A 288 -27.59 -1.18 9.60
N PHE A 289 -27.71 -1.81 8.45
CA PHE A 289 -27.63 -3.28 8.34
C PHE A 289 -26.77 -3.69 7.22
N ALA A 290 -26.22 -4.89 7.35
CA ALA A 290 -25.55 -5.52 6.21
C ALA A 290 -26.34 -6.74 5.85
N ILE A 291 -26.43 -7.00 4.57
CA ILE A 291 -26.98 -8.24 4.10
C ILE A 291 -25.97 -8.95 3.21
N TRP A 292 -26.03 -10.29 3.26
CA TRP A 292 -25.10 -11.10 2.45
C TRP A 292 -25.69 -12.46 2.21
N PHE A 293 -25.01 -13.28 1.43
CA PHE A 293 -25.58 -14.58 1.09
C PHE A 293 -24.52 -15.65 1.15
N GLN A 294 -24.96 -16.90 1.22
CA GLN A 294 -24.17 -18.04 0.81
C GLN A 294 -24.99 -18.92 -0.12
N VAL A 295 -24.28 -19.76 -0.88
CA VAL A 295 -24.77 -20.78 -1.72
C VAL A 295 -24.08 -22.07 -1.32
N THR A 296 -24.77 -23.18 -1.49
CA THR A 296 -24.30 -24.49 -1.09
C THR A 296 -24.35 -25.45 -2.28
N PHE A 297 -23.24 -26.14 -2.53
CA PHE A 297 -23.14 -27.22 -3.51
C PHE A 297 -23.37 -28.56 -2.82
N PRO A 298 -24.09 -29.49 -3.44
CA PRO A 298 -24.26 -30.83 -2.81
C PRO A 298 -22.97 -31.66 -2.63
N GLY A 299 -22.92 -32.45 -1.54
CA GLY A 299 -21.75 -33.27 -1.28
C GLY A 299 -21.58 -34.37 -2.34
N GLY A 300 -20.38 -34.98 -2.39
CA GLY A 300 -20.12 -36.15 -3.25
C GLY A 300 -20.83 -37.43 -2.82
N GLU A 303 -17.84 -37.21 0.39
CA GLU A 303 -17.61 -35.79 0.38
C GLU A 303 -18.90 -35.07 0.74
N LYS A 304 -18.82 -34.06 1.61
CA LYS A 304 -20.02 -33.35 2.01
C LYS A 304 -20.25 -31.95 1.39
N PRO A 305 -21.39 -31.29 1.81
CA PRO A 305 -21.67 -30.02 1.15
C PRO A 305 -20.68 -28.90 1.22
N LEU A 306 -20.48 -28.21 0.11
CA LEU A 306 -19.53 -27.09 0.10
C LEU A 306 -20.30 -25.75 0.01
N VAL A 307 -20.05 -24.91 1.00
CA VAL A 307 -20.60 -23.59 1.10
C VAL A 307 -19.64 -22.49 0.66
N LEU A 308 -20.11 -21.64 -0.23
CA LEU A 308 -19.48 -20.40 -0.62
C LEU A 308 -20.21 -19.23 0.06
N SER A 309 -19.53 -18.56 0.98
CA SER A 309 -20.06 -17.50 1.82
C SER A 309 -19.47 -16.13 1.45
N THR A 310 -20.32 -15.12 1.55
CA THR A 310 -19.95 -13.74 1.41
C THR A 310 -20.00 -12.94 2.73
N SER A 311 -19.90 -13.69 3.81
CA SER A 311 -19.99 -13.10 5.14
C SER A 311 -18.79 -12.19 5.45
N PRO A 312 -19.05 -11.15 6.22
CA PRO A 312 -17.94 -10.29 6.63
C PRO A 312 -16.96 -10.99 7.57
N PHE A 313 -17.39 -12.13 8.14
CA PHE A 313 -16.62 -12.93 9.06
C PHE A 313 -15.78 -13.96 8.29
N HIS A 314 -16.02 -14.08 7.00
CA HIS A 314 -15.33 -15.08 6.21
C HIS A 314 -14.41 -14.38 5.20
N PRO A 315 -13.49 -15.12 4.55
CA PRO A 315 -12.58 -14.42 3.60
C PRO A 315 -13.31 -13.63 2.51
N ALA A 316 -12.77 -12.45 2.26
CA ALA A 316 -13.40 -11.48 1.40
C ALA A 316 -13.60 -12.05 -0.03
N THR A 317 -14.70 -11.60 -0.66
CA THR A 317 -15.02 -12.02 -2.05
C THR A 317 -15.39 -10.80 -2.76
N HIS A 318 -15.59 -10.84 -4.08
CA HIS A 318 -15.87 -9.58 -4.80
C HIS A 318 -17.30 -9.10 -4.60
N TRP A 319 -18.17 -9.94 -4.05
CA TRP A 319 -19.50 -9.44 -3.66
C TRP A 319 -19.47 -8.50 -2.48
N LYS A 320 -18.42 -8.54 -1.66
CA LYS A 320 -18.49 -7.79 -0.41
C LYS A 320 -19.78 -8.09 0.39
N GLN A 321 -20.42 -7.07 0.95
CA GLN A 321 -21.71 -7.17 1.47
C GLN A 321 -22.48 -5.96 0.93
N ALA A 322 -23.81 -6.04 1.10
CA ALA A 322 -24.69 -4.95 0.75
C ALA A 322 -25.27 -4.25 1.98
N LEU A 323 -25.05 -2.96 2.04
CA LEU A 323 -25.30 -2.16 3.23
C LEU A 323 -26.53 -1.32 3.02
N LEU A 324 -27.36 -1.32 4.09
CA LEU A 324 -28.58 -0.59 4.12
C LEU A 324 -28.52 0.37 5.25
N TYR A 325 -28.29 1.63 4.93
CA TYR A 325 -27.98 2.60 5.96
C TYR A 325 -29.25 3.25 6.51
N LEU A 326 -29.31 3.41 7.84
CA LEU A 326 -30.29 4.34 8.41
C LEU A 326 -29.99 5.81 7.95
N ASN A 327 -31.02 6.63 8.04
CA ASN A 327 -30.86 8.02 7.72
C ASN A 327 -29.80 8.77 8.56
N GLU A 328 -29.62 8.33 9.79
CA GLU A 328 -28.63 8.84 10.73
C GLU A 328 -28.21 7.71 11.68
N PRO A 329 -27.07 7.89 12.36
CA PRO A 329 -26.69 6.82 13.29
C PRO A 329 -27.60 6.77 14.52
N VAL A 330 -27.69 5.59 15.12
CA VAL A 330 -28.42 5.40 16.35
C VAL A 330 -27.46 4.75 17.33
N GLN A 331 -27.33 5.38 18.51
CA GLN A 331 -26.46 4.82 19.52
C GLN A 331 -27.09 3.56 20.13
N VAL A 332 -26.42 2.43 20.09
CA VAL A 332 -26.87 1.24 20.75
C VAL A 332 -25.94 0.85 21.92
N GLU A 333 -26.44 -0.07 22.78
CA GLU A 333 -25.69 -0.68 23.91
C GLU A 333 -25.83 -2.17 23.93
N GLN A 334 -25.11 -2.78 24.86
CA GLN A 334 -25.19 -4.22 25.06
C GLN A 334 -26.67 -4.63 25.30
N ASP A 335 -27.08 -5.72 24.63
CA ASP A 335 -28.48 -6.21 24.72
C ASP A 335 -29.59 -5.31 24.17
N THR A 336 -29.25 -4.23 23.46
CA THR A 336 -30.25 -3.43 22.73
C THR A 336 -30.96 -4.31 21.69
N ASP A 337 -32.30 -4.34 21.74
CA ASP A 337 -32.99 -5.15 20.78
C ASP A 337 -33.12 -4.40 19.45
N VAL A 338 -32.87 -5.19 18.39
CA VAL A 338 -32.99 -4.74 17.02
C VAL A 338 -33.86 -5.76 16.32
N SER A 339 -34.99 -5.28 15.82
CA SER A 339 -35.88 -6.13 15.08
C SER A 339 -36.45 -5.45 13.82
N GLY A 340 -36.98 -6.29 12.94
CA GLY A 340 -37.51 -5.79 11.70
C GLY A 340 -38.03 -6.83 10.71
N GLU A 341 -38.19 -6.33 9.49
CA GLU A 341 -38.55 -7.19 8.39
C GLU A 341 -37.93 -6.63 7.08
N ILE A 342 -37.56 -7.55 6.17
CA ILE A 342 -36.93 -7.22 4.93
C ILE A 342 -37.46 -8.04 3.73
N THR A 343 -37.71 -7.35 2.61
CA THR A 343 -38.07 -7.98 1.38
C THR A 343 -37.16 -7.48 0.30
N LEU A 344 -36.60 -8.41 -0.46
CA LEU A 344 -35.79 -8.16 -1.61
C LEU A 344 -36.73 -8.40 -2.79
N LEU A 345 -36.91 -7.43 -3.68
CA LEU A 345 -37.83 -7.60 -4.83
C LEU A 345 -37.32 -6.80 -6.07
N PRO A 346 -37.75 -7.19 -7.28
CA PRO A 346 -37.40 -6.44 -8.49
C PRO A 346 -37.93 -5.01 -8.45
N SER A 347 -37.14 -3.99 -8.79
CA SER A 347 -37.59 -2.64 -8.87
C SER A 347 -38.61 -2.55 -10.00
N ARG A 348 -39.50 -1.55 -9.89
CA ARG A 348 -40.66 -1.49 -10.74
C ARG A 348 -40.37 -1.21 -12.21
N ASP A 349 -39.40 -0.35 -12.49
CA ASP A 349 -39.11 -0.05 -13.91
C ASP A 349 -37.93 -0.86 -14.43
N ASN A 350 -37.24 -1.54 -13.53
CA ASN A 350 -36.18 -2.35 -13.97
C ASN A 350 -36.12 -3.63 -13.20
N PRO A 351 -36.64 -4.72 -13.81
CA PRO A 351 -36.68 -5.97 -13.10
C PRO A 351 -35.32 -6.51 -12.71
N ARG A 352 -34.25 -6.11 -13.38
CA ARG A 352 -32.94 -6.57 -13.03
C ARG A 352 -32.32 -5.75 -11.89
N ARG A 353 -32.97 -4.68 -11.48
CA ARG A 353 -32.45 -3.86 -10.42
C ARG A 353 -33.05 -4.23 -9.06
N LEU A 354 -32.24 -4.65 -8.09
CA LEU A 354 -32.74 -5.06 -6.72
C LEU A 354 -33.26 -3.85 -5.93
N ARG A 355 -34.45 -4.07 -5.40
CA ARG A 355 -35.08 -3.19 -4.44
C ARG A 355 -35.13 -3.98 -3.13
N VAL A 356 -34.88 -3.27 -2.05
CA VAL A 356 -35.03 -3.80 -0.70
C VAL A 356 -36.00 -2.93 0.08
N LEU A 357 -37.02 -3.56 0.65
CA LEU A 357 -37.92 -2.83 1.52
C LEU A 357 -37.63 -3.30 2.97
N LEU A 358 -37.43 -2.32 3.85
CA LEU A 358 -37.00 -2.56 5.19
C LEU A 358 -37.91 -1.85 6.12
N ARG A 359 -38.40 -2.60 7.06
CA ARG A 359 -39.06 -2.20 8.30
C ARG A 359 -38.08 -2.56 9.47
N TYR A 360 -37.97 -1.66 10.43
CA TYR A 360 -37.06 -1.89 11.55
C TYR A 360 -37.43 -1.07 12.86
N LYS A 361 -36.98 -1.60 13.97
CA LYS A 361 -37.09 -0.98 15.26
C LYS A 361 -35.75 -1.21 16.03
N VAL A 362 -35.17 -0.10 16.51
CA VAL A 362 -33.95 -0.14 17.35
C VAL A 362 -34.28 0.31 18.79
N GLY A 363 -34.14 -0.63 19.72
CA GLY A 363 -34.43 -0.42 21.13
C GLY A 363 -35.82 0.13 21.30
N ASP A 364 -35.89 1.33 21.87
CA ASP A 364 -37.15 1.99 22.25
C ASP A 364 -37.59 3.07 21.26
N GLN A 365 -36.79 3.32 20.23
CA GLN A 365 -37.22 4.18 19.16
C GLN A 365 -38.46 3.58 18.44
N GLU A 366 -39.33 4.43 17.90
CA GLU A 366 -40.46 3.98 17.04
C GLU A 366 -40.00 3.24 15.79
N GLU A 367 -40.80 2.25 15.40
CA GLU A 367 -40.70 1.50 14.13
C GLU A 367 -40.46 2.44 12.95
N LYS A 368 -39.53 2.09 12.11
CA LYS A 368 -39.25 2.93 10.92
C LYS A 368 -39.16 2.10 9.64
N THR A 369 -39.07 2.83 8.53
CA THR A 369 -39.17 2.32 7.20
C THR A 369 -38.18 3.00 6.28
N LYS A 370 -37.58 2.23 5.38
CA LYS A 370 -36.77 2.76 4.35
C LYS A 370 -36.81 1.81 3.15
N ASP A 371 -36.95 2.42 1.98
CA ASP A 371 -37.06 1.77 0.65
C ASP A 371 -35.71 2.03 -0.14
N PHE A 372 -34.94 0.97 -0.36
CA PHE A 372 -33.62 1.03 -0.98
C PHE A 372 -33.64 0.41 -2.36
N ALA A 373 -32.80 0.99 -3.23
CA ALA A 373 -32.55 0.43 -4.55
C ALA A 373 -31.05 0.31 -4.86
N MET A 374 -30.66 -0.76 -5.55
CA MET A 374 -29.26 -0.94 -5.92
C MET A 374 -28.64 0.29 -6.67
N GLU A 375 -27.51 0.74 -6.12
CA GLU A 375 -26.75 1.83 -6.71
C GLU A 375 -26.53 1.60 -8.19
N ASP A 376 -26.12 2.63 -8.88
CA ASP A 376 -25.54 2.43 -10.23
C ASP A 376 -24.01 2.43 -10.15
N ARG B 39 26.76 -5.55 29.67
CA ARG B 39 26.55 -6.49 30.75
C ARG B 39 26.08 -5.82 32.06
N THR B 40 26.74 -4.80 32.56
CA THR B 40 26.21 -4.05 33.73
C THR B 40 24.88 -3.31 33.49
N LYS B 41 24.17 -3.03 34.57
CA LYS B 41 22.91 -2.27 34.57
C LYS B 41 23.03 -0.83 34.07
N ARG B 42 23.91 -0.07 34.69
CA ARG B 42 24.27 1.26 34.17
C ARG B 42 24.52 1.21 32.63
N GLU B 43 25.24 0.19 32.19
CA GLU B 43 25.63 0.07 30.82
C GLU B 43 24.54 -0.29 29.92
N ARG B 44 23.69 -1.27 30.27
CA ARG B 44 22.48 -1.57 29.50
C ARG B 44 21.61 -0.34 29.38
N ASP B 45 21.50 0.41 30.49
CA ASP B 45 20.80 1.69 30.52
C ASP B 45 21.39 2.71 29.52
N GLN B 46 22.73 2.87 29.55
CA GLN B 46 23.40 3.72 28.57
C GLN B 46 23.03 3.26 27.17
N LEU B 47 23.20 1.98 26.85
CA LEU B 47 22.87 1.51 25.51
C LEU B 47 21.39 1.75 25.11
N TYR B 48 20.49 1.83 26.09
CA TYR B 48 19.07 1.95 25.79
C TYR B 48 18.76 3.39 25.46
N TYR B 49 19.19 4.26 26.34
CA TYR B 49 19.13 5.71 26.12
C TYR B 49 19.69 6.21 24.78
N GLU B 50 20.82 5.64 24.35
CA GLU B 50 21.44 6.10 23.18
C GLU B 50 20.59 5.62 21.92
N CYS B 51 19.76 4.58 22.06
CA CYS B 51 18.77 4.29 21.03
C CYS B 51 17.87 5.45 20.74
N TYR B 52 17.61 6.31 21.73
CA TYR B 52 16.88 7.56 21.54
C TYR B 52 17.70 8.78 21.18
N SER B 53 19.00 8.62 20.91
CA SER B 53 19.82 9.81 20.55
C SER B 53 19.80 10.21 19.07
N ASP B 54 19.32 9.33 18.19
CA ASP B 54 19.37 9.52 16.76
C ASP B 54 17.99 10.04 16.25
N VAL B 55 18.02 10.87 15.21
CA VAL B 55 16.83 11.52 14.71
C VAL B 55 15.72 10.55 14.24
N SER B 56 16.08 9.38 13.70
CA SER B 56 15.13 8.55 12.99
C SER B 56 13.96 8.11 13.81
N VAL B 57 14.20 7.66 15.05
CA VAL B 57 13.20 7.12 15.86
C VAL B 57 12.26 8.26 16.29
N HIS B 58 12.75 9.48 16.44
CA HIS B 58 11.86 10.57 16.74
C HIS B 58 11.01 10.99 15.54
N GLU B 59 11.63 11.01 14.37
CA GLU B 59 10.91 11.24 13.13
C GLU B 59 9.76 10.22 13.08
N GLU B 60 10.06 8.94 13.30
CA GLU B 60 9.07 7.84 13.16
C GLU B 60 7.90 8.06 14.14
N MET B 61 8.24 8.42 15.39
CA MET B 61 7.26 8.76 16.37
C MET B 61 6.35 9.96 16.04
N ILE B 62 6.94 11.04 15.58
CA ILE B 62 6.20 12.24 15.30
C ILE B 62 5.40 12.14 14.00
N ALA B 63 5.86 11.36 13.04
CA ALA B 63 5.19 11.09 11.77
C ALA B 63 4.02 10.19 11.99
N ASP B 64 4.07 9.39 13.06
CA ASP B 64 2.91 8.59 13.49
C ASP B 64 1.84 9.56 14.01
N ARG B 65 0.92 9.89 13.08
CA ARG B 65 -0.18 10.84 13.34
C ARG B 65 -1.24 10.36 14.39
N VAL B 66 -1.62 9.08 14.33
CA VAL B 66 -2.56 8.51 15.30
C VAL B 66 -1.98 8.78 16.68
N ARG B 67 -0.69 8.48 16.84
CA ARG B 67 -0.06 8.57 18.17
C ARG B 67 0.00 10.04 18.63
N THR B 68 0.53 10.86 17.72
CA THR B 68 0.93 12.20 18.11
C THR B 68 -0.33 13.06 18.33
N ASP B 69 -1.29 12.93 17.44
CA ASP B 69 -2.60 13.60 17.70
C ASP B 69 -3.40 13.13 18.89
N ALA B 70 -3.31 11.87 19.19
CA ALA B 70 -3.89 11.35 20.38
C ALA B 70 -3.37 12.04 21.64
N TYR B 71 -2.05 12.17 21.74
CA TYR B 71 -1.47 12.89 22.87
C TYR B 71 -1.82 14.38 22.74
N ARG B 72 -1.77 14.93 21.53
CA ARG B 72 -2.02 16.37 21.48
C ARG B 72 -3.39 16.70 22.00
N LEU B 73 -4.39 15.94 21.52
CA LEU B 73 -5.78 16.14 21.92
C LEU B 73 -5.99 15.78 23.36
N GLY B 74 -5.50 14.62 23.77
CA GLY B 74 -5.65 14.23 25.19
C GLY B 74 -5.16 15.30 26.18
N ILE B 75 -4.07 15.98 25.79
CA ILE B 75 -3.47 17.02 26.61
C ILE B 75 -4.26 18.27 26.54
N LEU B 76 -4.61 18.69 25.33
CA LEU B 76 -5.20 20.03 25.20
C LEU B 76 -6.61 20.02 25.69
N ARG B 77 -7.29 18.90 25.48
CA ARG B 77 -8.57 18.69 26.08
C ARG B 77 -8.58 18.63 27.61
N ASN B 78 -7.44 18.37 28.27
CA ASN B 78 -7.37 18.43 29.74
C ASN B 78 -6.87 19.78 30.29
N TRP B 79 -7.11 20.85 29.54
CA TRP B 79 -6.75 22.20 29.95
C TRP B 79 -7.33 22.47 31.37
N ALA B 80 -8.48 21.89 31.70
CA ALA B 80 -9.09 22.20 32.99
C ALA B 80 -8.20 21.73 34.09
N ALA B 81 -7.59 20.55 33.89
CA ALA B 81 -6.71 19.93 34.88
C ALA B 81 -5.24 20.36 34.72
N LEU B 82 -4.83 20.91 33.57
CA LEU B 82 -3.45 21.34 33.37
C LEU B 82 -3.17 22.81 33.55
N ARG B 83 -4.19 23.65 33.38
CA ARG B 83 -3.98 25.07 33.29
C ARG B 83 -3.53 25.68 34.63
N GLY B 84 -2.42 26.42 34.61
CA GLY B 84 -1.80 26.98 35.81
C GLY B 84 -1.11 25.95 36.71
N LYS B 85 -1.09 24.70 36.32
CA LYS B 85 -0.56 23.65 37.17
C LYS B 85 0.82 23.22 36.62
N THR B 86 1.45 22.30 37.34
CA THR B 86 2.74 21.72 37.05
C THR B 86 2.67 20.30 36.53
N VAL B 87 3.53 20.05 35.54
CA VAL B 87 3.54 18.78 34.79
C VAL B 87 4.96 18.22 34.72
N LEU B 88 5.07 16.92 34.96
CA LEU B 88 6.27 16.16 34.62
C LEU B 88 6.09 15.38 33.32
N ASP B 89 6.89 15.65 32.30
CA ASP B 89 6.95 14.79 31.12
C ASP B 89 8.10 13.79 31.32
N VAL B 90 7.77 12.53 31.40
CA VAL B 90 8.76 11.45 31.59
C VAL B 90 9.15 10.90 30.21
N GLY B 91 10.44 10.98 29.93
CA GLY B 91 11.00 10.67 28.62
C GLY B 91 10.60 11.69 27.57
N ALA B 92 11.03 12.92 27.78
CA ALA B 92 10.57 14.01 26.93
C ALA B 92 11.06 14.06 25.43
N GLY B 93 12.13 13.34 25.12
CA GLY B 93 12.66 13.28 23.78
C GLY B 93 12.93 14.60 23.15
N THR B 94 12.30 14.87 22.01
CA THR B 94 12.43 16.19 21.34
C THR B 94 11.59 17.31 21.95
N GLY B 95 10.84 17.02 23.02
CA GLY B 95 10.16 18.08 23.83
C GLY B 95 8.72 18.31 23.42
N ILE B 96 8.26 17.62 22.38
CA ILE B 96 6.94 17.85 21.81
C ILE B 96 5.72 17.81 22.78
N LEU B 97 5.66 16.83 23.68
CA LEU B 97 4.49 16.66 24.52
C LEU B 97 4.56 17.71 25.56
N SER B 98 5.77 18.03 26.01
CA SER B 98 5.91 19.15 26.95
C SER B 98 5.39 20.50 26.36
N ILE B 99 5.56 20.74 25.05
CA ILE B 99 5.09 21.99 24.46
C ILE B 99 3.54 21.98 24.40
N PHE B 100 2.96 20.81 24.09
CA PHE B 100 1.53 20.62 24.09
C PHE B 100 0.96 20.95 25.50
N CYS B 101 1.60 20.42 26.55
CA CYS B 101 1.25 20.77 27.96
C CYS B 101 1.24 22.28 28.28
N ALA B 102 2.24 22.95 27.78
CA ALA B 102 2.36 24.37 27.93
C ALA B 102 1.30 25.09 27.10
N GLN B 103 1.00 24.58 25.91
CA GLN B 103 -0.06 25.14 25.11
C GLN B 103 -1.42 24.95 25.80
N ALA B 104 -1.56 23.86 26.56
CA ALA B 104 -2.69 23.65 27.46
C ALA B 104 -2.76 24.61 28.67
N GLY B 105 -1.81 25.54 28.81
CA GLY B 105 -1.74 26.48 29.94
C GLY B 105 -1.00 25.99 31.17
N ALA B 106 -0.25 24.91 31.16
CA ALA B 106 0.56 24.60 32.36
C ALA B 106 1.53 25.74 32.66
N ARG B 107 1.63 26.13 33.93
CA ARG B 107 2.59 27.17 34.33
C ARG B 107 4.04 26.61 34.34
N ARG B 108 4.23 25.31 34.43
CA ARG B 108 5.56 24.80 34.54
C ARG B 108 5.59 23.35 34.08
N VAL B 109 6.48 23.02 33.13
CA VAL B 109 6.66 21.64 32.68
C VAL B 109 8.10 21.17 32.87
N TYR B 110 8.29 20.06 33.59
CA TYR B 110 9.58 19.46 33.80
C TYR B 110 9.66 18.37 32.79
N ALA B 111 10.50 18.63 31.80
CA ALA B 111 10.79 17.71 30.76
C ALA B 111 12.06 16.91 31.06
N VAL B 112 11.88 15.69 31.53
CA VAL B 112 13.01 14.80 31.88
C VAL B 112 13.30 13.84 30.77
N GLU B 113 14.58 13.75 30.46
CA GLU B 113 15.04 12.96 29.34
C GLU B 113 16.45 12.50 29.62
N ALA B 114 16.64 11.20 29.47
CA ALA B 114 17.92 10.62 29.84
C ALA B 114 18.80 10.37 28.64
N SER B 115 18.21 10.29 27.45
CA SER B 115 18.99 10.24 26.20
C SER B 115 19.62 11.61 25.96
N ALA B 116 20.70 11.65 25.18
CA ALA B 116 21.31 12.94 24.66
C ALA B 116 20.37 13.85 23.83
N ILE B 117 19.27 13.33 23.31
CA ILE B 117 18.24 14.09 22.65
C ILE B 117 17.65 15.18 23.56
N TRP B 118 18.00 15.16 24.87
CA TRP B 118 17.58 16.26 25.74
C TRP B 118 18.07 17.58 25.21
N GLN B 119 19.21 17.60 24.53
CA GLN B 119 19.71 18.85 23.93
C GLN B 119 18.86 19.41 22.81
N GLN B 120 18.29 18.52 22.03
CA GLN B 120 17.43 18.93 20.97
C GLN B 120 16.18 19.50 21.58
N ALA B 121 15.65 18.84 22.61
CA ALA B 121 14.42 19.34 23.26
C ALA B 121 14.60 20.73 23.82
N ARG B 122 15.77 20.99 24.44
CA ARG B 122 16.09 22.36 24.91
C ARG B 122 16.12 23.39 23.73
N GLU B 123 16.72 22.97 22.64
CA GLU B 123 16.71 23.79 21.43
C GLU B 123 15.27 24.07 20.96
N VAL B 124 14.42 23.03 20.93
CA VAL B 124 13.05 23.19 20.46
C VAL B 124 12.24 24.15 21.37
N VAL B 125 12.38 23.97 22.66
CA VAL B 125 11.73 24.83 23.66
C VAL B 125 12.17 26.26 23.46
N ARG B 126 13.47 26.47 23.36
CA ARG B 126 14.05 27.81 23.24
C ARG B 126 13.60 28.41 21.91
N PHE B 127 13.58 27.61 20.85
CA PHE B 127 13.13 28.08 19.52
C PHE B 127 11.68 28.48 19.55
N ASN B 128 10.91 27.83 20.39
CA ASN B 128 9.50 28.16 20.52
C ASN B 128 9.22 29.23 21.56
N GLY B 129 10.25 29.88 22.08
CA GLY B 129 10.10 30.90 23.11
C GLY B 129 9.48 30.43 24.43
N LEU B 130 9.53 29.13 24.76
CA LEU B 130 8.89 28.56 25.96
C LEU B 130 9.83 28.22 27.14
N GLU B 131 11.04 28.73 27.16
CA GLU B 131 12.03 28.33 28.20
C GLU B 131 11.67 28.83 29.59
N ASP B 132 10.80 29.82 29.60
CA ASP B 132 10.30 30.33 30.83
C ASP B 132 9.38 29.29 31.53
N ARG B 133 8.67 28.45 30.75
CA ARG B 133 7.64 27.52 31.32
C ARG B 133 8.07 26.05 31.24
N VAL B 134 8.88 25.71 30.23
CA VAL B 134 9.32 24.35 30.03
C VAL B 134 10.83 24.26 30.34
N HIS B 135 11.17 23.43 31.34
CA HIS B 135 12.55 23.23 31.84
C HIS B 135 13.03 21.84 31.58
N VAL B 136 14.02 21.73 30.71
CA VAL B 136 14.54 20.41 30.28
C VAL B 136 15.60 19.95 31.29
N LEU B 137 15.40 18.76 31.83
CA LEU B 137 16.27 18.27 32.87
C LEU B 137 16.82 16.99 32.35
N PRO B 138 18.14 16.99 32.10
CA PRO B 138 18.85 15.84 31.62
C PRO B 138 18.94 14.71 32.66
N GLY B 139 18.85 13.47 32.24
CA GLY B 139 19.11 12.30 33.10
C GLY B 139 17.87 11.40 33.32
N PRO B 140 18.09 10.22 33.91
CA PRO B 140 16.99 9.39 34.29
C PRO B 140 16.00 10.01 35.27
N VAL B 141 14.73 9.66 35.12
CA VAL B 141 13.70 10.20 36.01
C VAL B 141 13.85 9.63 37.42
N GLU B 142 14.42 8.43 37.56
CA GLU B 142 14.70 7.83 38.84
C GLU B 142 15.58 8.71 39.79
N THR B 143 16.61 9.35 39.24
CA THR B 143 17.57 10.17 39.99
C THR B 143 17.44 11.69 39.81
N VAL B 144 16.71 12.18 38.81
CA VAL B 144 16.60 13.68 38.61
C VAL B 144 16.05 14.34 39.88
N GLU B 145 16.38 15.59 40.11
CA GLU B 145 15.86 16.27 41.30
C GLU B 145 15.02 17.46 40.83
N LEU B 146 13.71 17.26 40.96
CA LEU B 146 12.72 18.30 40.74
C LEU B 146 12.63 19.18 41.95
N PRO B 147 12.30 20.48 41.75
CA PRO B 147 12.04 21.45 42.80
C PRO B 147 10.67 21.36 43.54
N GLU B 148 9.72 20.56 43.12
CA GLU B 148 8.42 20.50 43.80
C GLU B 148 7.79 19.21 43.37
N GLN B 149 6.70 18.84 44.06
CA GLN B 149 5.79 17.84 43.52
C GLN B 149 5.01 18.46 42.35
N VAL B 150 4.48 17.56 41.53
CA VAL B 150 3.75 17.96 40.33
C VAL B 150 2.33 17.51 40.38
N ASP B 151 1.50 18.32 39.69
CA ASP B 151 0.04 18.09 39.58
C ASP B 151 -0.34 17.02 38.56
N ALA B 152 0.55 16.68 37.64
CA ALA B 152 0.23 15.79 36.54
C ALA B 152 1.50 15.20 35.95
N ILE B 153 1.41 13.98 35.42
CA ILE B 153 2.55 13.37 34.61
C ILE B 153 1.97 13.03 33.20
N VAL B 154 2.75 13.22 32.15
CA VAL B 154 2.43 12.81 30.80
C VAL B 154 3.63 11.96 30.39
N SER B 155 3.38 10.86 29.72
CA SER B 155 4.47 10.07 29.12
C SER B 155 3.98 9.19 27.98
N GLU B 156 4.81 9.18 26.94
CA GLU B 156 4.71 8.15 25.89
C GLU B 156 5.85 7.16 26.16
N TRP B 157 5.47 6.10 26.84
CA TRP B 157 6.34 5.12 27.42
C TRP B 157 6.13 3.80 26.78
N MET B 158 5.24 3.70 25.80
CA MET B 158 4.77 2.39 25.41
C MET B 158 5.72 1.78 24.41
N GLY B 159 6.13 0.55 24.60
CA GLY B 159 6.87 -0.11 23.54
C GLY B 159 6.10 -1.12 22.70
N TYR B 160 6.83 -1.75 21.78
CA TYR B 160 6.26 -2.90 21.09
C TYR B 160 5.71 -3.88 22.08
N GLY B 161 4.53 -4.42 21.78
CA GLY B 161 3.79 -5.37 22.65
C GLY B 161 3.52 -4.76 24.01
N LEU B 162 3.31 -3.47 23.99
CA LEU B 162 3.09 -2.56 25.12
C LEU B 162 4.31 -2.34 26.07
N LEU B 163 4.85 -3.45 26.61
CA LEU B 163 5.82 -3.46 27.69
C LEU B 163 7.31 -3.67 27.34
N HIS B 164 7.64 -3.96 26.12
CA HIS B 164 9.04 -4.01 25.74
C HIS B 164 9.64 -2.57 25.99
N GLU B 165 10.89 -2.59 26.49
CA GLU B 165 11.64 -1.41 27.02
C GLU B 165 11.53 -1.17 28.55
N SER B 166 10.42 -1.67 29.18
CA SER B 166 10.06 -1.40 30.56
C SER B 166 10.05 0.00 30.98
N MET B 167 9.68 0.89 30.09
CA MET B 167 9.67 2.26 30.49
C MET B 167 8.55 2.53 31.51
N LEU B 168 7.53 1.66 31.53
CA LEU B 168 6.44 1.78 32.55
C LEU B 168 6.89 1.82 34.00
N SER B 169 7.87 1.00 34.42
CA SER B 169 8.27 1.10 35.81
C SER B 169 8.96 2.48 36.12
N SER B 170 9.59 3.05 35.10
CA SER B 170 10.16 4.35 35.23
C SER B 170 9.08 5.42 35.41
N VAL B 171 7.99 5.31 34.65
CA VAL B 171 6.87 6.20 34.84
C VAL B 171 6.22 6.01 36.25
N LEU B 172 6.05 4.78 36.66
CA LEU B 172 5.51 4.50 37.98
C LEU B 172 6.42 4.91 39.14
N HIS B 173 7.76 4.85 38.94
CA HIS B 173 8.76 5.42 39.97
C HIS B 173 8.52 6.89 40.13
N ALA B 174 8.35 7.56 39.01
CA ALA B 174 8.10 8.97 39.04
C ALA B 174 6.72 9.30 39.65
N ARG B 175 5.68 8.50 39.37
CA ARG B 175 4.39 8.66 40.03
CA ARG B 175 4.37 8.66 40.02
C ARG B 175 4.52 8.63 41.56
N THR B 176 5.02 7.53 42.09
CA THR B 176 5.21 7.44 43.53
C THR B 176 6.06 8.55 44.09
N LYS B 177 7.14 8.87 43.43
CA LYS B 177 8.09 9.86 44.00
C LYS B 177 7.65 11.29 43.79
N TRP B 178 7.04 11.64 42.63
CA TRP B 178 6.79 13.09 42.38
C TRP B 178 5.36 13.61 42.26
N LEU B 179 4.42 12.68 42.06
CA LEU B 179 3.02 13.01 41.77
C LEU B 179 2.30 13.24 43.08
N LYS B 180 1.59 14.36 43.15
CA LYS B 180 0.73 14.65 44.31
C LYS B 180 -0.40 13.65 44.41
N GLU B 181 -1.02 13.66 45.57
CA GLU B 181 -2.15 12.80 45.86
C GLU B 181 -3.30 13.28 44.98
N GLY B 182 -3.89 12.37 44.22
CA GLY B 182 -4.99 12.71 43.31
C GLY B 182 -4.53 13.32 42.01
N GLY B 183 -3.22 13.46 41.81
CA GLY B 183 -2.69 14.03 40.60
C GLY B 183 -3.07 13.24 39.37
N LEU B 184 -2.92 13.90 38.22
CA LEU B 184 -3.34 13.38 36.89
C LEU B 184 -2.24 12.57 36.17
N LEU B 185 -2.64 11.43 35.63
CA LEU B 185 -1.82 10.60 34.73
C LEU B 185 -2.33 10.56 33.27
N LEU B 186 -1.44 10.86 32.31
CA LEU B 186 -1.76 10.86 30.87
C LEU B 186 -0.79 10.05 30.06
N PRO B 187 -1.24 8.92 29.52
CA PRO B 187 -2.54 8.34 29.77
C PRO B 187 -2.69 7.66 31.12
N ALA B 188 -3.96 7.37 31.42
CA ALA B 188 -4.44 6.91 32.70
C ALA B 188 -4.37 5.42 32.81
N SER B 189 -4.55 4.73 31.69
CA SER B 189 -4.57 3.25 31.69
C SER B 189 -4.21 2.63 30.36
N ALA B 190 -4.06 1.33 30.39
CA ALA B 190 -3.75 0.55 29.20
C ALA B 190 -4.46 -0.82 29.25
N GLU B 191 -4.74 -1.34 28.05
CA GLU B 191 -5.35 -2.65 27.92
C GLU B 191 -4.66 -3.46 26.84
N LEU B 192 -4.67 -4.77 26.96
CA LEU B 192 -3.91 -5.66 26.14
C LEU B 192 -4.84 -6.67 25.57
N PHE B 193 -4.65 -6.96 24.29
CA PHE B 193 -5.63 -7.78 23.53
C PHE B 193 -4.95 -8.90 22.84
N ILE B 194 -5.65 -9.99 22.63
CA ILE B 194 -5.11 -11.10 21.86
C ILE B 194 -6.17 -11.67 20.94
N VAL B 195 -5.73 -12.22 19.81
CA VAL B 195 -6.56 -12.85 18.88
C VAL B 195 -5.85 -13.89 18.04
N PRO B 196 -6.53 -14.99 17.72
CA PRO B 196 -5.88 -15.83 16.74
C PRO B 196 -5.87 -15.24 15.34
N ILE B 197 -4.83 -15.61 14.58
CA ILE B 197 -4.58 -15.08 13.24
C ILE B 197 -4.25 -16.12 12.18
N SER B 198 -4.66 -15.76 10.97
CA SER B 198 -4.17 -16.39 9.74
C SER B 198 -3.56 -15.26 8.87
N ASP B 199 -2.22 -15.13 8.99
CA ASP B 199 -1.37 -14.10 8.39
C ASP B 199 -1.20 -14.28 6.89
N GLN B 200 -1.85 -13.39 6.14
CA GLN B 200 -1.94 -13.58 4.71
C GLN B 200 -0.57 -13.39 4.04
N MET B 201 0.19 -12.41 4.54
CA MET B 201 1.56 -12.19 4.10
C MET B 201 2.42 -13.46 4.42
N LEU B 202 2.33 -14.00 5.65
CA LEU B 202 2.99 -15.28 5.91
C LEU B 202 2.60 -16.39 4.95
N GLU B 203 1.33 -16.50 4.67
CA GLU B 203 0.85 -17.55 3.77
C GLU B 203 1.39 -17.41 2.36
N TRP B 204 1.46 -16.18 1.86
CA TRP B 204 2.05 -15.88 0.57
C TRP B 204 3.57 -16.29 0.49
N ARG B 205 4.34 -15.92 1.51
CA ARG B 205 5.78 -16.29 1.64
C ARG B 205 6.00 -17.81 1.71
N LEU B 206 5.16 -18.56 2.43
CA LEU B 206 5.22 -20.01 2.51
C LEU B 206 4.86 -20.60 1.17
N GLY B 207 4.01 -19.94 0.41
CA GLY B 207 3.59 -20.45 -0.90
C GLY B 207 4.57 -20.19 -2.02
N PHE B 208 5.30 -19.10 -1.85
CA PHE B 208 6.38 -18.67 -2.74
C PHE B 208 7.09 -19.82 -3.44
N TRP B 209 7.48 -20.86 -2.65
CA TRP B 209 8.30 -22.00 -3.14
C TRP B 209 7.63 -22.82 -4.21
N SER B 210 6.29 -22.87 -4.13
CA SER B 210 5.47 -23.61 -5.09
C SER B 210 5.22 -22.78 -6.30
N GLN B 211 5.40 -21.47 -6.21
CA GLN B 211 5.42 -20.56 -7.38
C GLN B 211 6.65 -20.55 -8.32
N VAL B 212 7.77 -21.07 -7.83
CA VAL B 212 9.05 -20.88 -8.50
C VAL B 212 9.06 -21.63 -9.88
N LYS B 213 8.44 -22.80 -9.90
CA LYS B 213 8.30 -23.59 -11.13
C LYS B 213 7.83 -22.75 -12.35
N GLN B 214 6.83 -21.93 -12.10
CA GLN B 214 6.06 -21.15 -13.11
C GLN B 214 6.89 -20.01 -13.73
N HIS B 215 7.75 -19.41 -12.93
CA HIS B 215 8.63 -18.33 -13.38
C HIS B 215 9.90 -18.86 -13.99
N TYR B 216 10.45 -19.95 -13.42
CA TYR B 216 11.82 -20.32 -13.69
C TYR B 216 12.05 -21.72 -14.17
N GLY B 217 11.01 -22.54 -14.21
CA GLY B 217 11.13 -23.87 -14.70
C GLY B 217 11.83 -24.83 -13.75
N VAL B 218 11.80 -24.56 -12.44
CA VAL B 218 12.53 -25.37 -11.46
C VAL B 218 11.55 -25.52 -10.37
N ASP B 219 11.30 -26.75 -9.96
CA ASP B 219 10.30 -27.02 -8.93
C ASP B 219 10.88 -26.97 -7.50
N MET B 220 10.46 -26.02 -6.69
CA MET B 220 11.01 -25.83 -5.33
C MET B 220 9.96 -25.93 -4.26
N SER B 221 8.85 -26.62 -4.55
CA SER B 221 7.73 -26.66 -3.65
C SER B 221 8.11 -27.54 -2.45
N CYS B 222 9.09 -28.43 -2.63
CA CYS B 222 9.72 -29.17 -1.54
C CYS B 222 10.33 -28.36 -0.40
N LEU B 223 10.54 -27.06 -0.59
CA LEU B 223 11.08 -26.19 0.44
C LEU B 223 10.03 -25.49 1.31
N GLU B 224 8.78 -25.82 1.07
CA GLU B 224 7.72 -25.37 1.98
C GLU B 224 7.89 -25.74 3.46
N GLY B 225 8.15 -27.04 3.78
CA GLY B 225 8.59 -27.47 5.15
C GLY B 225 9.70 -26.54 5.71
N PHE B 226 10.80 -26.40 4.98
CA PHE B 226 11.91 -25.59 5.46
C PHE B 226 11.55 -24.16 5.64
N ALA B 227 10.79 -23.58 4.73
CA ALA B 227 10.38 -22.21 4.94
C ALA B 227 9.52 -22.05 6.20
N THR B 228 8.62 -23.02 6.46
CA THR B 228 7.78 -23.05 7.64
C THR B 228 8.64 -23.06 8.93
N ARG B 229 9.58 -24.00 8.99
CA ARG B 229 10.47 -24.06 10.15
C ARG B 229 11.21 -22.73 10.40
N CYS B 230 11.74 -22.12 9.36
CA CYS B 230 12.47 -20.85 9.52
C CYS B 230 11.52 -19.71 9.88
N LEU B 231 10.38 -19.55 9.22
CA LEU B 231 9.52 -18.40 9.53
C LEU B 231 8.67 -18.57 10.77
N MET B 232 8.34 -19.79 11.20
CA MET B 232 7.40 -19.99 12.36
C MET B 232 8.07 -20.70 13.53
N GLY B 233 9.03 -21.57 13.30
CA GLY B 233 9.56 -22.39 14.37
C GLY B 233 10.60 -21.75 15.29
N HIS B 234 10.83 -20.46 15.19
CA HIS B 234 11.73 -19.77 16.09
C HIS B 234 10.90 -19.29 17.32
N SER B 235 11.58 -18.69 18.28
CA SER B 235 10.95 -18.14 19.51
C SER B 235 11.00 -16.63 19.67
N GLU B 236 10.97 -15.92 18.58
CA GLU B 236 10.88 -14.47 18.64
C GLU B 236 9.52 -13.86 18.42
N ILE B 237 9.28 -12.72 19.07
CA ILE B 237 8.08 -11.96 18.88
C ILE B 237 8.33 -11.16 17.61
N VAL B 238 7.42 -11.25 16.63
CA VAL B 238 7.60 -10.54 15.35
C VAL B 238 6.75 -9.31 15.28
N VAL B 239 7.35 -8.20 14.94
CA VAL B 239 6.62 -6.99 14.84
C VAL B 239 6.14 -6.83 13.42
N GLN B 240 4.85 -6.77 13.17
CA GLN B 240 4.35 -6.68 11.81
C GLN B 240 2.90 -6.14 11.88
N GLY B 241 2.56 -5.35 10.89
CA GLY B 241 1.27 -4.81 10.63
C GLY B 241 0.30 -5.78 9.99
N LEU B 242 -0.85 -5.98 10.62
CA LEU B 242 -1.91 -6.80 10.06
C LEU B 242 -3.14 -5.94 9.79
N SER B 243 -4.19 -6.53 9.22
CA SER B 243 -5.52 -5.93 9.19
C SER B 243 -6.59 -6.99 9.43
N GLY B 244 -7.87 -6.60 9.25
CA GLY B 244 -9.02 -7.48 9.46
C GLY B 244 -8.88 -8.78 8.76
N GLU B 245 -8.36 -8.72 7.55
CA GLU B 245 -8.26 -9.93 6.76
C GLU B 245 -7.38 -10.97 7.48
N ASP B 246 -6.50 -10.55 8.39
CA ASP B 246 -5.67 -11.55 9.13
C ASP B 246 -6.34 -12.20 10.39
N VAL B 247 -7.53 -11.71 10.78
CA VAL B 247 -8.00 -11.98 12.16
C VAL B 247 -9.02 -13.14 12.09
N LEU B 248 -8.86 -14.21 12.86
CA LEU B 248 -9.76 -15.37 12.88
C LEU B 248 -10.87 -15.39 13.93
N ALA B 249 -10.92 -14.42 14.82
CA ALA B 249 -11.96 -14.43 15.84
C ALA B 249 -12.14 -13.07 16.50
N ARG B 250 -13.08 -13.00 17.45
CA ARG B 250 -13.26 -11.74 18.20
C ARG B 250 -12.02 -11.50 19.07
N PRO B 251 -11.51 -10.31 19.04
CA PRO B 251 -10.33 -10.08 19.95
C PRO B 251 -10.75 -10.13 21.42
N GLN B 252 -9.88 -10.64 22.24
CA GLN B 252 -10.15 -10.82 23.63
C GLN B 252 -9.20 -9.88 24.43
N ARG B 253 -9.75 -9.10 25.39
CA ARG B 253 -8.92 -8.35 26.32
C ARG B 253 -8.34 -9.35 27.35
N PHE B 254 -7.01 -9.39 27.50
CA PHE B 254 -6.42 -10.27 28.51
C PHE B 254 -5.80 -9.55 29.74
N ALA B 255 -5.74 -8.26 29.80
CA ALA B 255 -5.25 -7.64 30.98
C ALA B 255 -5.53 -6.15 30.89
N GLN B 256 -5.72 -5.47 32.00
CA GLN B 256 -5.93 -4.03 32.04
C GLN B 256 -4.99 -3.51 33.11
N LEU B 257 -4.33 -2.40 32.83
CA LEU B 257 -3.41 -1.79 33.73
C LEU B 257 -3.93 -0.42 34.03
N GLU B 258 -4.32 -0.22 35.26
CA GLU B 258 -4.74 1.05 35.75
C GLU B 258 -3.52 1.59 36.39
N LEU B 259 -3.04 2.73 35.90
CA LEU B 259 -1.73 3.24 36.26
C LEU B 259 -1.64 3.81 37.69
N SER B 260 -2.76 4.12 38.32
CA SER B 260 -2.76 4.60 39.67
C SER B 260 -2.81 3.45 40.65
N ARG B 261 -3.08 2.27 40.16
CA ARG B 261 -3.17 1.09 40.99
C ARG B 261 -1.93 0.79 41.81
N ALA B 262 -2.12 0.78 43.10
CA ALA B 262 -1.04 0.46 43.99
C ALA B 262 -0.59 -0.95 43.77
N GLY B 263 0.69 -1.20 43.65
CA GLY B 263 1.15 -2.61 43.50
C GLY B 263 1.48 -3.04 42.08
N LEU B 264 1.13 -2.18 41.12
CA LEU B 264 1.31 -2.43 39.66
C LEU B 264 2.78 -2.66 39.34
N GLU B 265 3.62 -1.82 39.96
CA GLU B 265 5.11 -1.97 40.00
C GLU B 265 5.48 -3.45 40.12
N GLN B 266 5.01 -4.06 41.21
CA GLN B 266 5.33 -5.45 41.54
C GLN B 266 4.79 -6.39 40.51
N GLU B 267 3.57 -6.15 40.05
CA GLU B 267 2.98 -7.03 39.02
C GLU B 267 3.81 -7.03 37.72
N LEU B 268 4.27 -5.86 37.29
CA LEU B 268 4.98 -5.81 36.05
C LEU B 268 6.22 -6.71 36.18
N GLU B 269 6.82 -6.76 37.34
CA GLU B 269 8.02 -7.58 37.51
C GLU B 269 7.70 -9.04 37.53
N ALA B 270 6.68 -9.37 38.29
CA ALA B 270 6.17 -10.74 38.35
C ALA B 270 5.58 -11.27 37.03
N GLY B 271 5.00 -10.39 36.21
CA GLY B 271 4.38 -10.75 34.98
C GLY B 271 2.90 -10.28 34.90
N VAL B 272 2.48 -9.69 33.81
CA VAL B 272 1.05 -9.39 33.67
C VAL B 272 0.51 -10.22 32.47
N GLY B 273 -0.77 -10.61 32.65
CA GLY B 273 -1.56 -11.20 31.60
C GLY B 273 -2.77 -11.89 32.15
N GLY B 274 -3.21 -12.90 31.42
CA GLY B 274 -4.32 -13.65 31.88
C GLY B 274 -4.84 -14.61 30.85
N ARG B 275 -5.97 -15.21 31.25
CA ARG B 275 -6.53 -16.23 30.43
C ARG B 275 -7.37 -15.58 29.29
N PHE B 276 -7.61 -16.35 28.25
CA PHE B 276 -8.48 -15.96 27.16
C PHE B 276 -9.14 -17.18 26.49
N ARG B 277 -10.26 -16.88 25.82
CA ARG B 277 -10.87 -17.83 24.91
C ARG B 277 -11.68 -17.17 23.81
N CYS B 278 -11.82 -17.85 22.67
CA CYS B 278 -12.63 -17.39 21.55
C CYS B 278 -12.92 -18.49 20.59
N SER B 279 -13.83 -18.25 19.65
CA SER B 279 -14.09 -19.23 18.59
C SER B 279 -13.91 -18.67 17.22
N CYS B 280 -13.35 -19.51 16.38
CA CYS B 280 -12.89 -19.07 15.11
C CYS B 280 -14.08 -18.72 14.19
N TYR B 281 -13.89 -17.76 13.33
CA TYR B 281 -14.98 -17.37 12.41
C TYR B 281 -15.26 -18.35 11.27
N GLY B 282 -14.22 -19.12 10.90
CA GLY B 282 -14.26 -19.91 9.69
C GLY B 282 -12.97 -20.70 9.44
N SER B 283 -13.00 -21.46 8.36
CA SER B 283 -11.90 -22.33 7.97
C SER B 283 -10.65 -21.59 7.55
N ALA B 284 -9.50 -21.88 8.14
CA ALA B 284 -8.25 -21.25 7.73
C ALA B 284 -7.05 -21.92 8.42
N PRO B 285 -5.83 -21.75 7.85
CA PRO B 285 -4.63 -22.13 8.60
C PRO B 285 -4.30 -21.05 9.64
N MET B 286 -4.45 -21.47 10.88
CA MET B 286 -4.04 -20.66 12.01
C MET B 286 -2.51 -20.76 12.14
N HIS B 287 -1.87 -19.58 12.18
CA HIS B 287 -0.45 -19.40 12.33
C HIS B 287 -0.02 -19.03 13.72
N GLY B 288 -0.94 -18.54 14.55
CA GLY B 288 -0.69 -18.17 15.92
C GLY B 288 -1.62 -17.05 16.32
N PHE B 289 -1.05 -16.04 17.01
CA PHE B 289 -1.74 -14.99 17.69
C PHE B 289 -1.08 -13.67 17.46
N ALA B 290 -1.85 -12.60 17.50
CA ALA B 290 -1.31 -11.29 17.57
C ALA B 290 -1.75 -10.65 18.88
N ILE B 291 -0.87 -9.83 19.42
CA ILE B 291 -1.27 -8.98 20.51
C ILE B 291 -1.04 -7.50 20.17
N TRP B 292 -1.85 -6.67 20.83
CA TRP B 292 -1.77 -5.27 20.72
C TRP B 292 -2.32 -4.61 21.96
N PHE B 293 -2.37 -3.28 21.97
CA PHE B 293 -2.79 -2.61 23.17
C PHE B 293 -3.48 -1.31 22.73
N GLN B 294 -4.10 -0.69 23.71
CA GLN B 294 -4.56 0.67 23.62
C GLN B 294 -4.32 1.39 24.97
N VAL B 295 -4.16 2.68 24.93
CA VAL B 295 -4.18 3.55 26.14
C VAL B 295 -5.29 4.60 26.09
N THR B 296 -5.78 4.96 27.29
CA THR B 296 -6.88 5.88 27.47
C THR B 296 -6.49 7.09 28.26
N PHE B 297 -6.78 8.25 27.70
CA PHE B 297 -6.70 9.50 28.39
C PHE B 297 -8.11 9.84 28.85
N PRO B 298 -8.22 10.32 30.13
CA PRO B 298 -9.51 10.94 30.59
C PRO B 298 -10.00 12.03 29.62
N GLY B 299 -11.30 12.01 29.37
CA GLY B 299 -11.96 12.97 28.49
C GLY B 299 -11.85 14.35 29.06
N GLY B 300 -11.47 15.31 28.27
CA GLY B 300 -11.27 16.65 28.80
C GLY B 300 -12.52 17.44 28.77
N GLU B 301 -12.64 18.20 27.70
CA GLU B 301 -13.78 18.97 27.41
C GLU B 301 -14.81 17.94 26.96
N SER B 302 -14.40 16.85 26.32
CA SER B 302 -15.40 15.76 26.04
C SER B 302 -15.66 15.06 27.38
N GLU B 303 -16.79 14.38 27.54
CA GLU B 303 -16.91 13.56 28.77
C GLU B 303 -16.36 12.12 28.49
N LYS B 304 -16.57 11.64 27.26
CA LYS B 304 -16.01 10.34 26.81
C LYS B 304 -14.48 10.27 26.65
N PRO B 305 -13.89 9.14 27.10
CA PRO B 305 -12.41 9.06 27.04
C PRO B 305 -11.87 8.99 25.62
N LEU B 306 -10.62 9.45 25.48
CA LEU B 306 -9.88 9.44 24.23
C LEU B 306 -8.98 8.24 24.26
N VAL B 307 -9.14 7.34 23.28
CA VAL B 307 -8.47 6.06 23.21
C VAL B 307 -7.46 6.03 22.05
N LEU B 308 -6.19 5.68 22.40
CA LEU B 308 -5.11 5.52 21.43
C LEU B 308 -4.93 4.06 21.22
N SER B 309 -5.37 3.60 20.04
CA SER B 309 -5.44 2.16 19.77
C SER B 309 -4.38 1.74 18.75
N THR B 310 -3.84 0.54 18.90
CA THR B 310 -2.91 -0.07 17.95
C THR B 310 -3.51 -1.35 17.29
N SER B 311 -4.81 -1.39 17.23
CA SER B 311 -5.47 -2.55 16.74
C SER B 311 -5.29 -2.67 15.23
N PRO B 312 -5.26 -3.90 14.74
CA PRO B 312 -5.28 -4.15 13.27
C PRO B 312 -6.55 -3.74 12.52
N PHE B 313 -7.65 -3.48 13.25
CA PHE B 313 -8.89 -2.96 12.69
C PHE B 313 -8.89 -1.46 12.76
N HIS B 314 -7.87 -0.87 13.40
CA HIS B 314 -7.86 0.54 13.56
C HIS B 314 -6.73 1.14 12.71
N PRO B 315 -6.77 2.49 12.48
CA PRO B 315 -5.70 3.03 11.64
C PRO B 315 -4.27 2.68 12.17
N ALA B 316 -3.41 2.39 11.23
CA ALA B 316 -2.07 1.93 11.40
C ALA B 316 -1.28 2.87 12.37
N THR B 317 -0.47 2.29 13.22
CA THR B 317 0.52 3.07 14.03
C THR B 317 1.87 2.46 13.83
N HIS B 318 2.90 3.15 14.28
CA HIS B 318 4.29 2.65 14.18
C HIS B 318 4.47 1.42 15.12
N TRP B 319 3.58 1.23 16.08
CA TRP B 319 3.65 -0.01 16.92
C TRP B 319 3.22 -1.27 16.20
N LYS B 320 2.52 -1.13 15.11
CA LYS B 320 2.03 -2.28 14.46
C LYS B 320 1.32 -3.23 15.40
N GLN B 321 1.53 -4.52 15.24
CA GLN B 321 1.20 -5.49 16.29
C GLN B 321 2.38 -6.42 16.51
N ALA B 322 2.26 -7.21 17.56
CA ALA B 322 3.24 -8.17 17.97
C ALA B 322 2.69 -9.56 17.82
N LEU B 323 3.37 -10.37 17.00
CA LEU B 323 2.88 -11.70 16.54
C LEU B 323 3.62 -12.78 17.25
N LEU B 324 2.89 -13.82 17.58
CA LEU B 324 3.37 -15.02 18.32
C LEU B 324 3.04 -16.23 17.49
N TYR B 325 3.99 -16.71 16.68
CA TYR B 325 3.70 -17.78 15.78
C TYR B 325 3.81 -19.10 16.50
N LEU B 326 2.86 -19.98 16.14
CA LEU B 326 2.97 -21.39 16.46
C LEU B 326 4.14 -21.98 15.69
N ASN B 327 4.66 -23.15 16.07
CA ASN B 327 5.75 -23.71 15.36
C ASN B 327 5.37 -24.04 13.91
N GLU B 328 4.11 -24.37 13.66
CA GLU B 328 3.60 -24.67 12.30
C GLU B 328 2.07 -24.35 12.22
N PRO B 329 1.48 -24.26 11.00
CA PRO B 329 0.09 -23.85 10.90
C PRO B 329 -0.76 -25.00 11.47
N VAL B 330 -1.85 -24.64 12.09
CA VAL B 330 -2.94 -25.57 12.44
C VAL B 330 -4.18 -25.22 11.70
N GLN B 331 -4.88 -26.22 11.16
CA GLN B 331 -6.10 -25.94 10.44
C GLN B 331 -7.21 -25.74 11.42
N VAL B 332 -7.99 -24.66 11.33
CA VAL B 332 -9.20 -24.46 12.12
C VAL B 332 -10.49 -24.35 11.24
N GLU B 333 -11.67 -24.44 11.88
CA GLU B 333 -13.00 -24.48 11.22
C GLU B 333 -13.82 -23.41 11.90
N GLN B 334 -14.97 -23.06 11.32
CA GLN B 334 -15.94 -22.23 12.04
C GLN B 334 -16.30 -22.83 13.40
N ASP B 335 -16.27 -22.01 14.43
CA ASP B 335 -16.45 -22.46 15.83
C ASP B 335 -15.38 -23.30 16.52
N THR B 336 -14.22 -23.46 15.88
CA THR B 336 -13.09 -24.06 16.60
C THR B 336 -12.75 -23.20 17.81
N ASP B 337 -12.77 -23.78 18.99
CA ASP B 337 -12.40 -23.11 20.21
C ASP B 337 -10.88 -22.98 20.32
N VAL B 338 -10.45 -21.76 20.62
CA VAL B 338 -9.07 -21.44 20.87
C VAL B 338 -9.00 -20.81 22.22
N SER B 339 -8.19 -21.35 23.10
CA SER B 339 -8.12 -20.83 24.44
C SER B 339 -6.75 -20.97 24.98
N GLY B 340 -6.51 -20.32 26.11
CA GLY B 340 -5.17 -20.18 26.58
C GLY B 340 -4.94 -19.19 27.71
N GLU B 341 -3.63 -18.97 27.92
CA GLU B 341 -3.17 -18.06 28.98
C GLU B 341 -1.85 -17.45 28.51
N ILE B 342 -1.72 -16.16 28.71
CA ILE B 342 -0.50 -15.41 28.27
C ILE B 342 -0.03 -14.50 29.42
N THR B 343 1.29 -14.49 29.62
CA THR B 343 1.97 -13.68 30.63
C THR B 343 3.10 -12.89 29.87
N LEU B 344 3.11 -11.59 30.09
CA LEU B 344 4.13 -10.66 29.64
C LEU B 344 4.97 -10.28 30.85
N LEU B 345 6.26 -10.60 30.74
CA LEU B 345 7.24 -10.34 31.81
C LEU B 345 8.65 -9.95 31.24
N PRO B 346 9.55 -9.37 32.10
CA PRO B 346 10.95 -9.04 31.62
C PRO B 346 11.68 -10.30 31.31
N SER B 347 12.57 -10.27 30.32
CA SER B 347 13.51 -11.41 30.11
C SER B 347 14.47 -11.57 31.25
N ARG B 348 15.00 -12.76 31.31
CA ARG B 348 15.91 -13.16 32.39
C ARG B 348 17.21 -12.29 32.33
N ASP B 349 17.74 -12.15 31.14
CA ASP B 349 19.08 -11.60 31.01
C ASP B 349 19.03 -10.14 30.85
N ASN B 350 17.96 -9.67 30.24
CA ASN B 350 17.68 -8.26 30.10
C ASN B 350 16.28 -7.75 30.59
N PRO B 351 16.26 -6.97 31.69
CA PRO B 351 14.95 -6.59 32.16
C PRO B 351 14.18 -5.73 31.24
N ARG B 352 14.80 -5.09 30.25
CA ARG B 352 14.08 -4.24 29.30
C ARG B 352 13.52 -4.96 28.08
N ARG B 353 13.83 -6.22 27.97
CA ARG B 353 13.40 -7.04 26.86
C ARG B 353 12.12 -7.92 27.24
N LEU B 354 11.05 -7.70 26.53
CA LEU B 354 9.78 -8.41 26.68
C LEU B 354 9.88 -9.88 26.35
N ARG B 355 9.49 -10.65 27.35
CA ARG B 355 9.29 -12.09 27.24
C ARG B 355 7.79 -12.39 27.33
N VAL B 356 7.32 -13.35 26.54
CA VAL B 356 5.91 -13.87 26.53
C VAL B 356 5.92 -15.36 26.76
N LEU B 357 5.25 -15.82 27.83
CA LEU B 357 4.89 -17.22 28.12
C LEU B 357 3.46 -17.42 27.64
N LEU B 358 3.31 -18.34 26.66
CA LEU B 358 2.05 -18.68 26.11
C LEU B 358 1.74 -20.14 26.39
N ARG B 359 0.50 -20.39 26.82
CA ARG B 359 -0.09 -21.72 26.84
C ARG B 359 -1.37 -21.61 26.04
N TYR B 360 -1.69 -22.60 25.21
CA TYR B 360 -2.83 -22.49 24.30
C TYR B 360 -3.26 -23.86 23.84
N LYS B 361 -4.51 -23.93 23.41
CA LYS B 361 -5.14 -25.16 22.93
C LYS B 361 -6.12 -24.83 21.77
N VAL B 362 -5.94 -25.57 20.66
CA VAL B 362 -6.75 -25.34 19.45
C VAL B 362 -7.63 -26.54 19.24
N GLY B 363 -8.93 -26.34 19.50
CA GLY B 363 -9.92 -27.37 19.27
C GLY B 363 -9.57 -28.64 19.99
N ASP B 364 -9.52 -29.74 19.26
CA ASP B 364 -9.22 -31.04 19.80
C ASP B 364 -7.74 -31.32 20.05
N GLN B 365 -6.86 -30.44 19.61
CA GLN B 365 -5.42 -30.67 19.76
C GLN B 365 -5.08 -30.55 21.25
N GLU B 366 -4.11 -31.33 21.69
CA GLU B 366 -3.52 -31.17 23.01
C GLU B 366 -2.94 -29.76 23.24
N GLU B 367 -3.00 -29.38 24.50
CA GLU B 367 -2.52 -28.12 24.92
C GLU B 367 -0.99 -27.98 24.62
N LYS B 368 -0.56 -26.81 24.22
CA LYS B 368 0.84 -26.54 23.97
C LYS B 368 1.31 -25.33 24.67
N THR B 369 2.63 -25.29 24.75
CA THR B 369 3.38 -24.17 25.35
C THR B 369 4.40 -23.56 24.36
N LYS B 370 4.68 -22.26 24.49
CA LYS B 370 5.79 -21.66 23.74
C LYS B 370 6.14 -20.38 24.38
N ASP B 371 7.46 -20.14 24.44
CA ASP B 371 8.12 -19.12 25.26
C ASP B 371 8.79 -18.19 24.24
N PHE B 372 8.42 -16.93 24.15
CA PHE B 372 8.91 -16.02 23.12
C PHE B 372 9.74 -14.84 23.71
N ALA B 373 10.70 -14.28 22.97
CA ALA B 373 11.32 -13.01 23.34
C ALA B 373 11.37 -12.01 22.16
N MET B 374 11.29 -10.73 22.48
CA MET B 374 11.28 -9.72 21.46
C MET B 374 12.55 -9.72 20.58
N GLU B 375 12.32 -9.83 19.26
CA GLU B 375 13.30 -9.72 18.18
C GLU B 375 14.12 -8.52 18.55
N ASP B 376 15.40 -8.72 18.62
CA ASP B 376 16.27 -7.68 19.08
C ASP B 376 16.73 -7.16 17.73
N THR C 40 37.62 -13.71 15.29
CA THR C 40 38.48 -14.62 14.45
C THR C 40 37.92 -15.03 13.07
N LYS C 41 38.72 -15.77 12.29
CA LYS C 41 38.40 -16.17 10.90
C LYS C 41 37.27 -17.15 10.85
N ARG C 42 37.51 -18.25 11.52
CA ARG C 42 36.61 -19.27 12.06
C ARG C 42 35.23 -18.77 12.38
N GLU C 43 35.17 -17.81 13.28
CA GLU C 43 33.95 -17.30 13.85
C GLU C 43 33.23 -16.33 12.90
N ARG C 44 34.01 -15.55 12.13
CA ARG C 44 33.45 -14.55 11.16
C ARG C 44 32.79 -15.27 10.01
N ASP C 45 33.47 -16.33 9.59
CA ASP C 45 33.04 -17.19 8.52
C ASP C 45 31.81 -17.99 8.95
N GLN C 46 31.84 -18.58 10.10
CA GLN C 46 30.68 -19.31 10.57
C GLN C 46 29.41 -18.42 10.57
N LEU C 47 29.55 -17.18 11.05
CA LEU C 47 28.45 -16.22 11.10
C LEU C 47 28.06 -15.75 9.73
N TYR C 48 29.05 -15.57 8.81
CA TYR C 48 28.79 -15.26 7.41
C TYR C 48 27.91 -16.36 6.79
N TYR C 49 28.32 -17.61 6.89
CA TYR C 49 27.55 -18.72 6.28
C TYR C 49 26.18 -18.97 6.99
N GLU C 50 26.10 -18.65 8.28
CA GLU C 50 24.86 -18.75 9.02
CA GLU C 50 24.84 -18.87 8.95
C GLU C 50 23.76 -17.89 8.40
N CYS C 51 24.16 -16.71 7.91
CA CYS C 51 23.17 -15.76 7.38
C CYS C 51 22.47 -16.35 6.17
N TYR C 52 23.20 -17.14 5.36
CA TYR C 52 22.64 -17.90 4.22
C TYR C 52 21.94 -19.27 4.58
N SER C 53 21.96 -19.67 5.88
CA SER C 53 21.23 -20.87 6.30
C SER C 53 19.70 -20.62 6.40
N ASP C 54 19.25 -19.38 6.39
CA ASP C 54 17.86 -19.07 6.59
C ASP C 54 17.09 -18.82 5.23
N VAL C 55 15.80 -19.15 5.20
CA VAL C 55 14.99 -19.07 3.98
C VAL C 55 14.85 -17.63 3.37
N SER C 56 14.91 -16.58 4.18
CA SER C 56 14.50 -15.26 3.76
C SER C 56 15.39 -14.65 2.67
N VAL C 57 16.69 -14.76 2.85
CA VAL C 57 17.68 -14.30 1.89
C VAL C 57 17.52 -15.03 0.57
N HIS C 58 17.32 -16.35 0.61
CA HIS C 58 17.09 -17.09 -0.61
C HIS C 58 15.82 -16.71 -1.32
N GLU C 59 14.82 -16.39 -0.54
CA GLU C 59 13.50 -15.95 -1.04
C GLU C 59 13.69 -14.66 -1.74
N GLU C 60 14.39 -13.78 -1.10
CA GLU C 60 14.63 -12.45 -1.72
C GLU C 60 15.41 -12.61 -3.01
N MET C 61 16.42 -13.46 -3.02
CA MET C 61 17.28 -13.59 -4.23
C MET C 61 16.49 -14.17 -5.44
N ILE C 62 15.68 -15.23 -5.18
CA ILE C 62 15.02 -15.95 -6.19
C ILE C 62 13.85 -15.11 -6.62
N ALA C 63 13.30 -14.27 -5.74
CA ALA C 63 12.17 -13.44 -6.17
C ALA C 63 12.68 -12.23 -6.87
N ASP C 64 14.00 -11.94 -6.84
CA ASP C 64 14.54 -10.96 -7.75
C ASP C 64 14.49 -11.53 -9.17
N ARG C 65 13.50 -11.16 -9.96
CA ARG C 65 13.41 -11.71 -11.36
C ARG C 65 14.53 -11.19 -12.29
N VAL C 66 14.93 -9.93 -12.10
CA VAL C 66 16.03 -9.36 -12.87
C VAL C 66 17.29 -10.22 -12.69
N ARG C 67 17.69 -10.41 -11.43
CA ARG C 67 18.84 -11.30 -11.13
C ARG C 67 18.71 -12.73 -11.72
N THR C 68 17.65 -13.38 -11.30
CA THR C 68 17.43 -14.77 -11.55
C THR C 68 17.08 -15.07 -13.02
N ASP C 69 16.30 -14.21 -13.67
CA ASP C 69 16.24 -14.33 -15.13
C ASP C 69 17.54 -14.09 -15.92
N ALA C 70 18.41 -13.18 -15.44
CA ALA C 70 19.64 -12.91 -16.12
C ALA C 70 20.48 -14.14 -16.04
N TYR C 71 20.55 -14.76 -14.86
CA TYR C 71 21.31 -16.02 -14.72
C TYR C 71 20.71 -17.08 -15.62
N ARG C 72 19.41 -17.24 -15.59
CA ARG C 72 18.80 -18.38 -16.28
C ARG C 72 19.08 -18.24 -17.80
N LEU C 73 18.72 -17.09 -18.39
CA LEU C 73 18.98 -16.78 -19.80
C LEU C 73 20.52 -16.71 -20.12
N GLY C 74 21.29 -16.18 -19.15
CA GLY C 74 22.76 -16.08 -19.30
C GLY C 74 23.36 -17.48 -19.46
N ILE C 75 22.85 -18.37 -18.63
CA ILE C 75 23.25 -19.77 -18.70
C ILE C 75 22.75 -20.48 -20.00
N LEU C 76 21.45 -20.41 -20.25
CA LEU C 76 20.83 -21.17 -21.33
C LEU C 76 21.32 -20.65 -22.67
N ARG C 77 21.58 -19.34 -22.81
CA ARG C 77 22.29 -18.81 -24.03
C ARG C 77 23.64 -19.53 -24.33
N ASN C 78 24.31 -20.06 -23.29
CA ASN C 78 25.62 -20.70 -23.45
C ASN C 78 25.57 -22.21 -23.55
N TRP C 79 24.48 -22.71 -24.06
CA TRP C 79 24.30 -24.13 -24.22
C TRP C 79 25.44 -24.75 -25.02
N ALA C 80 25.98 -24.07 -26.05
CA ALA C 80 27.02 -24.74 -26.87
C ALA C 80 28.32 -24.98 -26.09
N ALA C 81 28.67 -24.05 -25.20
CA ALA C 81 29.78 -24.19 -24.29
C ALA C 81 29.49 -25.08 -23.04
N LEU C 82 28.22 -25.23 -22.63
CA LEU C 82 27.94 -26.08 -21.47
C LEU C 82 27.56 -27.51 -21.79
N ARG C 83 27.14 -27.77 -23.01
CA ARG C 83 26.69 -29.10 -23.40
C ARG C 83 27.72 -30.20 -23.30
N GLY C 84 27.37 -31.25 -22.59
CA GLY C 84 28.27 -32.35 -22.33
C GLY C 84 29.45 -32.04 -21.44
N LYS C 85 29.50 -30.84 -20.87
CA LYS C 85 30.64 -30.38 -20.05
C LYS C 85 30.33 -30.42 -18.58
N THR C 86 31.38 -30.16 -17.78
CA THR C 86 31.29 -30.14 -16.34
C THR C 86 31.38 -28.71 -15.76
N VAL C 87 30.50 -28.42 -14.80
CA VAL C 87 30.37 -27.08 -14.25
C VAL C 87 30.62 -27.11 -12.73
N LEU C 88 31.23 -26.06 -12.23
CA LEU C 88 31.30 -25.83 -10.76
C LEU C 88 30.48 -24.57 -10.45
N ASP C 89 29.47 -24.75 -9.57
CA ASP C 89 28.63 -23.67 -9.03
C ASP C 89 29.18 -23.32 -7.68
N VAL C 90 29.72 -22.11 -7.61
CA VAL C 90 30.36 -21.64 -6.39
C VAL C 90 29.28 -20.93 -5.53
N GLY C 91 28.93 -21.56 -4.44
CA GLY C 91 27.85 -21.06 -3.56
C GLY C 91 26.50 -21.39 -4.12
N ALA C 92 26.20 -22.67 -4.18
CA ALA C 92 25.02 -23.11 -4.90
C ALA C 92 23.72 -22.68 -4.21
N GLY C 93 23.78 -22.43 -2.90
CA GLY C 93 22.59 -21.96 -2.16
C GLY C 93 21.53 -23.03 -2.26
N THR C 94 20.37 -22.68 -2.85
CA THR C 94 19.25 -23.60 -3.08
C THR C 94 19.41 -24.57 -4.27
N GLY C 95 20.45 -24.40 -5.08
CA GLY C 95 20.77 -25.29 -6.14
C GLY C 95 20.29 -24.80 -7.49
N ILE C 96 19.58 -23.67 -7.49
CA ILE C 96 18.93 -23.13 -8.66
C ILE C 96 19.82 -22.96 -9.92
N LEU C 97 20.99 -22.34 -9.78
CA LEU C 97 21.88 -22.13 -10.89
C LEU C 97 22.44 -23.43 -11.39
N SER C 98 22.84 -24.33 -10.49
CA SER C 98 23.29 -25.67 -10.90
C SER C 98 22.28 -26.37 -11.83
N ILE C 99 21.00 -26.18 -11.51
CA ILE C 99 19.92 -26.77 -12.26
C ILE C 99 19.75 -26.13 -13.64
N PHE C 100 19.96 -24.82 -13.74
CA PHE C 100 19.85 -24.15 -15.02
C PHE C 100 20.96 -24.71 -15.86
N CYS C 101 22.12 -24.98 -15.25
CA CYS C 101 23.23 -25.55 -16.00
C CYS C 101 22.90 -26.93 -16.47
N ALA C 102 22.24 -27.73 -15.62
CA ALA C 102 21.73 -29.05 -16.15
C ALA C 102 20.79 -28.87 -17.35
N GLN C 103 19.83 -27.97 -17.19
CA GLN C 103 18.90 -27.67 -18.26
C GLN C 103 19.64 -27.29 -19.52
N ALA C 104 20.81 -26.60 -19.43
CA ALA C 104 21.54 -26.14 -20.60
C ALA C 104 22.28 -27.25 -21.30
N GLY C 105 22.44 -28.40 -20.65
CA GLY C 105 23.08 -29.57 -21.22
C GLY C 105 24.27 -30.13 -20.49
N ALA C 106 24.66 -29.55 -19.36
CA ALA C 106 25.89 -29.97 -18.65
C ALA C 106 25.83 -31.42 -18.23
N ARG C 107 26.80 -32.22 -18.62
CA ARG C 107 26.83 -33.67 -18.22
C ARG C 107 26.85 -33.87 -16.70
N ARG C 108 27.48 -32.91 -16.00
CA ARG C 108 27.80 -33.02 -14.58
C ARG C 108 28.08 -31.62 -13.97
N VAL C 109 27.37 -31.28 -12.89
CA VAL C 109 27.56 -30.01 -12.18
C VAL C 109 27.87 -30.26 -10.67
N TYR C 110 28.82 -29.52 -10.12
CA TYR C 110 29.25 -29.65 -8.75
C TYR C 110 28.74 -28.40 -8.06
N ALA C 111 27.76 -28.60 -7.20
CA ALA C 111 27.06 -27.58 -6.47
C ALA C 111 27.65 -27.50 -5.06
N VAL C 112 28.57 -26.55 -4.87
CA VAL C 112 29.35 -26.47 -3.63
C VAL C 112 28.77 -25.35 -2.77
N GLU C 113 28.62 -25.61 -1.49
CA GLU C 113 27.94 -24.66 -0.61
C GLU C 113 28.31 -24.89 0.85
N ALA C 114 28.77 -23.82 1.48
CA ALA C 114 29.33 -23.88 2.80
C ALA C 114 28.25 -23.65 3.90
N SER C 115 27.18 -22.96 3.58
CA SER C 115 26.10 -22.74 4.54
C SER C 115 25.29 -24.04 4.69
N ALA C 116 24.59 -24.25 5.82
CA ALA C 116 23.68 -25.39 6.01
C ALA C 116 22.56 -25.49 4.92
N ILE C 117 22.30 -24.39 4.25
CA ILE C 117 21.50 -24.42 3.05
C ILE C 117 21.85 -25.50 1.99
N TRP C 118 23.08 -26.06 1.99
CA TRP C 118 23.36 -27.16 1.08
C TRP C 118 22.39 -28.39 1.22
N GLN C 119 21.76 -28.54 2.39
CA GLN C 119 20.78 -29.61 2.60
C GLN C 119 19.51 -29.40 1.78
N GLN C 120 19.10 -28.14 1.72
CA GLN C 120 17.99 -27.76 0.88
C GLN C 120 18.25 -27.95 -0.64
N ALA C 121 19.44 -27.54 -1.12
CA ALA C 121 19.87 -27.83 -2.48
C ALA C 121 19.87 -29.31 -2.82
N ARG C 122 20.41 -30.14 -1.94
CA ARG C 122 20.38 -31.56 -2.15
C ARG C 122 18.91 -31.99 -2.29
N GLU C 123 18.09 -31.55 -1.38
CA GLU C 123 16.68 -31.85 -1.52
C GLU C 123 16.09 -31.32 -2.86
N VAL C 124 16.34 -30.08 -3.22
CA VAL C 124 15.81 -29.54 -4.46
C VAL C 124 16.28 -30.37 -5.74
N VAL C 125 17.55 -30.72 -5.83
CA VAL C 125 18.13 -31.43 -6.97
C VAL C 125 17.43 -32.77 -7.11
N ARG C 126 17.32 -33.47 -5.96
CA ARG C 126 16.63 -34.77 -5.84
C ARG C 126 15.16 -34.64 -6.29
N PHE C 127 14.51 -33.56 -5.84
CA PHE C 127 13.10 -33.39 -6.11
C PHE C 127 12.79 -33.13 -7.60
N ASN C 128 13.77 -32.58 -8.29
CA ASN C 128 13.75 -32.29 -9.71
C ASN C 128 14.42 -33.40 -10.56
N GLY C 129 14.70 -34.56 -9.95
CA GLY C 129 15.26 -35.71 -10.67
C GLY C 129 16.68 -35.67 -11.26
N LEU C 130 17.56 -34.95 -10.58
CA LEU C 130 18.87 -34.61 -11.13
C LEU C 130 19.99 -35.05 -10.26
N GLU C 131 19.73 -35.97 -9.34
CA GLU C 131 20.76 -36.40 -8.40
C GLU C 131 21.92 -37.09 -9.10
N ASP C 132 21.72 -37.61 -10.33
CA ASP C 132 22.79 -38.27 -11.03
C ASP C 132 23.69 -37.33 -11.90
N ARG C 133 23.22 -36.13 -12.21
CA ARG C 133 23.96 -35.13 -12.97
C ARG C 133 24.50 -33.99 -12.09
N VAL C 134 23.84 -33.69 -10.94
CA VAL C 134 24.15 -32.55 -10.12
C VAL C 134 24.48 -33.05 -8.74
N HIS C 135 25.70 -32.77 -8.28
CA HIS C 135 26.21 -33.37 -7.04
C HIS C 135 26.41 -32.21 -6.09
N VAL C 136 25.68 -32.19 -4.99
CA VAL C 136 25.82 -31.12 -3.97
C VAL C 136 26.91 -31.49 -2.98
N LEU C 137 27.91 -30.59 -2.85
CA LEU C 137 29.03 -30.83 -1.94
C LEU C 137 29.07 -29.80 -0.84
N PRO C 138 28.92 -30.21 0.40
CA PRO C 138 28.94 -29.18 1.44
C PRO C 138 30.36 -28.69 1.70
N GLY C 139 30.50 -27.47 2.17
CA GLY C 139 31.77 -26.95 2.63
C GLY C 139 32.21 -25.74 1.83
N PRO C 140 33.20 -25.01 2.35
CA PRO C 140 33.85 -23.95 1.52
C PRO C 140 34.42 -24.49 0.24
N VAL C 141 34.33 -23.65 -0.76
CA VAL C 141 34.93 -23.96 -2.08
C VAL C 141 36.48 -24.09 -2.02
N GLU C 142 37.09 -23.41 -1.06
CA GLU C 142 38.50 -23.39 -0.84
C GLU C 142 39.08 -24.74 -0.37
N THR C 143 38.27 -25.58 0.31
CA THR C 143 38.76 -26.85 0.83
C THR C 143 38.07 -28.04 0.25
N VAL C 144 37.07 -27.84 -0.64
CA VAL C 144 36.37 -28.99 -1.23
C VAL C 144 37.16 -29.89 -2.21
N GLU C 145 36.88 -31.18 -2.17
CA GLU C 145 37.57 -32.19 -2.98
C GLU C 145 36.70 -32.48 -4.20
N LEU C 146 36.96 -31.86 -5.33
CA LEU C 146 36.29 -32.32 -6.54
C LEU C 146 37.01 -33.51 -7.14
N PRO C 147 36.27 -34.42 -7.77
CA PRO C 147 36.97 -35.53 -8.36
C PRO C 147 37.71 -35.14 -9.65
N GLU C 148 37.48 -33.96 -10.20
CA GLU C 148 38.02 -33.59 -11.52
C GLU C 148 38.06 -32.09 -11.66
N GLN C 149 38.88 -31.63 -12.58
CA GLN C 149 38.83 -30.22 -12.92
C GLN C 149 37.62 -29.99 -13.82
N VAL C 150 37.19 -28.72 -13.88
CA VAL C 150 35.95 -28.41 -14.59
C VAL C 150 36.12 -27.49 -15.77
N ASP C 151 35.15 -27.52 -16.68
CA ASP C 151 35.13 -26.69 -17.86
C ASP C 151 34.61 -25.28 -17.62
N ALA C 152 33.76 -25.11 -16.62
CA ALA C 152 33.16 -23.82 -16.41
C ALA C 152 32.86 -23.61 -14.98
N ILE C 153 32.68 -22.35 -14.67
CA ILE C 153 32.21 -21.92 -13.40
C ILE C 153 31.08 -20.91 -13.54
N VAL C 154 30.06 -21.12 -12.72
CA VAL C 154 28.94 -20.22 -12.56
C VAL C 154 28.88 -19.80 -11.11
N SER C 155 28.60 -18.53 -10.85
CA SER C 155 28.40 -18.11 -9.48
C SER C 155 27.66 -16.80 -9.41
N GLU C 156 26.73 -16.66 -8.43
CA GLU C 156 26.20 -15.36 -8.07
C GLU C 156 26.79 -14.99 -6.74
N TRP C 157 27.86 -14.16 -6.83
CA TRP C 157 28.79 -13.91 -5.75
C TRP C 157 28.78 -12.42 -5.41
N MET C 158 27.90 -11.65 -6.03
CA MET C 158 27.98 -10.19 -5.88
C MET C 158 27.29 -9.74 -4.61
N GLY C 159 27.93 -8.88 -3.84
CA GLY C 159 27.34 -8.29 -2.66
C GLY C 159 26.92 -6.88 -3.00
N TYR C 160 26.39 -6.19 -1.97
CA TYR C 160 26.10 -4.80 -2.04
C TYR C 160 27.37 -4.06 -2.40
N GLY C 161 27.25 -3.02 -3.21
CA GLY C 161 28.39 -2.33 -3.81
C GLY C 161 29.31 -3.29 -4.55
N LEU C 162 28.77 -4.35 -5.20
CA LEU C 162 29.52 -5.47 -5.77
C LEU C 162 30.38 -6.37 -4.84
N LEU C 163 31.25 -5.76 -4.03
CA LEU C 163 32.33 -6.50 -3.39
C LEU C 163 32.20 -6.77 -1.90
N HIS C 164 31.18 -6.21 -1.23
CA HIS C 164 30.80 -6.57 0.11
C HIS C 164 30.58 -8.05 0.16
N GLU C 165 31.13 -8.67 1.21
CA GLU C 165 31.13 -10.09 1.47
C GLU C 165 32.44 -10.70 1.03
N SER C 166 33.19 -10.01 0.14
CA SER C 166 34.36 -10.59 -0.60
C SER C 166 34.21 -12.01 -1.14
N MET C 167 33.04 -12.37 -1.63
CA MET C 167 32.93 -13.68 -2.19
C MET C 167 33.77 -13.85 -3.47
N LEU C 168 34.15 -12.77 -4.14
CA LEU C 168 34.99 -12.86 -5.35
C LEU C 168 36.31 -13.56 -5.08
N SER C 169 36.84 -13.40 -3.86
CA SER C 169 38.00 -14.17 -3.41
C SER C 169 37.82 -15.66 -3.62
N SER C 170 36.67 -16.16 -3.22
CA SER C 170 36.37 -17.58 -3.25
C SER C 170 36.23 -18.08 -4.65
N VAL C 171 35.53 -17.32 -5.46
CA VAL C 171 35.36 -17.64 -6.84
C VAL C 171 36.73 -17.70 -7.56
N LEU C 172 37.58 -16.68 -7.31
CA LEU C 172 38.85 -16.62 -7.98
C LEU C 172 39.75 -17.74 -7.45
N HIS C 173 39.56 -18.13 -6.20
CA HIS C 173 40.33 -19.27 -5.70
C HIS C 173 39.93 -20.57 -6.42
N ALA C 174 38.64 -20.72 -6.65
CA ALA C 174 38.11 -21.84 -7.43
C ALA C 174 38.58 -21.86 -8.86
N ARG C 175 38.54 -20.72 -9.52
CA ARG C 175 39.02 -20.69 -10.91
C ARG C 175 40.46 -21.15 -10.99
N THR C 176 41.31 -20.55 -10.16
CA THR C 176 42.72 -20.88 -10.13
C THR C 176 42.93 -22.34 -9.83
N LYS C 177 42.08 -22.96 -9.01
CA LYS C 177 42.30 -24.33 -8.60
C LYS C 177 41.57 -25.35 -9.46
N TRP C 178 40.40 -24.99 -9.96
CA TRP C 178 39.53 -26.01 -10.53
C TRP C 178 39.15 -25.83 -11.98
N LEU C 179 39.31 -24.61 -12.52
CA LEU C 179 38.96 -24.35 -13.90
C LEU C 179 40.12 -24.77 -14.84
N LYS C 180 39.76 -25.60 -15.80
CA LYS C 180 40.64 -25.95 -16.89
C LYS C 180 41.04 -24.67 -17.59
N GLU C 181 42.27 -24.70 -18.07
CA GLU C 181 42.77 -23.75 -18.99
C GLU C 181 41.79 -23.48 -20.10
N GLY C 182 41.51 -22.21 -20.35
CA GLY C 182 40.52 -21.85 -21.34
C GLY C 182 39.08 -22.01 -20.84
N GLY C 183 38.84 -22.37 -19.58
CA GLY C 183 37.48 -22.57 -19.07
C GLY C 183 36.56 -21.36 -19.10
N LEU C 184 35.26 -21.60 -19.01
CA LEU C 184 34.26 -20.55 -19.02
C LEU C 184 33.92 -20.03 -17.60
N LEU C 185 33.63 -18.73 -17.50
CA LEU C 185 33.14 -18.10 -16.28
C LEU C 185 31.86 -17.40 -16.58
N LEU C 186 30.85 -17.65 -15.76
CA LEU C 186 29.54 -17.02 -15.85
C LEU C 186 29.20 -16.36 -14.51
N PRO C 187 29.00 -15.06 -14.48
CA PRO C 187 29.40 -14.10 -15.54
C PRO C 187 30.91 -13.98 -15.79
N ALA C 188 31.24 -13.45 -16.99
CA ALA C 188 32.64 -13.26 -17.41
C ALA C 188 33.29 -12.02 -16.77
N SER C 189 32.48 -10.99 -16.48
CA SER C 189 32.95 -9.66 -16.13
C SER C 189 31.95 -8.86 -15.30
N ALA C 190 32.44 -7.78 -14.68
CA ALA C 190 31.68 -6.85 -13.83
C ALA C 190 32.26 -5.46 -14.00
N GLU C 191 31.43 -4.46 -13.83
CA GLU C 191 31.82 -3.07 -14.03
C GLU C 191 31.22 -2.25 -12.92
N LEU C 192 31.94 -1.24 -12.46
CA LEU C 192 31.46 -0.39 -11.32
C LEU C 192 31.20 1.05 -11.77
N PHE C 193 30.11 1.67 -11.40
CA PHE C 193 29.82 3.06 -11.81
C PHE C 193 29.59 3.96 -10.63
N ILE C 194 29.69 5.27 -10.84
CA ILE C 194 29.47 6.19 -9.74
C ILE C 194 28.79 7.39 -10.32
N VAL C 195 28.02 8.14 -9.53
CA VAL C 195 27.40 9.38 -9.99
C VAL C 195 26.95 10.21 -8.83
N PRO C 196 27.05 11.53 -8.95
CA PRO C 196 26.48 12.26 -7.88
C PRO C 196 24.92 12.13 -7.91
N ILE C 197 24.32 12.42 -6.74
CA ILE C 197 22.86 12.28 -6.52
C ILE C 197 22.28 13.36 -5.63
N SER C 198 21.00 13.64 -5.83
CA SER C 198 20.16 14.35 -4.88
C SER C 198 19.10 13.33 -4.54
N ASP C 199 19.28 12.62 -3.44
CA ASP C 199 18.33 11.63 -2.88
C ASP C 199 17.06 12.31 -2.45
N GLN C 200 16.03 12.16 -3.23
CA GLN C 200 14.74 12.76 -2.86
C GLN C 200 14.11 12.29 -1.52
N MET C 201 14.12 10.99 -1.19
CA MET C 201 13.63 10.53 0.10
C MET C 201 14.37 11.34 1.13
N LEU C 202 15.69 11.39 0.99
CA LEU C 202 16.56 12.02 2.06
C LEU C 202 16.14 13.49 2.27
N GLU C 203 15.92 14.15 1.17
CA GLU C 203 15.50 15.54 1.22
C GLU C 203 14.14 15.72 1.90
N TRP C 204 13.15 14.89 1.56
CA TRP C 204 11.89 14.93 2.39
CA TRP C 204 11.90 14.91 2.26
C TRP C 204 12.17 14.69 3.76
N ARG C 205 13.04 13.77 4.13
CA ARG C 205 13.29 13.50 5.56
C ARG C 205 13.95 14.64 6.31
N LEU C 206 14.83 15.36 5.63
CA LEU C 206 15.46 16.58 6.13
C LEU C 206 14.46 17.69 6.28
N GLY C 207 13.55 17.81 5.33
CA GLY C 207 12.51 18.81 5.38
C GLY C 207 11.40 18.46 6.31
N PHE C 208 11.35 17.22 6.83
CA PHE C 208 10.29 16.79 7.75
C PHE C 208 10.07 17.77 8.91
N TRP C 209 11.18 18.22 9.51
CA TRP C 209 11.11 18.98 10.76
C TRP C 209 10.51 20.38 10.56
N SER C 210 10.66 20.91 9.36
CA SER C 210 9.99 22.11 8.92
C SER C 210 8.51 21.91 8.65
N GLN C 211 7.99 20.68 8.54
CA GLN C 211 6.56 20.42 8.38
C GLN C 211 5.82 20.27 9.69
N VAL C 212 6.54 20.13 10.80
CA VAL C 212 5.86 19.81 12.06
C VAL C 212 4.99 20.97 12.49
N LYS C 213 5.37 22.18 12.17
CA LYS C 213 4.48 23.26 12.55
C LYS C 213 3.06 23.18 12.01
N GLN C 214 2.94 22.79 10.76
CA GLN C 214 1.69 22.80 10.08
C GLN C 214 0.82 21.69 10.56
N HIS C 215 1.44 20.55 10.86
CA HIS C 215 0.74 19.32 11.31
C HIS C 215 0.25 19.32 12.79
N TYR C 216 1.02 19.97 13.68
CA TYR C 216 0.86 19.86 15.17
C TYR C 216 0.98 21.18 15.93
N GLY C 217 1.23 22.25 15.24
CA GLY C 217 1.44 23.52 15.89
C GLY C 217 2.72 23.67 16.73
N VAL C 218 3.80 22.99 16.41
CA VAL C 218 5.04 23.21 17.16
C VAL C 218 6.14 23.37 16.12
N ASP C 219 6.90 24.46 16.21
CA ASP C 219 7.88 24.77 15.19
C ASP C 219 9.06 23.98 15.57
N MET C 220 9.38 22.93 14.81
CA MET C 220 10.59 22.14 15.00
C MET C 220 11.58 22.28 13.89
N SER C 221 11.53 23.39 13.16
CA SER C 221 12.38 23.53 12.00
C SER C 221 13.89 23.67 12.40
N CYS C 222 14.14 24.10 13.64
CA CYS C 222 15.49 24.14 14.20
C CYS C 222 16.22 22.77 14.25
N LEU C 223 15.49 21.67 14.13
CA LEU C 223 16.12 20.40 14.16
C LEU C 223 16.72 19.96 12.85
N GLU C 224 16.66 20.81 11.83
CA GLU C 224 17.21 20.46 10.52
C GLU C 224 18.74 20.07 10.52
N GLY C 225 19.58 20.85 11.23
CA GLY C 225 20.98 20.49 11.34
C GLY C 225 21.18 19.17 12.09
N PHE C 226 20.53 19.02 13.26
CA PHE C 226 20.58 17.72 13.98
C PHE C 226 20.20 16.57 13.01
N ALA C 227 19.15 16.73 12.22
CA ALA C 227 18.74 15.60 11.37
C ALA C 227 19.81 15.36 10.26
N THR C 228 20.41 16.46 9.79
CA THR C 228 21.54 16.38 8.83
C THR C 228 22.76 15.66 9.40
N ARG C 229 23.18 16.05 10.60
CA ARG C 229 24.28 15.26 11.29
C ARG C 229 23.98 13.80 11.35
N CYS C 230 22.72 13.47 11.71
CA CYS C 230 22.36 12.07 11.97
C CYS C 230 22.31 11.31 10.67
N LEU C 231 21.72 11.88 9.64
CA LEU C 231 21.42 11.09 8.43
C LEU C 231 22.58 11.12 7.41
N MET C 232 23.35 12.21 7.37
CA MET C 232 24.51 12.35 6.43
C MET C 232 25.92 12.36 7.06
N GLY C 233 25.98 12.72 8.33
CA GLY C 233 27.26 12.92 9.00
C GLY C 233 27.93 11.67 9.43
N HIS C 234 27.28 10.53 9.33
CA HIS C 234 27.95 9.28 9.72
C HIS C 234 28.89 8.80 8.55
N SER C 235 29.54 7.67 8.76
CA SER C 235 30.52 7.07 7.83
C SER C 235 30.16 5.67 7.28
N GLU C 236 28.86 5.42 7.14
CA GLU C 236 28.29 4.14 6.73
C GLU C 236 27.81 4.23 5.31
N ILE C 237 27.95 3.14 4.55
CA ILE C 237 27.49 3.13 3.18
C ILE C 237 26.04 2.71 3.35
N VAL C 238 25.12 3.43 2.71
CA VAL C 238 23.69 3.20 2.91
C VAL C 238 23.13 2.54 1.65
N VAL C 239 22.50 1.38 1.86
CA VAL C 239 21.88 0.68 0.77
C VAL C 239 20.47 1.20 0.59
N GLN C 240 20.26 1.85 -0.53
CA GLN C 240 18.93 2.46 -0.87
C GLN C 240 18.67 2.44 -2.35
N GLY C 241 17.38 2.37 -2.73
CA GLY C 241 16.97 2.32 -4.10
C GLY C 241 16.72 3.76 -4.59
N LEU C 242 17.41 4.19 -5.65
CA LEU C 242 17.12 5.46 -6.32
C LEU C 242 16.43 5.19 -7.62
N SER C 243 15.80 6.23 -8.16
CA SER C 243 15.41 6.36 -9.57
C SER C 243 16.32 7.36 -10.29
N GLY C 244 16.10 7.45 -11.60
CA GLY C 244 16.69 8.37 -12.49
C GLY C 244 16.61 9.80 -12.05
N GLU C 245 15.48 10.22 -11.45
CA GLU C 245 15.37 11.62 -11.00
C GLU C 245 16.29 11.93 -9.84
N ASP C 246 16.79 10.94 -9.16
CA ASP C 246 17.81 11.22 -8.13
C ASP C 246 19.23 11.48 -8.65
N VAL C 247 19.45 11.14 -9.91
CA VAL C 247 20.75 11.17 -10.53
C VAL C 247 21.06 12.49 -11.28
N LEU C 248 22.15 13.11 -10.82
CA LEU C 248 22.49 14.51 -11.22
C LEU C 248 23.42 14.67 -12.41
N ALA C 249 23.99 13.57 -12.88
CA ALA C 249 24.93 13.66 -14.01
C ALA C 249 24.92 12.35 -14.74
N ARG C 250 25.70 12.30 -15.81
CA ARG C 250 25.86 11.11 -16.56
C ARG C 250 26.74 10.16 -15.70
N PRO C 251 26.25 8.96 -15.45
CA PRO C 251 27.11 8.03 -14.65
C PRO C 251 28.51 7.70 -15.29
N GLN C 252 29.53 7.49 -14.45
CA GLN C 252 30.88 7.18 -14.93
C GLN C 252 31.33 5.85 -14.47
N ARG C 253 31.82 5.06 -15.38
CA ARG C 253 32.47 3.81 -15.09
C ARG C 253 33.82 4.06 -14.37
N PHE C 254 34.07 3.42 -13.21
CA PHE C 254 35.33 3.67 -12.50
C PHE C 254 36.25 2.44 -12.37
N ALA C 255 35.76 1.30 -12.79
CA ALA C 255 36.53 0.10 -12.74
C ALA C 255 35.86 -0.92 -13.56
N GLN C 256 36.68 -1.78 -14.14
CA GLN C 256 36.25 -2.95 -14.87
C GLN C 256 37.08 -4.19 -14.38
N LEU C 257 36.39 -5.29 -14.11
CA LEU C 257 36.98 -6.54 -13.67
C LEU C 257 36.78 -7.60 -14.74
N GLU C 258 37.88 -7.89 -15.44
CA GLU C 258 37.93 -8.98 -16.32
C GLU C 258 38.24 -10.25 -15.48
N LEU C 259 37.25 -11.12 -15.29
CA LEU C 259 37.36 -12.20 -14.30
C LEU C 259 38.31 -13.32 -14.75
N SER C 260 38.42 -13.50 -16.05
CA SER C 260 39.38 -14.42 -16.66
C SER C 260 40.81 -13.96 -16.48
N ARG C 261 41.04 -12.69 -16.31
CA ARG C 261 42.38 -12.20 -16.18
C ARG C 261 43.19 -12.78 -15.09
N ALA C 262 43.94 -13.84 -15.41
CA ALA C 262 44.85 -14.42 -14.45
C ALA C 262 45.77 -13.27 -14.00
N GLY C 263 45.84 -13.09 -12.71
CA GLY C 263 46.59 -12.00 -12.16
C GLY C 263 45.62 -11.21 -11.32
N LEU C 264 44.33 -11.30 -11.65
CA LEU C 264 43.28 -10.59 -10.92
C LEU C 264 43.21 -10.81 -9.42
N GLU C 265 43.37 -12.02 -8.92
CA GLU C 265 43.15 -12.20 -7.48
C GLU C 265 44.19 -11.50 -6.64
N GLN C 266 45.46 -11.78 -7.02
CA GLN C 266 46.59 -11.12 -6.41
C GLN C 266 46.36 -9.61 -6.61
N GLU C 267 46.22 -9.17 -7.88
CA GLU C 267 45.86 -7.76 -8.22
C GLU C 267 44.80 -7.11 -7.27
N LEU C 268 43.75 -7.86 -7.03
CA LEU C 268 42.61 -7.32 -6.30
C LEU C 268 42.86 -7.12 -4.80
N GLU C 269 44.03 -7.52 -4.26
CA GLU C 269 44.24 -7.31 -2.80
C GLU C 269 44.41 -5.80 -2.36
N ALA C 270 45.06 -5.05 -3.22
CA ALA C 270 45.05 -3.57 -3.20
C ALA C 270 43.69 -2.84 -3.10
N GLY C 271 42.61 -3.47 -3.52
CA GLY C 271 41.39 -2.73 -3.71
C GLY C 271 41.24 -2.43 -5.18
N VAL C 272 40.12 -1.82 -5.57
CA VAL C 272 39.89 -1.39 -6.95
C VAL C 272 39.21 -0.08 -7.01
N GLY C 273 39.51 0.66 -8.07
CA GLY C 273 38.84 1.92 -8.28
C GLY C 273 39.56 2.79 -9.21
N GLY C 274 39.42 4.09 -9.05
CA GLY C 274 40.00 5.05 -9.98
C GLY C 274 39.34 6.41 -9.94
N ARG C 275 39.79 7.31 -10.80
CA ARG C 275 39.36 8.70 -10.86
C ARG C 275 38.11 8.82 -11.74
N PHE C 276 37.35 9.87 -11.58
CA PHE C 276 36.11 10.05 -12.34
C PHE C 276 35.89 11.54 -12.40
N ARG C 277 35.12 11.92 -13.39
CA ARG C 277 34.76 13.28 -13.62
C ARG C 277 33.38 13.28 -14.29
N CYS C 278 32.53 14.24 -13.93
CA CYS C 278 31.25 14.49 -14.62
C CYS C 278 30.71 15.88 -14.37
N SER C 279 29.70 16.29 -15.15
CA SER C 279 29.02 17.59 -15.06
C SER C 279 27.55 17.50 -14.68
N CYS C 280 27.11 18.40 -13.81
CA CYS C 280 25.76 18.30 -13.30
C CYS C 280 24.73 18.83 -14.37
N TYR C 281 23.55 18.19 -14.38
CA TYR C 281 22.39 18.54 -15.23
C TYR C 281 21.66 19.82 -14.89
N GLY C 282 21.52 20.17 -13.64
CA GLY C 282 20.69 21.29 -13.29
C GLY C 282 20.81 21.57 -11.82
N SER C 283 19.91 22.42 -11.34
CA SER C 283 19.97 22.92 -10.02
C SER C 283 19.52 21.83 -9.09
N ALA C 284 20.26 21.54 -8.00
CA ALA C 284 19.83 20.53 -7.02
C ALA C 284 20.64 20.57 -5.78
N PRO C 285 20.04 20.23 -4.64
CA PRO C 285 20.88 19.93 -3.49
C PRO C 285 21.50 18.54 -3.67
N MET C 286 22.80 18.46 -3.96
CA MET C 286 23.54 17.18 -4.02
C MET C 286 23.77 16.61 -2.64
N HIS C 287 23.56 15.31 -2.48
CA HIS C 287 23.73 14.66 -1.17
C HIS C 287 24.98 13.78 -1.09
N GLY C 288 25.53 13.42 -2.22
CA GLY C 288 26.66 12.50 -2.27
C GLY C 288 26.64 11.75 -3.58
N PHE C 289 27.01 10.49 -3.54
CA PHE C 289 27.24 9.67 -4.69
C PHE C 289 26.50 8.32 -4.55
N ALA C 290 26.01 7.73 -5.65
CA ALA C 290 25.57 6.33 -5.65
C ALA C 290 26.61 5.60 -6.42
N ILE C 291 26.95 4.38 -5.99
CA ILE C 291 27.62 3.45 -6.82
C ILE C 291 26.79 2.18 -6.99
N TRP C 292 27.05 1.51 -8.09
CA TRP C 292 26.39 0.25 -8.44
C TRP C 292 27.22 -0.47 -9.53
N PHE C 293 26.73 -1.61 -9.99
CA PHE C 293 27.45 -2.48 -10.86
C PHE C 293 26.52 -3.14 -11.83
N GLN C 294 27.13 -3.66 -12.87
CA GLN C 294 26.55 -4.65 -13.74
C GLN C 294 27.51 -5.81 -13.89
N VAL C 295 26.98 -7.00 -14.20
CA VAL C 295 27.79 -8.08 -14.66
C VAL C 295 27.31 -8.51 -16.01
N THR C 296 28.20 -9.18 -16.77
CA THR C 296 27.91 -9.54 -18.16
C THR C 296 28.22 -10.98 -18.43
N PHE C 297 27.26 -11.67 -19.06
CA PHE C 297 27.43 -13.07 -19.52
C PHE C 297 27.89 -13.07 -20.96
N PRO C 298 28.71 -14.03 -21.39
CA PRO C 298 28.96 -14.13 -22.84
C PRO C 298 27.72 -14.49 -23.66
N GLY C 299 27.74 -14.11 -24.91
CA GLY C 299 26.64 -14.41 -25.78
C GLY C 299 26.88 -15.79 -26.29
N GLY C 300 25.93 -16.32 -27.00
CA GLY C 300 26.11 -17.63 -27.58
C GLY C 300 26.86 -17.41 -28.86
N GLU C 301 26.42 -16.38 -29.55
CA GLU C 301 26.86 -15.97 -30.86
C GLU C 301 25.92 -16.73 -31.75
N SER C 302 24.67 -16.41 -31.46
CA SER C 302 23.42 -16.83 -32.04
C SER C 302 22.55 -15.96 -31.10
N GLU C 303 23.27 -15.30 -30.20
CA GLU C 303 22.71 -14.41 -29.25
C GLU C 303 23.73 -13.26 -29.34
N LYS C 304 24.01 -12.63 -28.21
CA LYS C 304 24.93 -11.48 -27.98
C LYS C 304 24.97 -11.27 -26.41
N PRO C 305 25.89 -10.42 -25.87
CA PRO C 305 26.13 -10.48 -24.39
C PRO C 305 24.96 -9.98 -23.59
N LEU C 306 24.56 -10.76 -22.58
CA LEU C 306 23.54 -10.37 -21.62
C LEU C 306 24.13 -9.69 -20.36
N VAL C 307 23.56 -8.53 -20.04
CA VAL C 307 24.03 -7.69 -18.96
C VAL C 307 23.02 -7.58 -17.80
N LEU C 308 23.45 -7.96 -16.59
CA LEU C 308 22.64 -7.81 -15.45
C LEU C 308 23.01 -6.50 -14.81
N SER C 309 22.13 -5.52 -14.77
CA SER C 309 22.47 -4.19 -14.26
C SER C 309 21.72 -3.88 -12.95
N THR C 310 22.33 -3.06 -12.11
CA THR C 310 21.71 -2.59 -10.88
C THR C 310 21.63 -1.11 -10.82
N SER C 311 21.63 -0.52 -11.99
CA SER C 311 21.56 0.88 -12.12
C SER C 311 20.19 1.41 -11.67
N PRO C 312 20.17 2.63 -11.14
CA PRO C 312 18.90 3.24 -10.80
C PRO C 312 18.03 3.58 -12.02
N PHE C 313 18.59 3.53 -13.22
CA PHE C 313 17.84 3.83 -14.43
C PHE C 313 17.16 2.61 -14.97
N HIS C 314 17.60 1.44 -14.51
CA HIS C 314 17.19 0.20 -15.00
C HIS C 314 16.28 -0.47 -13.93
N PRO C 315 15.56 -1.52 -14.32
CA PRO C 315 14.65 -2.15 -13.36
C PRO C 315 15.32 -2.57 -11.99
N ALA C 316 14.60 -2.28 -10.92
CA ALA C 316 15.07 -2.52 -9.59
C ALA C 316 15.48 -4.00 -9.39
N THR C 317 16.50 -4.18 -8.54
CA THR C 317 16.94 -5.49 -8.09
C THR C 317 17.10 -5.37 -6.59
N HIS C 318 17.32 -6.49 -5.95
CA HIS C 318 17.52 -6.51 -4.53
C HIS C 318 18.87 -5.86 -4.08
N TRP C 319 19.83 -5.70 -4.95
CA TRP C 319 21.00 -4.91 -4.60
C TRP C 319 20.78 -3.41 -4.37
N LYS C 320 19.70 -2.86 -4.92
CA LYS C 320 19.51 -1.41 -4.96
C LYS C 320 20.82 -0.74 -5.43
N GLN C 321 21.24 0.32 -4.75
CA GLN C 321 22.53 0.99 -4.98
C GLN C 321 23.08 1.27 -3.66
N ALA C 322 24.39 1.49 -3.64
CA ALA C 322 25.11 1.79 -2.44
C ALA C 322 25.40 3.31 -2.44
N LEU C 323 25.05 4.04 -1.41
CA LEU C 323 25.06 5.44 -1.37
C LEU C 323 26.16 5.95 -0.39
N LEU C 324 26.85 7.02 -0.84
CA LEU C 324 27.98 7.65 -0.17
C LEU C 324 27.62 9.08 0.09
N TYR C 325 27.08 9.35 1.26
CA TYR C 325 26.67 10.69 1.60
C TYR C 325 27.87 11.56 2.09
N LEU C 326 27.84 12.81 1.62
CA LEU C 326 28.68 13.88 2.16
C LEU C 326 28.14 14.24 3.51
N ASN C 327 28.97 14.93 4.28
CA ASN C 327 28.48 15.36 5.57
C ASN C 327 27.18 16.23 5.61
N GLU C 328 26.93 16.96 4.55
CA GLU C 328 25.83 17.90 4.45
C GLU C 328 25.65 18.20 2.98
N PRO C 329 24.47 18.72 2.57
CA PRO C 329 24.24 18.98 1.17
C PRO C 329 25.14 20.03 0.60
N VAL C 330 25.38 19.94 -0.69
CA VAL C 330 25.97 21.00 -1.48
C VAL C 330 25.07 21.32 -2.73
N GLN C 331 24.69 22.59 -2.86
CA GLN C 331 23.89 23.04 -3.96
C GLN C 331 24.76 23.01 -5.21
N VAL C 332 24.30 22.28 -6.21
CA VAL C 332 24.85 22.34 -7.54
C VAL C 332 23.91 22.99 -8.57
N GLU C 333 24.53 23.34 -9.71
CA GLU C 333 23.92 23.96 -10.90
C GLU C 333 24.27 23.20 -12.15
N GLN C 334 23.55 23.55 -13.19
CA GLN C 334 23.84 23.00 -14.45
C GLN C 334 25.35 23.23 -14.72
N ASP C 335 26.03 22.20 -15.19
CA ASP C 335 27.47 22.28 -15.62
C ASP C 335 28.53 22.34 -14.50
N THR C 336 28.10 22.24 -13.25
CA THR C 336 29.00 22.14 -12.11
C THR C 336 29.78 20.85 -12.26
N ASP C 337 31.08 21.02 -12.16
CA ASP C 337 32.01 19.92 -12.21
C ASP C 337 32.15 19.22 -10.88
N VAL C 338 32.04 17.90 -10.93
CA VAL C 338 32.17 17.05 -9.79
C VAL C 338 33.22 16.05 -10.22
N SER C 339 34.27 15.91 -9.44
CA SER C 339 35.33 14.98 -9.76
C SER C 339 35.83 14.36 -8.47
N GLY C 340 36.62 13.30 -8.58
CA GLY C 340 37.08 12.64 -7.44
C GLY C 340 37.80 11.34 -7.76
N GLU C 341 38.06 10.57 -6.71
CA GLU C 341 38.75 9.30 -6.88
C GLU C 341 38.20 8.39 -5.80
N ILE C 342 38.07 7.12 -6.14
CA ILE C 342 37.42 6.21 -5.26
C ILE C 342 38.12 4.90 -5.20
N THR C 343 38.22 4.33 -3.99
CA THR C 343 38.77 2.95 -3.83
C THR C 343 37.88 2.07 -2.98
N LEU C 344 37.57 0.89 -3.49
CA LEU C 344 36.80 -0.08 -2.74
C LEU C 344 37.80 -1.09 -2.29
N LEU C 345 37.89 -1.33 -0.97
CA LEU C 345 38.80 -2.33 -0.38
C LEU C 345 38.19 -3.10 0.84
N PRO C 346 38.73 -4.28 1.18
CA PRO C 346 38.44 -4.92 2.49
C PRO C 346 38.79 -3.99 3.66
N SER C 347 37.86 -3.82 4.59
CA SER C 347 38.09 -3.30 5.94
C SER C 347 39.23 -4.00 6.65
N ARG C 348 39.87 -3.27 7.55
CA ARG C 348 41.02 -3.79 8.35
C ARG C 348 40.65 -5.03 9.19
N ASP C 349 39.60 -4.84 9.97
CA ASP C 349 39.11 -5.79 10.99
C ASP C 349 38.26 -6.95 10.46
N ASN C 350 37.71 -6.77 9.25
CA ASN C 350 36.89 -7.81 8.66
C ASN C 350 37.02 -7.81 7.15
N PRO C 351 37.77 -8.77 6.61
CA PRO C 351 38.00 -8.78 5.14
C PRO C 351 36.73 -8.96 4.26
N ARG C 352 35.63 -9.53 4.82
CA ARG C 352 34.34 -9.55 4.13
C ARG C 352 33.58 -8.23 4.14
N ARG C 353 33.95 -7.26 5.00
CA ARG C 353 33.25 -6.00 5.08
C ARG C 353 33.79 -4.90 4.12
N LEU C 354 32.93 -4.28 3.34
CA LEU C 354 33.39 -3.37 2.28
C LEU C 354 33.69 -1.99 2.82
N ARG C 355 34.86 -1.51 2.53
CA ARG C 355 35.30 -0.16 2.83
C ARG C 355 35.43 0.69 1.55
N VAL C 356 35.05 1.94 1.63
CA VAL C 356 35.16 2.85 0.51
C VAL C 356 35.93 4.08 0.93
N LEU C 357 37.00 4.35 0.18
CA LEU C 357 37.75 5.63 0.31
C LEU C 357 37.38 6.56 -0.87
N LEU C 358 36.94 7.78 -0.53
CA LEU C 358 36.53 8.79 -1.48
C LEU C 358 37.23 10.11 -1.23
N ARG C 359 37.79 10.66 -2.32
CA ARG C 359 38.21 12.06 -2.40
C ARG C 359 37.26 12.66 -3.43
N TYR C 360 36.82 13.87 -3.20
CA TYR C 360 35.89 14.43 -4.14
C TYR C 360 35.98 15.93 -4.08
N LYS C 361 35.55 16.53 -5.17
CA LYS C 361 35.54 17.93 -5.32
C LYS C 361 34.24 18.41 -6.04
N VAL C 362 33.51 19.31 -5.40
CA VAL C 362 32.30 19.83 -5.96
C VAL C 362 32.48 21.31 -6.30
N GLY C 363 32.55 21.63 -7.59
CA GLY C 363 32.58 22.99 -8.05
C GLY C 363 33.88 23.57 -7.59
N ASP C 364 33.81 24.78 -7.04
CA ASP C 364 34.94 25.56 -6.53
C ASP C 364 35.12 25.37 -5.03
N GLN C 365 34.37 24.47 -4.44
CA GLN C 365 34.68 24.03 -3.10
C GLN C 365 36.02 23.23 -3.12
N GLU C 366 36.73 23.36 -2.01
CA GLU C 366 37.97 22.65 -1.81
C GLU C 366 37.71 21.15 -1.84
N GLU C 367 38.71 20.39 -2.28
CA GLU C 367 38.68 18.94 -2.21
C GLU C 367 38.48 18.36 -0.79
N LYS C 368 37.74 17.25 -0.70
CA LYS C 368 37.57 16.59 0.60
C LYS C 368 37.57 15.11 0.50
N THR C 369 37.73 14.48 1.63
CA THR C 369 37.91 13.07 1.78
C THR C 369 36.84 12.57 2.73
N LYS C 370 36.35 11.38 2.51
CA LYS C 370 35.50 10.69 3.46
C LYS C 370 35.69 9.20 3.28
N ASP C 371 35.76 8.51 4.40
CA ASP C 371 36.09 7.07 4.51
C ASP C 371 34.85 6.30 5.06
N PHE C 372 34.29 5.45 4.23
CA PHE C 372 33.03 4.80 4.55
C PHE C 372 33.21 3.33 4.78
N ALA C 373 32.28 2.74 5.49
CA ALA C 373 32.26 1.30 5.62
C ALA C 373 30.82 0.75 5.56
N MET C 374 30.70 -0.41 4.98
CA MET C 374 29.41 -1.03 4.84
C MET C 374 28.67 -1.31 6.13
N GLU C 375 27.49 -0.74 6.09
CA GLU C 375 26.36 -0.84 6.97
C GLU C 375 26.33 -2.28 7.55
N ASP C 376 26.52 -2.42 8.84
CA ASP C 376 26.53 -3.73 9.40
C ASP C 376 25.04 -4.15 9.69
N ARG D 39 -28.75 18.26 -23.16
CA ARG D 39 -27.42 18.72 -23.43
C ARG D 39 -27.29 20.16 -23.92
N THR D 40 -28.10 21.02 -23.35
CA THR D 40 -28.05 22.43 -23.55
C THR D 40 -26.89 22.87 -22.63
N LYS D 41 -26.34 24.06 -22.83
CA LYS D 41 -25.28 24.61 -22.04
C LYS D 41 -25.68 24.81 -20.60
N ARG D 42 -26.85 25.36 -20.42
CA ARG D 42 -27.40 25.46 -19.09
C ARG D 42 -27.47 24.13 -18.35
N GLU D 43 -28.10 23.14 -18.99
CA GLU D 43 -28.23 21.80 -18.43
C GLU D 43 -26.85 21.28 -18.11
N ARG D 44 -25.90 21.35 -19.06
CA ARG D 44 -24.59 20.78 -18.73
C ARG D 44 -23.90 21.53 -17.57
N ASP D 45 -24.08 22.85 -17.47
CA ASP D 45 -23.52 23.66 -16.41
C ASP D 45 -24.12 23.25 -15.08
N GLN D 46 -25.42 23.02 -15.12
CA GLN D 46 -26.07 22.68 -13.91
C GLN D 46 -25.69 21.22 -13.39
N LEU D 47 -25.48 20.23 -14.27
CA LEU D 47 -24.96 18.88 -13.83
C LEU D 47 -23.53 18.92 -13.25
N TYR D 48 -22.67 19.74 -13.86
CA TYR D 48 -21.32 19.97 -13.39
C TYR D 48 -21.30 20.56 -11.98
N TYR D 49 -22.04 21.65 -11.77
CA TYR D 49 -22.14 22.25 -10.41
C TYR D 49 -22.68 21.27 -9.32
N GLU D 50 -23.72 20.53 -9.71
CA GLU D 50 -24.30 19.54 -8.85
CA GLU D 50 -24.33 19.46 -8.91
C GLU D 50 -23.31 18.43 -8.42
N CYS D 51 -22.27 18.17 -9.22
CA CYS D 51 -21.21 17.25 -8.79
C CYS D 51 -20.55 17.74 -7.48
N TYR D 52 -20.49 19.07 -7.29
CA TYR D 52 -19.88 19.63 -6.12
C TYR D 52 -20.83 19.86 -4.98
N SER D 53 -22.08 19.43 -5.09
CA SER D 53 -23.02 19.71 -4.06
C SER D 53 -23.08 18.60 -2.99
N ASP D 54 -22.37 17.50 -3.22
CA ASP D 54 -22.21 16.36 -2.29
C ASP D 54 -20.89 16.43 -1.46
N VAL D 55 -20.96 15.87 -0.25
CA VAL D 55 -19.81 15.95 0.66
C VAL D 55 -18.52 15.22 0.17
N SER D 56 -18.65 14.15 -0.62
CA SER D 56 -17.52 13.26 -0.82
C SER D 56 -16.34 13.87 -1.50
N VAL D 57 -16.56 14.81 -2.44
CA VAL D 57 -15.47 15.47 -3.16
C VAL D 57 -14.78 16.46 -2.31
N HIS D 58 -15.54 17.15 -1.51
CA HIS D 58 -14.96 18.14 -0.56
C HIS D 58 -14.14 17.45 0.55
N GLU D 59 -14.60 16.28 0.99
CA GLU D 59 -13.86 15.45 1.93
C GLU D 59 -12.49 15.15 1.30
N GLU D 60 -12.54 14.78 0.00
CA GLU D 60 -11.36 14.28 -0.76
C GLU D 60 -10.38 15.44 -0.96
N MET D 61 -10.91 16.62 -1.32
CA MET D 61 -10.05 17.75 -1.53
C MET D 61 -9.30 18.09 -0.24
N ILE D 62 -10.09 18.30 0.79
CA ILE D 62 -9.62 18.73 2.07
C ILE D 62 -8.77 17.68 2.77
N ALA D 63 -8.98 16.40 2.50
CA ALA D 63 -8.14 15.32 3.06
C ALA D 63 -6.84 15.22 2.30
N ASP D 64 -6.83 15.75 1.09
CA ASP D 64 -5.58 15.95 0.37
C ASP D 64 -4.63 17.00 1.04
N ARG D 65 -3.79 16.53 1.96
CA ARG D 65 -2.94 17.46 2.67
C ARG D 65 -1.98 18.25 1.78
N VAL D 66 -1.41 17.55 0.83
CA VAL D 66 -0.49 18.20 -0.08
C VAL D 66 -1.17 19.41 -0.73
N ARG D 67 -2.38 19.23 -1.24
CA ARG D 67 -3.09 20.31 -1.88
C ARG D 67 -3.50 21.39 -0.95
N THR D 68 -4.10 21.02 0.15
CA THR D 68 -4.65 21.96 1.07
C THR D 68 -3.64 22.83 1.80
N ASP D 69 -2.54 22.23 2.18
CA ASP D 69 -1.43 22.96 2.77
C ASP D 69 -0.76 23.87 1.77
N ALA D 70 -0.52 23.41 0.55
CA ALA D 70 0.09 24.31 -0.43
C ALA D 70 -0.76 25.59 -0.50
N TYR D 71 -2.09 25.47 -0.45
CA TYR D 71 -2.89 26.65 -0.47
C TYR D 71 -2.77 27.43 0.80
N ARG D 72 -2.83 26.78 1.97
CA ARG D 72 -2.77 27.46 3.24
C ARG D 72 -1.48 28.18 3.34
N LEU D 73 -0.37 27.51 3.08
CA LEU D 73 0.97 28.13 3.19
C LEU D 73 1.15 29.21 2.10
N GLY D 74 0.63 28.93 0.91
CA GLY D 74 0.80 29.85 -0.24
C GLY D 74 0.11 31.17 0.00
N ILE D 75 -1.06 31.11 0.57
CA ILE D 75 -1.80 32.29 1.01
C ILE D 75 -1.08 33.00 2.18
N LEU D 76 -0.77 32.26 3.25
CA LEU D 76 -0.16 32.88 4.42
C LEU D 76 1.15 33.60 4.17
N ARG D 77 1.98 33.05 3.30
CA ARG D 77 3.18 33.76 2.86
C ARG D 77 2.93 35.04 2.05
N ASN D 78 1.75 35.19 1.43
CA ASN D 78 1.44 36.47 0.76
C ASN D 78 0.66 37.41 1.65
N TRP D 79 0.71 37.15 2.96
CA TRP D 79 0.18 38.03 3.97
C TRP D 79 0.45 39.51 3.69
N ALA D 80 1.63 39.79 3.15
CA ALA D 80 2.03 41.18 2.91
C ALA D 80 1.03 41.80 1.94
N ALA D 81 0.88 41.21 0.76
CA ALA D 81 -0.01 41.81 -0.25
C ALA D 81 -1.52 41.60 0.04
N LEU D 82 -1.85 40.78 1.04
CA LEU D 82 -3.25 40.50 1.40
C LEU D 82 -3.78 41.37 2.53
N ARG D 83 -2.91 41.63 3.54
CA ARG D 83 -3.33 42.23 4.81
C ARG D 83 -4.11 43.51 4.54
N GLY D 84 -5.36 43.57 5.01
CA GLY D 84 -6.26 44.68 4.72
C GLY D 84 -6.79 44.83 3.28
N LYS D 85 -6.44 43.90 2.38
CA LYS D 85 -6.80 44.01 0.98
C LYS D 85 -8.03 43.14 0.78
N THR D 86 -8.53 43.09 -0.45
CA THR D 86 -9.75 42.35 -0.82
C THR D 86 -9.54 41.18 -1.80
N VAL D 87 -10.37 40.16 -1.64
CA VAL D 87 -10.08 38.85 -2.19
C VAL D 87 -11.37 38.26 -2.74
N LEU D 88 -11.26 37.70 -3.94
CA LEU D 88 -12.29 36.95 -4.57
C LEU D 88 -11.76 35.55 -4.63
N ASP D 89 -12.51 34.60 -4.03
CA ASP D 89 -12.20 33.17 -4.04
C ASP D 89 -13.12 32.57 -5.11
N VAL D 90 -12.57 32.17 -6.25
CA VAL D 90 -13.42 31.71 -7.34
C VAL D 90 -13.78 30.26 -7.08
N GLY D 91 -15.04 30.00 -6.75
CA GLY D 91 -15.48 28.61 -6.52
C GLY D 91 -15.07 28.16 -5.13
N ALA D 92 -15.71 28.75 -4.17
CA ALA D 92 -15.27 28.67 -2.80
C ALA D 92 -15.55 27.29 -2.19
N GLY D 93 -16.49 26.48 -2.73
CA GLY D 93 -16.79 25.16 -2.19
C GLY D 93 -17.32 25.26 -0.76
N THR D 94 -16.81 24.41 0.14
CA THR D 94 -17.03 24.56 1.57
C THR D 94 -16.50 25.87 2.23
N GLY D 95 -15.74 26.70 1.50
CA GLY D 95 -15.24 27.99 2.03
C GLY D 95 -13.88 27.97 2.69
N ILE D 96 -13.28 26.80 2.72
CA ILE D 96 -11.97 26.67 3.35
C ILE D 96 -10.93 27.73 2.92
N LEU D 97 -10.72 27.89 1.61
CA LEU D 97 -9.67 28.79 1.17
C LEU D 97 -9.98 30.21 1.53
N SER D 98 -11.27 30.59 1.57
CA SER D 98 -11.67 31.97 1.95
C SER D 98 -11.38 32.28 3.42
N ILE D 99 -11.48 31.26 4.24
CA ILE D 99 -11.10 31.38 5.65
C ILE D 99 -9.59 31.51 5.81
N PHE D 100 -8.83 30.69 5.10
CA PHE D 100 -7.38 30.96 5.05
C PHE D 100 -6.96 32.41 4.73
N CYS D 101 -7.65 33.02 3.76
CA CYS D 101 -7.36 34.40 3.37
C CYS D 101 -7.63 35.39 4.49
N ALA D 102 -8.78 35.22 5.15
CA ALA D 102 -9.08 35.99 6.36
C ALA D 102 -8.01 35.81 7.44
N GLN D 103 -7.58 34.57 7.66
CA GLN D 103 -6.42 34.27 8.52
C GLN D 103 -5.12 34.94 8.13
N ALA D 104 -4.88 35.11 6.84
CA ALA D 104 -3.75 35.90 6.34
C ALA D 104 -3.85 37.41 6.50
N GLY D 105 -5.00 37.91 6.95
CA GLY D 105 -5.18 39.36 7.21
C GLY D 105 -6.08 40.16 6.25
N ALA D 106 -6.68 39.54 5.21
CA ALA D 106 -7.63 40.28 4.32
C ALA D 106 -8.79 40.92 5.10
N ARG D 107 -9.14 42.15 4.73
CA ARG D 107 -10.24 42.88 5.35
C ARG D 107 -11.56 42.26 4.90
N ARG D 108 -11.68 41.89 3.61
CA ARG D 108 -12.95 41.29 3.06
C ARG D 108 -12.67 40.27 1.93
N VAL D 109 -13.46 39.17 1.93
CA VAL D 109 -13.38 38.05 0.99
C VAL D 109 -14.76 37.74 0.42
N TYR D 110 -14.85 37.63 -0.90
CA TYR D 110 -16.04 37.20 -1.63
C TYR D 110 -15.92 35.72 -2.05
N ALA D 111 -16.68 34.90 -1.37
CA ALA D 111 -16.66 33.48 -1.56
C ALA D 111 -17.69 33.12 -2.61
N VAL D 112 -17.32 33.17 -3.89
CA VAL D 112 -18.31 32.89 -4.96
C VAL D 112 -18.40 31.38 -5.35
N GLU D 113 -19.62 30.83 -5.38
CA GLU D 113 -19.79 29.43 -5.64
C GLU D 113 -21.16 29.09 -6.25
N ALA D 114 -21.14 28.30 -7.32
CA ALA D 114 -22.34 28.00 -8.17
C ALA D 114 -23.06 26.74 -7.74
N SER D 115 -22.36 25.85 -7.07
CA SER D 115 -22.96 24.63 -6.53
C SER D 115 -23.73 24.98 -5.28
N ALA D 116 -24.79 24.21 -5.00
CA ALA D 116 -25.53 24.26 -3.75
C ALA D 116 -24.65 24.15 -2.45
N ILE D 117 -23.38 23.78 -2.59
CA ILE D 117 -22.44 23.74 -1.47
C ILE D 117 -22.16 25.09 -0.90
N TRP D 118 -22.54 26.17 -1.60
CA TRP D 118 -22.46 27.50 -1.03
C TRP D 118 -23.14 27.66 0.33
N GLN D 119 -24.17 26.87 0.54
CA GLN D 119 -24.92 26.93 1.78
C GLN D 119 -24.14 26.35 2.96
N GLN D 120 -23.40 25.28 2.69
CA GLN D 120 -22.47 24.73 3.63
C GLN D 120 -21.35 25.73 3.90
N ALA D 121 -20.85 26.36 2.85
CA ALA D 121 -19.85 27.36 3.03
C ALA D 121 -20.36 28.44 3.94
N ARG D 122 -21.60 28.87 3.74
CA ARG D 122 -22.15 29.93 4.56
C ARG D 122 -22.15 29.60 6.04
N GLU D 123 -22.40 28.34 6.34
CA GLU D 123 -22.45 27.83 7.71
C GLU D 123 -21.11 27.82 8.35
N VAL D 124 -20.11 27.37 7.58
CA VAL D 124 -18.72 27.31 8.07
C VAL D 124 -18.21 28.71 8.41
N VAL D 125 -18.54 29.69 7.57
CA VAL D 125 -18.19 31.06 7.87
C VAL D 125 -18.89 31.64 9.15
N ARG D 126 -20.21 31.48 9.26
CA ARG D 126 -20.92 31.89 10.47
C ARG D 126 -20.35 31.18 11.76
N PHE D 127 -20.14 29.86 11.67
CA PHE D 127 -19.59 29.05 12.75
C PHE D 127 -18.20 29.47 13.24
N ASN D 128 -17.34 29.86 12.32
CA ASN D 128 -16.01 30.37 12.65
C ASN D 128 -16.03 31.89 12.97
N GLY D 129 -17.21 32.46 13.15
CA GLY D 129 -17.40 33.86 13.52
C GLY D 129 -17.00 34.90 12.51
N LEU D 130 -17.14 34.62 11.21
CA LEU D 130 -16.50 35.45 10.18
C LEU D 130 -17.45 36.11 9.15
N GLU D 131 -18.76 36.03 9.38
CA GLU D 131 -19.72 36.56 8.39
C GLU D 131 -19.55 38.05 8.06
N ASP D 132 -18.91 38.78 8.95
CA ASP D 132 -18.56 40.17 8.69
C ASP D 132 -17.48 40.32 7.59
N ARG D 133 -16.48 39.43 7.56
CA ARG D 133 -15.32 39.56 6.66
C ARG D 133 -15.37 38.63 5.46
N VAL D 134 -16.12 37.53 5.55
CA VAL D 134 -16.28 36.58 4.44
C VAL D 134 -17.75 36.50 4.05
N HIS D 135 -18.01 36.98 2.81
CA HIS D 135 -19.36 37.01 2.20
C HIS D 135 -19.51 35.90 1.13
N VAL D 136 -20.40 34.94 1.38
CA VAL D 136 -20.67 33.86 0.42
C VAL D 136 -21.61 34.36 -0.65
N LEU D 137 -21.22 34.24 -1.93
CA LEU D 137 -22.16 34.59 -3.00
C LEU D 137 -22.58 33.39 -3.87
N PRO D 138 -23.90 33.14 -3.95
CA PRO D 138 -24.33 31.99 -4.79
C PRO D 138 -24.21 32.24 -6.30
N GLY D 139 -24.04 31.18 -7.04
CA GLY D 139 -24.10 31.23 -8.46
C GLY D 139 -22.78 31.42 -9.15
N PRO D 140 -22.80 31.44 -10.50
CA PRO D 140 -21.60 31.53 -11.31
C PRO D 140 -20.83 32.84 -11.15
N VAL D 141 -19.50 32.69 -11.16
CA VAL D 141 -18.63 33.84 -11.11
C VAL D 141 -18.80 34.75 -12.31
N GLU D 142 -19.18 34.18 -13.47
CA GLU D 142 -19.39 34.94 -14.75
C GLU D 142 -20.48 36.00 -14.73
N THR D 143 -21.54 35.73 -13.92
CA THR D 143 -22.67 36.65 -13.68
C THR D 143 -22.82 37.26 -12.22
N VAL D 144 -21.94 36.91 -11.29
CA VAL D 144 -22.10 37.43 -9.92
C VAL D 144 -21.73 38.90 -9.87
N GLU D 145 -22.39 39.65 -8.97
CA GLU D 145 -22.25 41.10 -8.88
C GLU D 145 -21.63 41.43 -7.53
N LEU D 146 -20.38 41.84 -7.55
CA LEU D 146 -19.65 42.20 -6.34
C LEU D 146 -19.76 43.70 -6.25
N PRO D 147 -19.63 44.27 -5.03
CA PRO D 147 -19.81 45.70 -4.97
C PRO D 147 -18.54 46.48 -5.35
N GLU D 148 -17.44 45.81 -5.70
CA GLU D 148 -16.13 46.44 -5.92
C GLU D 148 -15.13 45.54 -6.63
N GLN D 149 -14.02 46.13 -7.04
CA GLN D 149 -12.89 45.39 -7.60
C GLN D 149 -12.10 44.73 -6.49
N VAL D 150 -11.36 43.69 -6.79
CA VAL D 150 -10.61 42.98 -5.75
C VAL D 150 -9.13 43.20 -5.94
N ASP D 151 -8.36 42.96 -4.87
CA ASP D 151 -6.90 43.08 -4.95
C ASP D 151 -6.24 41.76 -5.26
N ALA D 152 -6.99 40.68 -5.10
CA ALA D 152 -6.44 39.37 -5.33
C ALA D 152 -7.53 38.34 -5.57
N ILE D 153 -7.12 37.27 -6.22
CA ILE D 153 -7.99 36.14 -6.51
C ILE D 153 -7.31 34.87 -6.02
N VAL D 154 -8.07 34.02 -5.34
CA VAL D 154 -7.61 32.71 -5.06
C VAL D 154 -8.59 31.70 -5.70
N SER D 155 -8.04 30.63 -6.23
CA SER D 155 -8.88 29.59 -6.77
C SER D 155 -8.07 28.29 -6.86
N GLU D 156 -8.76 27.22 -6.49
CA GLU D 156 -8.32 25.91 -6.80
C GLU D 156 -9.26 25.41 -7.86
N TRP D 157 -8.76 25.52 -9.06
CA TRP D 157 -9.52 25.34 -10.30
C TRP D 157 -9.05 24.16 -11.09
N MET D 158 -8.13 23.36 -10.55
CA MET D 158 -7.44 22.38 -11.37
C MET D 158 -8.18 21.06 -11.41
N GLY D 159 -8.47 20.60 -12.64
CA GLY D 159 -9.11 19.29 -12.84
C GLY D 159 -8.04 18.25 -13.10
N TYR D 160 -8.47 17.01 -13.28
CA TYR D 160 -7.59 15.96 -13.73
C TYR D 160 -6.96 16.46 -15.01
N GLY D 161 -5.71 16.08 -15.24
CA GLY D 161 -4.92 16.57 -16.36
C GLY D 161 -4.94 18.07 -16.44
N LEU D 162 -4.95 18.72 -15.29
CA LEU D 162 -5.01 20.19 -15.22
C LEU D 162 -6.29 20.82 -15.72
N LEU D 163 -6.66 20.53 -16.96
CA LEU D 163 -7.73 21.33 -17.63
C LEU D 163 -9.11 20.71 -17.76
N HIS D 164 -9.26 19.42 -17.40
CA HIS D 164 -10.57 18.81 -17.35
C HIS D 164 -11.43 19.71 -16.37
N GLU D 165 -12.71 19.93 -16.75
CA GLU D 165 -13.64 20.86 -16.12
C GLU D 165 -13.73 22.23 -16.74
N SER D 166 -12.66 22.69 -17.41
CA SER D 166 -12.52 24.02 -17.94
C SER D 166 -12.77 25.13 -17.00
N MET D 167 -12.41 24.95 -15.72
CA MET D 167 -12.72 26.01 -14.76
C MET D 167 -11.78 27.19 -14.95
N LEU D 168 -10.61 26.99 -15.53
CA LEU D 168 -9.68 28.10 -15.71
C LEU D 168 -10.29 29.31 -16.44
N SER D 169 -11.12 29.10 -17.48
CA SER D 169 -11.86 30.19 -18.18
C SER D 169 -12.70 31.03 -17.26
N SER D 170 -13.31 30.36 -16.29
CA SER D 170 -14.05 31.07 -15.28
C SER D 170 -13.13 31.96 -14.42
N VAL D 171 -12.02 31.42 -13.90
CA VAL D 171 -10.99 32.23 -13.16
C VAL D 171 -10.45 33.36 -14.04
N LEU D 172 -10.20 33.13 -15.33
CA LEU D 172 -9.77 34.19 -16.19
C LEU D 172 -10.80 35.22 -16.49
N HIS D 173 -12.05 34.81 -16.81
CA HIS D 173 -13.20 35.75 -16.86
C HIS D 173 -13.24 36.62 -15.62
N ALA D 174 -12.98 36.02 -14.45
CA ALA D 174 -13.03 36.78 -13.22
C ALA D 174 -11.84 37.64 -13.08
N ARG D 175 -10.64 37.22 -13.47
CA ARG D 175 -9.44 38.14 -13.53
C ARG D 175 -9.76 39.42 -14.31
N THR D 176 -10.24 39.24 -15.51
CA THR D 176 -10.46 40.38 -16.41
C THR D 176 -11.59 41.27 -15.85
N LYS D 177 -12.66 40.67 -15.36
CA LYS D 177 -13.79 41.47 -14.89
C LYS D 177 -13.65 42.09 -13.49
N TRP D 178 -12.93 41.46 -12.56
CA TRP D 178 -12.92 41.96 -11.15
C TRP D 178 -11.56 42.36 -10.59
N LEU D 179 -10.47 41.74 -11.05
CA LEU D 179 -9.19 42.03 -10.47
C LEU D 179 -8.58 43.35 -10.94
N LYS D 180 -8.09 44.11 -9.98
CA LYS D 180 -7.48 45.40 -10.24
C LYS D 180 -6.10 45.25 -10.84
N GLU D 181 -5.75 46.28 -11.58
CA GLU D 181 -4.47 46.45 -12.21
C GLU D 181 -3.34 46.02 -11.28
N GLY D 182 -2.56 45.06 -11.73
CA GLY D 182 -1.45 44.52 -10.94
C GLY D 182 -1.89 43.80 -9.65
N GLY D 183 -3.11 43.20 -9.69
CA GLY D 183 -3.66 42.45 -8.55
C GLY D 183 -3.00 41.11 -8.49
N LEU D 184 -3.10 40.42 -7.37
CA LEU D 184 -2.46 39.12 -7.19
C LEU D 184 -3.32 37.94 -7.50
N LEU D 185 -2.73 36.93 -8.12
CA LEU D 185 -3.39 35.71 -8.54
C LEU D 185 -2.77 34.55 -7.78
N LEU D 186 -3.58 33.70 -7.14
CA LEU D 186 -3.05 32.58 -6.42
C LEU D 186 -3.79 31.38 -6.83
N PRO D 187 -3.11 30.35 -7.38
CA PRO D 187 -1.71 30.39 -7.87
C PRO D 187 -1.55 31.29 -9.11
N ALA D 188 -0.30 31.57 -9.52
CA ALA D 188 -0.02 32.51 -10.61
C ALA D 188 0.29 31.84 -11.94
N SER D 189 0.69 30.57 -11.87
CA SER D 189 1.10 29.89 -13.10
C SER D 189 0.90 28.37 -12.99
N ALA D 190 0.95 27.73 -14.14
CA ALA D 190 0.84 26.27 -14.18
C ALA D 190 1.77 25.68 -15.29
N GLU D 191 2.23 24.44 -15.09
CA GLU D 191 3.15 23.83 -16.00
C GLU D 191 2.64 22.42 -16.14
N LEU D 192 2.86 21.84 -17.32
CA LEU D 192 2.40 20.57 -17.69
C LEU D 192 3.57 19.80 -18.15
N PHE D 193 3.54 18.51 -17.84
CA PHE D 193 4.69 17.62 -18.04
C PHE D 193 4.24 16.27 -18.65
N ILE D 194 5.09 15.56 -19.38
CA ILE D 194 4.80 14.23 -19.98
C ILE D 194 6.00 13.31 -19.88
N VAL D 195 5.73 12.01 -19.72
CA VAL D 195 6.85 11.04 -19.78
C VAL D 195 6.26 9.75 -20.26
N PRO D 196 7.01 8.99 -21.03
CA PRO D 196 6.62 7.62 -21.29
C PRO D 196 6.59 6.75 -20.04
N ILE D 197 5.68 5.76 -20.08
CA ILE D 197 5.56 4.92 -18.94
C ILE D 197 5.53 3.47 -19.30
N SER D 198 5.95 2.68 -18.32
CA SER D 198 5.72 1.25 -18.30
C SER D 198 4.99 1.03 -16.99
N ASP D 199 3.66 1.17 -17.05
CA ASP D 199 2.69 0.92 -15.99
C ASP D 199 2.74 -0.49 -15.39
N GLN D 200 3.30 -0.61 -14.19
CA GLN D 200 3.50 -1.92 -13.63
C GLN D 200 2.22 -2.70 -13.26
N MET D 201 1.26 -1.96 -12.71
CA MET D 201 -0.09 -2.45 -12.46
C MET D 201 -0.71 -3.04 -13.76
N LEU D 202 -0.60 -2.29 -14.87
CA LEU D 202 -1.26 -2.73 -16.12
C LEU D 202 -0.53 -3.97 -16.56
N GLU D 203 0.80 -3.94 -16.41
CA GLU D 203 1.56 -5.13 -16.78
C GLU D 203 1.10 -6.36 -16.02
N TRP D 204 0.94 -6.23 -14.71
CA TRP D 204 0.40 -7.31 -13.90
C TRP D 204 -0.99 -7.78 -14.41
N ARG D 205 -1.90 -6.85 -14.67
CA ARG D 205 -3.27 -7.16 -15.17
C ARG D 205 -3.32 -7.88 -16.50
N LEU D 206 -2.53 -7.41 -17.48
CA LEU D 206 -2.33 -8.19 -18.75
C LEU D 206 -1.72 -9.60 -18.57
N GLY D 207 -0.78 -9.71 -17.62
CA GLY D 207 -0.16 -11.02 -17.31
C GLY D 207 -1.04 -12.03 -16.59
N PHE D 208 -1.97 -11.53 -15.82
CA PHE D 208 -2.98 -12.32 -15.11
C PHE D 208 -3.50 -13.60 -15.78
N TRP D 209 -3.87 -13.48 -17.05
CA TRP D 209 -4.41 -14.59 -17.88
C TRP D 209 -3.45 -15.75 -18.02
N SER D 210 -2.15 -15.45 -18.00
CA SER D 210 -1.15 -16.50 -18.10
C SER D 210 -1.00 -17.16 -16.78
N GLN D 211 -1.26 -16.46 -15.69
CA GLN D 211 -1.35 -17.17 -14.36
C GLN D 211 -2.54 -18.05 -14.02
N VAL D 212 -3.60 -17.97 -14.78
CA VAL D 212 -4.85 -18.71 -14.42
C VAL D 212 -4.58 -20.21 -14.31
N LYS D 213 -3.67 -20.71 -15.20
CA LYS D 213 -3.36 -22.13 -15.28
C LYS D 213 -2.86 -22.74 -13.99
N GLN D 214 -2.03 -22.00 -13.29
CA GLN D 214 -1.43 -22.59 -12.13
C GLN D 214 -2.32 -22.55 -10.93
N HIS D 215 -3.17 -21.53 -10.76
CA HIS D 215 -4.19 -21.59 -9.68
C HIS D 215 -5.33 -22.55 -9.97
N TYR D 216 -5.87 -22.54 -11.19
CA TYR D 216 -7.13 -23.30 -11.42
C TYR D 216 -7.02 -24.49 -12.37
N GLY D 217 -5.93 -24.60 -13.11
CA GLY D 217 -5.72 -25.73 -14.03
C GLY D 217 -6.44 -25.51 -15.34
N VAL D 218 -6.63 -24.24 -15.74
CA VAL D 218 -7.23 -23.91 -17.03
C VAL D 218 -6.39 -22.85 -17.67
N ASP D 219 -5.90 -23.13 -18.88
CA ASP D 219 -5.03 -22.20 -19.57
C ASP D 219 -5.81 -21.04 -20.21
N MET D 220 -5.61 -19.83 -19.74
CA MET D 220 -6.32 -18.72 -20.31
C MET D 220 -5.37 -17.72 -20.87
N SER D 221 -4.10 -18.13 -21.12
CA SER D 221 -3.07 -17.24 -21.67
C SER D 221 -3.46 -16.63 -23.01
N CYS D 222 -4.26 -17.32 -23.80
CA CYS D 222 -4.84 -16.79 -25.06
C CYS D 222 -5.69 -15.57 -24.94
N LEU D 223 -6.08 -15.14 -23.74
CA LEU D 223 -6.84 -13.91 -23.65
C LEU D 223 -6.01 -12.66 -23.51
N GLU D 224 -4.68 -12.74 -23.60
CA GLU D 224 -3.91 -11.56 -23.43
C GLU D 224 -4.27 -10.51 -24.42
N GLY D 225 -4.42 -10.85 -25.70
CA GLY D 225 -4.75 -9.83 -26.74
C GLY D 225 -6.05 -9.12 -26.41
N PHE D 226 -7.09 -9.92 -26.11
CA PHE D 226 -8.38 -9.37 -25.66
C PHE D 226 -8.24 -8.39 -24.50
N ALA D 227 -7.48 -8.80 -23.48
CA ALA D 227 -7.24 -7.98 -22.33
C ALA D 227 -6.55 -6.73 -22.77
N THR D 228 -5.55 -6.84 -23.66
CA THR D 228 -4.90 -5.61 -24.21
C THR D 228 -5.84 -4.69 -24.97
N ARG D 229 -6.72 -5.24 -25.83
CA ARG D 229 -7.71 -4.42 -26.55
C ARG D 229 -8.60 -3.68 -25.57
N CYS D 230 -9.08 -4.40 -24.53
CA CYS D 230 -9.93 -3.78 -23.52
C CYS D 230 -9.20 -2.71 -22.75
N LEU D 231 -8.03 -3.05 -22.24
CA LEU D 231 -7.39 -2.13 -21.30
C LEU D 231 -6.54 -1.08 -21.95
N MET D 232 -6.09 -1.25 -23.20
CA MET D 232 -5.26 -0.22 -23.83
C MET D 232 -5.85 0.38 -25.09
N GLY D 233 -6.55 -0.43 -25.89
CA GLY D 233 -7.07 0.04 -27.16
C GLY D 233 -8.34 0.90 -27.14
N HIS D 234 -8.81 1.42 -26.00
CA HIS D 234 -9.90 2.42 -25.93
C HIS D 234 -9.30 3.82 -26.12
N SER D 235 -10.13 4.87 -26.14
CA SER D 235 -9.67 6.26 -26.27
C SER D 235 -9.96 7.20 -25.10
N GLU D 236 -9.87 6.67 -23.89
CA GLU D 236 -10.12 7.40 -22.62
C GLU D 236 -8.84 7.76 -21.93
N ILE D 237 -8.83 8.93 -21.33
CA ILE D 237 -7.79 9.36 -20.46
C ILE D 237 -8.06 8.64 -19.11
N VAL D 238 -7.04 7.94 -18.61
CA VAL D 238 -7.20 7.07 -17.43
C VAL D 238 -6.44 7.75 -16.31
N VAL D 239 -7.14 7.99 -15.20
CA VAL D 239 -6.57 8.64 -14.02
C VAL D 239 -6.14 7.52 -13.05
N GLN D 240 -4.86 7.52 -12.67
CA GLN D 240 -4.20 6.46 -11.93
C GLN D 240 -2.94 7.05 -11.27
N GLY D 241 -2.53 6.47 -10.12
CA GLY D 241 -1.41 6.93 -9.28
C GLY D 241 -0.25 6.06 -9.70
N LEU D 242 0.82 6.68 -10.17
CA LEU D 242 2.06 6.01 -10.57
C LEU D 242 3.13 6.38 -9.54
N SER D 243 4.23 5.66 -9.60
CA SER D 243 5.48 6.06 -8.96
C SER D 243 6.67 6.02 -9.88
N GLY D 244 7.86 6.32 -9.32
CA GLY D 244 9.13 6.32 -10.03
C GLY D 244 9.29 5.10 -10.88
N GLU D 245 8.92 3.93 -10.36
CA GLU D 245 9.18 2.72 -11.10
C GLU D 245 8.34 2.54 -12.37
N ASP D 246 7.34 3.41 -12.60
CA ASP D 246 6.61 3.39 -13.87
C ASP D 246 7.23 4.31 -14.96
N VAL D 247 8.24 5.09 -14.60
CA VAL D 247 8.69 6.17 -15.43
C VAL D 247 9.89 5.72 -16.31
N LEU D 248 9.78 5.83 -17.62
CA LEU D 248 10.79 5.33 -18.52
C LEU D 248 11.85 6.36 -18.98
N ALA D 249 11.70 7.64 -18.65
CA ALA D 249 12.64 8.60 -19.04
C ALA D 249 12.55 9.82 -18.18
N ARG D 250 13.40 10.81 -18.51
CA ARG D 250 13.28 12.19 -17.96
C ARG D 250 11.99 12.84 -18.39
N PRO D 251 11.24 13.36 -17.41
CA PRO D 251 10.03 14.03 -17.69
C PRO D 251 10.27 15.33 -18.40
N GLN D 252 9.42 15.66 -19.34
CA GLN D 252 9.51 16.89 -20.15
C GLN D 252 8.30 17.81 -19.93
N ARG D 253 8.59 19.08 -19.59
CA ARG D 253 7.59 20.12 -19.64
C ARG D 253 7.18 20.43 -21.10
N PHE D 254 5.89 20.39 -21.40
CA PHE D 254 5.39 20.71 -22.77
C PHE D 254 4.49 21.91 -22.84
N ALA D 255 4.13 22.51 -21.74
CA ALA D 255 3.56 23.85 -21.82
C ALA D 255 3.74 24.58 -20.51
N GLN D 256 3.50 25.86 -20.55
CA GLN D 256 3.54 26.69 -19.39
C GLN D 256 2.49 27.73 -19.57
N LEU D 257 1.64 27.87 -18.56
CA LEU D 257 0.51 28.82 -18.53
C LEU D 257 0.76 29.90 -17.49
N GLU D 258 1.00 31.09 -17.97
CA GLU D 258 1.23 32.27 -17.16
C GLU D 258 -0.13 32.98 -17.05
N LEU D 259 -0.77 32.90 -15.92
CA LEU D 259 -2.18 33.26 -15.85
C LEU D 259 -2.50 34.72 -16.15
N SER D 260 -1.51 35.59 -15.91
CA SER D 260 -1.62 36.97 -16.33
C SER D 260 -1.53 37.20 -17.88
N ARG D 261 -1.23 36.16 -18.66
CA ARG D 261 -0.92 36.38 -20.11
C ARG D 261 -2.17 36.69 -20.94
N ALA D 262 -2.07 37.84 -21.61
CA ALA D 262 -3.04 38.39 -22.57
C ALA D 262 -3.97 37.36 -23.21
N GLY D 263 -3.43 36.56 -24.14
CA GLY D 263 -4.29 35.73 -25.00
C GLY D 263 -4.77 34.41 -24.43
N LEU D 264 -4.55 34.19 -23.13
CA LEU D 264 -4.60 32.83 -22.60
C LEU D 264 -5.98 32.14 -22.74
N GLU D 265 -7.06 32.92 -22.60
CA GLU D 265 -8.47 32.52 -22.85
C GLU D 265 -8.69 31.88 -24.22
N GLN D 266 -8.30 32.60 -25.25
CA GLN D 266 -8.38 32.14 -26.62
C GLN D 266 -7.57 30.91 -26.78
N GLU D 267 -6.35 30.88 -26.21
CA GLU D 267 -5.47 29.69 -26.34
C GLU D 267 -6.04 28.40 -25.78
N LEU D 268 -6.69 28.50 -24.62
CA LEU D 268 -7.33 27.34 -24.01
C LEU D 268 -8.38 26.77 -24.99
N GLU D 269 -9.10 27.63 -25.65
CA GLU D 269 -10.15 27.13 -26.50
C GLU D 269 -9.52 26.50 -27.74
N ALA D 270 -8.56 27.21 -28.39
CA ALA D 270 -7.78 26.63 -29.51
C ALA D 270 -6.94 25.37 -29.07
N GLY D 271 -6.44 25.30 -27.86
CA GLY D 271 -5.62 24.16 -27.49
C GLY D 271 -4.26 24.62 -26.97
N VAL D 272 -3.89 24.12 -25.81
CA VAL D 272 -2.58 24.28 -25.29
C VAL D 272 -1.81 22.98 -25.40
N GLY D 273 -0.51 23.13 -25.63
CA GLY D 273 0.40 22.00 -25.59
C GLY D 273 1.69 22.37 -26.26
N GLY D 274 2.39 21.40 -26.84
CA GLY D 274 3.73 21.58 -27.39
C GLY D 274 4.38 20.23 -27.74
N ARG D 275 5.51 20.33 -28.40
CA ARG D 275 6.33 19.18 -28.76
C ARG D 275 7.16 18.66 -27.57
N PHE D 276 7.62 17.45 -27.67
CA PHE D 276 8.47 16.88 -26.64
C PHE D 276 9.34 15.80 -27.25
N ARG D 277 10.44 15.58 -26.55
CA ARG D 277 11.32 14.45 -26.81
C ARG D 277 12.11 13.99 -25.54
N CYS D 278 12.37 12.70 -25.51
CA CYS D 278 13.22 12.12 -24.50
C CYS D 278 13.79 10.80 -24.96
N SER D 279 14.77 10.33 -24.18
CA SER D 279 15.39 9.04 -24.36
C SER D 279 15.11 8.09 -23.19
N CYS D 280 14.72 6.87 -23.58
CA CYS D 280 14.37 5.85 -22.64
C CYS D 280 15.61 5.42 -21.81
N TYR D 281 15.34 5.01 -20.59
CA TYR D 281 16.35 4.62 -19.60
C TYR D 281 16.88 3.25 -19.82
N GLY D 282 16.01 2.36 -20.30
CA GLY D 282 16.39 0.96 -20.59
C GLY D 282 15.22 0.15 -21.13
N SER D 283 15.33 -1.17 -21.03
CA SER D 283 14.38 -2.11 -21.62
C SER D 283 13.12 -2.24 -20.83
N ALA D 284 12.04 -2.22 -21.61
CA ALA D 284 10.69 -2.16 -21.02
C ALA D 284 9.59 -2.19 -22.05
N PRO D 285 8.46 -2.78 -21.67
CA PRO D 285 7.28 -2.60 -22.52
C PRO D 285 6.68 -1.22 -22.20
N MET D 286 6.70 -0.34 -23.18
CA MET D 286 6.16 0.99 -23.01
C MET D 286 4.66 0.83 -23.29
N HIS D 287 3.82 1.36 -22.38
CA HIS D 287 2.32 1.35 -22.47
C HIS D 287 1.73 2.66 -22.93
N GLY D 288 2.47 3.75 -22.83
CA GLY D 288 2.03 5.07 -23.31
C GLY D 288 2.73 6.15 -22.48
N PHE D 289 1.96 7.15 -22.09
CA PHE D 289 2.50 8.30 -21.39
C PHE D 289 1.60 8.60 -20.20
N ALA D 290 2.17 9.33 -19.24
CA ALA D 290 1.51 10.00 -18.19
C ALA D 290 1.78 11.49 -18.37
N ILE D 291 0.74 12.30 -18.10
CA ILE D 291 0.91 13.74 -17.90
C ILE D 291 0.47 14.14 -16.49
N TRP D 292 0.99 15.26 -16.03
CA TRP D 292 0.66 15.78 -14.73
C TRP D 292 1.01 17.25 -14.79
N PHE D 293 0.78 17.98 -13.71
CA PHE D 293 1.01 19.41 -13.70
C PHE D 293 1.58 19.86 -12.38
N GLN D 294 2.01 21.12 -12.30
CA GLN D 294 2.20 21.81 -11.01
C GLN D 294 1.67 23.20 -11.20
N VAL D 295 1.32 23.83 -10.07
CA VAL D 295 1.08 25.29 -10.03
C VAL D 295 2.02 25.94 -9.03
N THR D 296 2.17 27.23 -9.20
CA THR D 296 3.12 27.95 -8.43
C THR D 296 2.51 29.18 -7.86
N PHE D 297 2.70 29.34 -6.53
CA PHE D 297 2.35 30.56 -5.83
C PHE D 297 3.62 31.42 -5.73
N PRO D 298 3.45 32.74 -5.87
CA PRO D 298 4.58 33.64 -5.60
C PRO D 298 4.96 33.64 -4.13
N GLY D 299 6.19 34.07 -3.80
CA GLY D 299 6.74 34.10 -2.41
C GLY D 299 6.59 35.32 -1.49
N GLY D 300 6.90 35.08 -0.21
CA GLY D 300 7.18 36.07 0.83
C GLY D 300 7.87 35.38 2.00
N PRO D 305 8.64 31.06 -2.86
CA PRO D 305 8.28 30.49 -4.23
C PRO D 305 7.71 29.06 -4.12
N LEU D 306 6.41 28.92 -3.83
CA LEU D 306 5.81 27.61 -3.43
C LEU D 306 5.08 26.89 -4.57
N VAL D 307 5.47 25.64 -4.80
CA VAL D 307 5.06 24.77 -5.86
C VAL D 307 4.19 23.65 -5.32
N LEU D 308 2.98 23.53 -5.90
CA LEU D 308 2.14 22.37 -5.69
C LEU D 308 2.22 21.42 -6.91
N SER D 309 2.77 20.24 -6.68
CA SER D 309 3.17 19.33 -7.71
C SER D 309 2.29 18.14 -7.66
N THR D 310 1.95 17.60 -8.83
CA THR D 310 1.24 16.30 -8.85
C THR D 310 2.07 15.21 -9.54
N SER D 311 3.37 15.40 -9.52
CA SER D 311 4.28 14.41 -10.09
C SER D 311 4.28 13.03 -9.39
N PRO D 312 4.50 11.96 -10.15
CA PRO D 312 4.67 10.64 -9.47
C PRO D 312 5.98 10.49 -8.70
N PHE D 313 6.90 11.44 -8.76
CA PHE D 313 8.10 11.39 -7.97
C PHE D 313 7.91 12.11 -6.69
N HIS D 314 6.80 12.87 -6.59
CA HIS D 314 6.48 13.70 -5.39
C HIS D 314 5.33 13.08 -4.58
N PRO D 315 5.13 13.58 -3.33
CA PRO D 315 4.03 13.04 -2.52
C PRO D 315 2.63 13.07 -3.29
N ALA D 316 1.86 11.98 -3.13
CA ALA D 316 0.62 11.69 -3.78
C ALA D 316 -0.43 12.78 -3.48
N THR D 317 -1.25 13.08 -4.50
CA THR D 317 -2.40 13.96 -4.37
C THR D 317 -3.59 13.22 -4.93
N HIS D 318 -4.80 13.68 -4.61
CA HIS D 318 -6.02 13.14 -5.16
C HIS D 318 -6.09 13.27 -6.77
N TRP D 319 -5.20 14.10 -7.39
CA TRP D 319 -5.20 14.29 -8.84
C TRP D 319 -4.52 13.09 -9.49
N LYS D 320 -3.68 12.43 -8.73
CA LYS D 320 -2.89 11.34 -9.31
C LYS D 320 -2.15 11.84 -10.57
N GLN D 321 -2.06 11.03 -11.61
CA GLN D 321 -1.71 11.38 -12.95
C GLN D 321 -2.72 10.89 -14.02
N ALA D 322 -2.69 11.56 -15.16
CA ALA D 322 -3.54 11.24 -16.29
C ALA D 322 -2.76 10.35 -17.31
N LEU D 323 -3.24 9.12 -17.55
CA LEU D 323 -2.54 8.23 -18.49
C LEU D 323 -3.17 8.16 -19.94
N LEU D 324 -2.28 8.14 -20.92
CA LEU D 324 -2.58 8.09 -22.33
C LEU D 324 -1.95 6.78 -22.80
N TYR D 325 -2.75 5.73 -22.87
CA TYR D 325 -2.23 4.46 -23.27
C TYR D 325 -2.22 4.35 -24.77
N LEU D 326 -1.15 3.77 -25.29
CA LEU D 326 -1.09 3.34 -26.71
C LEU D 326 -2.04 2.17 -26.89
N ASN D 327 -2.31 1.79 -28.14
CA ASN D 327 -3.24 0.70 -28.35
C ASN D 327 -2.75 -0.66 -27.88
N GLU D 328 -1.43 -0.84 -27.90
CA GLU D 328 -0.74 -2.03 -27.49
C GLU D 328 0.65 -1.61 -26.96
N PRO D 329 1.31 -2.47 -26.15
CA PRO D 329 2.68 -2.17 -25.64
C PRO D 329 3.68 -2.08 -26.76
N VAL D 330 4.68 -1.24 -26.66
CA VAL D 330 5.79 -1.30 -27.61
C VAL D 330 7.06 -1.59 -26.88
N GLN D 331 7.86 -2.56 -27.33
CA GLN D 331 9.17 -2.80 -26.64
C GLN D 331 10.18 -1.67 -26.82
N VAL D 332 10.66 -1.06 -25.75
CA VAL D 332 11.79 -0.07 -25.86
C VAL D 332 13.10 -0.53 -25.19
N GLU D 333 14.20 0.17 -25.50
CA GLU D 333 15.55 -0.18 -25.02
C GLU D 333 16.22 1.13 -24.45
N GLN D 334 17.38 0.99 -23.82
CA GLN D 334 18.12 2.17 -23.40
C GLN D 334 18.38 3.07 -24.60
N ASP D 335 18.17 4.35 -24.43
CA ASP D 335 18.32 5.32 -25.53
C ASP D 335 17.27 5.30 -26.67
N THR D 336 16.17 4.55 -26.49
CA THR D 336 15.09 4.57 -27.49
C THR D 336 14.49 5.99 -27.54
N ASP D 337 14.53 6.62 -28.70
CA ASP D 337 13.91 7.93 -28.83
C ASP D 337 12.38 7.85 -28.83
N VAL D 338 11.79 8.71 -28.03
CA VAL D 338 10.33 8.81 -28.00
C VAL D 338 10.10 10.26 -28.03
N SER D 339 9.36 10.73 -29.04
CA SER D 339 9.03 12.15 -29.25
C SER D 339 7.58 12.36 -29.76
N GLY D 340 7.12 13.58 -29.77
CA GLY D 340 5.84 13.79 -30.31
C GLY D 340 5.36 15.18 -30.07
N GLU D 341 4.05 15.32 -30.11
CA GLU D 341 3.42 16.55 -29.82
C GLU D 341 2.05 16.21 -29.19
N ILE D 342 1.67 17.07 -28.24
CA ILE D 342 0.48 16.90 -27.44
C ILE D 342 -0.31 18.24 -27.35
N THR D 343 -1.65 18.15 -27.47
CA THR D 343 -2.54 19.32 -27.37
C THR D 343 -3.67 18.91 -26.43
N LEU D 344 -3.88 19.73 -25.42
CA LEU D 344 -5.01 19.67 -24.53
C LEU D 344 -6.00 20.77 -24.96
N LEU D 345 -7.24 20.34 -25.22
CA LEU D 345 -8.33 21.17 -25.67
C LEU D 345 -9.72 20.63 -25.22
N PRO D 346 -10.76 21.47 -25.29
CA PRO D 346 -12.15 21.04 -25.07
C PRO D 346 -12.63 19.94 -25.99
N SER D 347 -13.38 18.93 -25.47
CA SER D 347 -14.16 17.99 -26.30
C SER D 347 -15.08 18.75 -27.18
N ARG D 348 -15.41 18.18 -28.32
CA ARG D 348 -16.43 18.86 -29.18
C ARG D 348 -17.87 18.90 -28.52
N ASP D 349 -18.31 17.77 -27.94
CA ASP D 349 -19.71 17.64 -27.47
C ASP D 349 -19.93 18.28 -26.10
N ASN D 350 -18.85 18.34 -25.35
CA ASN D 350 -18.84 18.95 -24.02
C ASN D 350 -17.59 19.81 -23.75
N PRO D 351 -17.71 21.11 -23.79
CA PRO D 351 -16.60 21.99 -23.53
C PRO D 351 -15.93 21.91 -22.15
N ARG D 352 -16.48 21.18 -21.17
CA ARG D 352 -15.87 21.04 -19.86
C ARG D 352 -15.09 19.73 -19.85
N ARG D 353 -15.28 18.90 -20.86
CA ARG D 353 -14.56 17.63 -20.93
C ARG D 353 -13.18 17.71 -21.66
N LEU D 354 -12.14 17.21 -21.05
CA LEU D 354 -10.76 17.27 -21.61
C LEU D 354 -10.57 16.29 -22.76
N ARG D 355 -10.07 16.84 -23.86
CA ARG D 355 -9.61 16.06 -24.99
C ARG D 355 -8.09 16.23 -25.10
N VAL D 356 -7.38 15.18 -25.51
CA VAL D 356 -5.92 15.25 -25.80
C VAL D 356 -5.69 14.71 -27.18
N LEU D 357 -5.12 15.52 -28.06
CA LEU D 357 -4.58 15.07 -29.31
C LEU D 357 -3.08 14.80 -29.17
N LEU D 358 -2.70 13.59 -29.54
CA LEU D 358 -1.36 13.09 -29.34
C LEU D 358 -0.91 12.50 -30.62
N ARG D 359 0.25 12.99 -31.03
CA ARG D 359 0.97 12.50 -32.16
C ARG D 359 2.27 11.96 -31.48
N TYR D 360 2.74 10.77 -31.83
CA TYR D 360 3.97 10.24 -31.20
C TYR D 360 4.78 9.21 -32.07
N LYS D 361 6.04 9.08 -31.71
CA LYS D 361 6.98 8.18 -32.39
C LYS D 361 7.89 7.46 -31.39
N VAL D 362 7.99 6.14 -31.56
CA VAL D 362 8.80 5.27 -30.70
C VAL D 362 9.82 4.58 -31.55
N GLY D 363 11.05 5.07 -31.45
CA GLY D 363 12.13 4.37 -32.09
C GLY D 363 12.03 4.47 -33.59
N ASP D 364 12.21 3.30 -34.22
CA ASP D 364 12.03 3.12 -35.67
C ASP D 364 10.58 2.85 -36.08
N GLN D 365 9.64 2.83 -35.15
CA GLN D 365 8.24 2.75 -35.55
C GLN D 365 7.80 4.08 -36.21
N GLU D 366 6.90 3.97 -37.19
CA GLU D 366 6.32 5.14 -37.87
C GLU D 366 5.49 5.96 -36.89
N GLU D 367 5.43 7.26 -37.15
CA GLU D 367 4.64 8.17 -36.37
C GLU D 367 3.17 7.69 -36.33
N LYS D 368 2.55 7.85 -35.18
CA LYS D 368 1.18 7.43 -35.00
C LYS D 368 0.48 8.48 -34.22
N THR D 369 -0.81 8.33 -34.13
CA THR D 369 -1.67 9.41 -33.72
C THR D 369 -2.72 8.80 -32.84
N LYS D 370 -3.07 9.43 -31.75
CA LYS D 370 -4.19 8.94 -30.97
C LYS D 370 -4.92 10.09 -30.30
N ASP D 371 -6.24 9.92 -30.23
CA ASP D 371 -7.13 10.97 -29.79
C ASP D 371 -7.90 10.45 -28.57
N PHE D 372 -7.83 11.17 -27.45
CA PHE D 372 -8.32 10.68 -26.20
C PHE D 372 -9.36 11.63 -25.59
N ALA D 373 -10.33 11.12 -24.85
CA ALA D 373 -11.16 12.00 -24.04
C ALA D 373 -11.24 11.52 -22.58
N MET D 374 -11.40 12.46 -21.69
CA MET D 374 -11.48 12.16 -20.28
C MET D 374 -12.64 11.19 -19.90
N GLU D 375 -12.24 10.10 -19.24
CA GLU D 375 -13.16 9.11 -18.72
C GLU D 375 -14.22 9.78 -17.86
N ASP D 376 -15.41 9.20 -17.91
CA ASP D 376 -16.52 9.44 -16.94
C ASP D 376 -16.33 8.49 -15.76
N SAH E . -19.51 -18.36 -15.71
CA SAH E . -18.59 -17.19 -15.67
CB SAH E . -19.36 -15.88 -15.69
CG SAH E . -20.38 -15.71 -14.53
SD SAH E . -20.99 -14.06 -14.55
C SAH E . -17.66 -17.26 -14.49
O SAH E . -16.67 -16.52 -14.38
OXT SAH E . -17.92 -18.07 -13.58
C5' SAH E . -22.61 -14.27 -15.28
C4' SAH E . -22.61 -14.44 -16.80
O4' SAH E . -23.90 -14.81 -17.30
C3' SAH E . -22.28 -13.16 -17.57
O3' SAH E . -21.25 -13.48 -18.53
C2' SAH E . -23.57 -12.71 -18.21
O2' SAH E . -23.35 -12.05 -19.44
C1' SAH E . -24.27 -14.04 -18.44
N9 SAH E . -25.75 -14.05 -18.58
C8 SAH E . -26.64 -13.37 -17.84
N7 SAH E . -27.90 -13.67 -18.19
C5 SAH E . -27.82 -14.55 -19.20
C6 SAH E . -28.79 -15.31 -20.05
N6 SAH E . -30.11 -15.16 -19.91
N1 SAH E . -28.28 -16.18 -20.96
C2 SAH E . -26.95 -16.36 -21.11
N3 SAH E . -26.03 -15.70 -20.37
C4 SAH E . -26.40 -14.82 -19.43
C4 5NR F . -20.69 -6.31 -14.49
C14 5NR F . -20.99 -12.06 -10.31
C5 5NR F . -19.90 -5.16 -14.33
C6 5NR F . -19.68 -4.67 -13.07
C7 5NR F . -21.62 -7.16 -10.91
C8 5NR F . -20.49 -7.74 -10.09
C9 5NR F . -19.63 -8.58 -11.05
C10 5NR F . -19.98 -10.04 -11.23
C12 5NR F . -21.61 -9.87 -9.38
C13 5NR F . -21.02 -8.57 -8.89
C3 5NR F . -21.25 -6.95 -13.42
C1 5NR F . -20.24 -5.33 -11.98
C2 5NR F . -21.04 -6.44 -12.15
N11 5NR F . -20.54 -10.66 -10.02
C15 5NR F . -22.17 -12.12 -11.24
N16 5NR F . -22.58 -13.52 -11.43
C4 5NR G . -34.94 -9.63 -7.29
C14 5NR G . -39.23 -15.08 -12.36
C5 5NR G . -35.64 -9.70 -6.08
C6 5NR G . -36.24 -10.87 -5.64
C7 5NR G . -35.27 -13.22 -8.57
C8 5NR G . -36.64 -13.76 -9.13
C9 5NR G . -36.39 -15.08 -9.88
C10 5NR G . -37.56 -15.53 -10.77
C12 5NR G . -38.48 -13.27 -10.96
C13 5NR G . -37.35 -12.71 -10.05
C3 5NR G . -34.82 -10.75 -8.10
C1 5NR G . -36.10 -12.00 -6.47
C2 5NR G . -35.40 -11.95 -7.68
N11 5NR G . -38.07 -14.48 -11.69
C15 5NR G . -39.27 -14.71 -13.84
N16 5NR G . -39.40 -13.25 -14.00
N SAH H . 8.10 12.14 24.69
CA SAH H . 8.72 11.91 23.32
CB SAH H . 9.54 10.64 23.27
CG SAH H . 8.77 9.36 23.60
SD SAH H . 9.77 7.92 23.42
C SAH H . 7.64 11.77 22.28
O SAH H . 7.87 11.89 21.08
OXT SAH H . 6.50 11.46 22.60
C5' SAH H . 10.35 7.52 25.06
C4' SAH H . 11.46 8.46 25.59
O4' SAH H . 11.73 8.24 26.97
C3' SAH H . 12.81 8.25 24.94
O3' SAH H . 13.26 9.54 24.52
C2' SAH H . 13.76 7.72 26.00
O2' SAH H . 15.11 8.18 25.86
C1' SAH H . 13.11 8.35 27.22
N9 SAH H . 13.35 7.65 28.48
C8 SAH H . 13.20 6.34 28.63
N7 SAH H . 13.44 6.05 29.93
C5 SAH H . 13.73 7.20 30.59
C6 SAH H . 14.06 7.56 31.99
N6 SAH H . 14.11 6.56 32.86
N1 SAH H . 14.30 8.83 32.31
C2 SAH H . 14.19 9.82 31.36
N3 SAH H . 13.88 9.54 30.08
C4 SAH H . 13.66 8.27 29.63
C4 5NR I . 14.48 3.27 19.59
C14 5NR I . 7.64 4.29 21.29
C5 5NR I . 15.03 2.87 18.38
C6 5NR I . 14.37 2.02 17.50
C7 5NR I . 11.15 1.43 19.49
C8 5NR I . 9.97 1.82 18.58
C9 5NR I . 9.85 3.32 18.40
C10 5NR I . 9.46 4.03 19.68
C12 5NR I . 8.19 2.07 20.44
C13 5NR I . 8.67 1.28 19.20
C3 5NR I . 13.20 2.81 19.95
C1 5NR I . 13.09 1.53 17.87
C2 5NR I . 12.51 1.95 19.09
N11 5NR I . 8.14 3.50 20.15
C15 5NR I . 8.43 4.16 22.60
N16 5NR I . 7.81 5.21 23.43
N SAH J . 23.63 -19.69 -5.94
CA SAH J . 22.44 -19.23 -5.13
CB SAH J . 22.93 -18.47 -3.89
CG SAH J . 23.78 -17.23 -4.22
SD SAH J . 24.12 -16.24 -2.78
C SAH J . 21.49 -18.39 -5.94
O SAH J . 21.86 -17.83 -6.99
OXT SAH J . 20.32 -18.18 -5.59
C5' SAH J . 25.79 -16.78 -2.41
C4' SAH J . 25.95 -18.18 -1.82
O4' SAH J . 27.33 -18.56 -1.73
C3' SAH J . 25.45 -18.31 -0.38
O3' SAH J . 24.63 -19.49 -0.32
C2' SAH J . 26.70 -18.45 0.46
O2' SAH J . 26.52 -19.24 1.64
C1' SAH J . 27.62 -19.20 -0.50
N9 SAH J . 29.09 -19.12 -0.31
C8 SAH J . 29.79 -18.00 -0.11
N7 SAH J . 31.11 -18.26 0.00
C5 SAH J . 31.28 -19.55 -0.20
C6 SAH J . 32.43 -20.46 -0.22
N6 SAH J . 33.63 -19.93 -0.02
N1 SAH J . 32.24 -21.78 -0.46
C2 SAH J . 31.01 -22.29 -0.64
N3 SAH J . 29.91 -21.48 -0.64
C4 SAH J . 29.96 -20.15 -0.42
C4 5NR K . 22.50 -12.58 3.75
C14 5NR K . 23.39 -11.69 -3.25
C5 5NR K . 21.52 -12.02 4.58
C6 5NR K . 21.06 -10.71 4.36
C7 5NR K . 23.14 -9.72 1.30
C8 5NR K . 22.10 -9.40 0.25
C9 5NR K . 21.41 -10.72 -0.16
C10 5NR K . 22.23 -11.64 -1.08
C12 5NR K . 23.64 -9.75 -1.72
C13 5NR K . 22.83 -8.74 -0.94
C3 5NR K . 23.01 -11.84 2.68
C1 5NR K . 21.58 -9.96 3.31
C2 5NR K . 22.55 -10.53 2.48
N11 5NR K . 22.77 -10.84 -2.22
C15 5NR K . 24.62 -12.38 -2.71
N16 5NR K . 25.33 -13.10 -3.77
C4 5NR L . 36.40 -5.80 -1.31
C14 5NR L . 42.21 -12.00 -2.77
C5 5NR L . 37.02 -4.75 -1.99
C6 5NR L . 37.79 -4.98 -3.13
C7 5NR L . 37.45 -8.81 -3.37
C8 5NR L . 38.96 -9.24 -3.38
C9 5NR L . 39.14 -10.44 -4.32
C10 5NR L . 40.51 -11.12 -4.15
C12 5NR L . 40.84 -10.21 -1.91
C13 5NR L . 39.45 -9.55 -1.94
C3 5NR L . 36.53 -7.10 -1.73
C1 5NR L . 37.89 -6.30 -3.56
C2 5NR L . 37.28 -7.37 -2.87
N11 5NR L . 40.85 -11.42 -2.75
C15 5NR L . 42.42 -13.09 -1.71
N16 5NR L . 42.36 -12.50 -0.36
N SAH M . -12.30 26.19 -2.92
CA SAH M . -12.85 24.85 -2.51
CB SAH M . -13.52 24.12 -3.69
CG SAH M . -12.55 23.68 -4.82
SD SAH M . -13.26 22.68 -6.14
C SAH M . -11.72 24.02 -1.89
O SAH M . -10.55 24.34 -2.14
OXT SAH M . -11.92 23.02 -1.17
C5' SAH M . -13.77 23.96 -7.26
C4' SAH M . -15.11 24.63 -6.91
O4' SAH M . -15.48 25.66 -7.83
C3' SAH M . -16.34 23.73 -6.87
O3' SAH M . -16.98 23.95 -5.60
C2' SAH M . -17.21 24.16 -8.05
O2' SAH M . -18.61 24.09 -7.86
C1' SAH M . -16.87 25.61 -8.15
N9 SAH M . -17.06 26.27 -9.47
C8 SAH M . -16.68 25.83 -10.68
N7 SAH M . -16.96 26.76 -11.61
C5 SAH M . -17.48 27.81 -10.99
C6 SAH M . -18.02 29.10 -11.39
N6 SAH M . -17.99 29.43 -12.71
N1 SAH M . -18.52 29.94 -10.44
C2 SAH M . -18.54 29.61 -9.13
N3 SAH M . -18.07 28.41 -8.69
C4 SAH M . -17.55 27.49 -9.57
C4 5NR N . -16.61 16.11 -8.61
C14 5NR N . -10.13 19.47 -7.80
C5 5NR N . -16.90 14.78 -8.26
C6 5NR N . -15.91 13.81 -8.42
C7 5NR N . -13.01 15.85 -9.91
C8 5NR N . -11.81 15.54 -8.93
C9 5NR N . -12.07 16.20 -7.56
C10 5NR N . -11.90 17.72 -7.60
C12 5NR N . -10.33 17.58 -9.41
C13 5NR N . -10.47 16.06 -9.50
C3 5NR N . -15.36 16.45 -9.15
C1 5NR N . -14.67 14.17 -8.96
C2 5NR N . -14.38 15.47 -9.34
N11 5NR N . -10.51 18.05 -8.04
C15 5NR N . -11.04 20.45 -8.56
N16 5NR N . -10.67 21.83 -8.32
#